data_2A05
#
_entry.id   2A05
#
_entity_poly.entity_id   1
_entity_poly.type   'polypeptide(L)'
_entity_poly.pdbx_seq_one_letter_code
;GSCASCPNNCENGLCTNSCDFEDLLSNCESLKTSAGCKHELLKTKCQATCLCEDKIH
;
_entity_poly.pdbx_strand_id   A
#
# COMPACT_ATOMS: atom_id res chain seq x y z
N GLY A 1 21.65 5.82 15.15
CA GLY A 1 20.66 6.39 16.10
C GLY A 1 19.25 5.99 15.69
N SER A 2 18.26 6.46 16.40
CA SER A 2 16.85 6.10 16.04
C SER A 2 16.50 6.74 14.70
N CYS A 3 15.45 6.27 14.07
CA CYS A 3 15.05 6.85 12.76
C CYS A 3 16.19 6.67 11.74
N ALA A 4 17.27 6.05 12.16
CA ALA A 4 18.41 5.85 11.22
C ALA A 4 17.97 4.95 10.06
N SER A 5 17.12 4.00 10.31
CA SER A 5 16.67 3.10 9.20
C SER A 5 15.46 3.72 8.50
N CYS A 6 14.83 4.69 9.10
CA CYS A 6 13.65 5.32 8.46
C CYS A 6 13.59 6.80 8.86
N PRO A 7 14.60 7.55 8.48
CA PRO A 7 14.67 9.01 8.81
C PRO A 7 13.49 9.80 8.24
N ASN A 8 12.86 9.29 7.22
CA ASN A 8 11.71 10.02 6.60
C ASN A 8 10.40 9.63 7.30
N ASN A 9 10.48 8.79 8.30
CA ASN A 9 9.23 8.38 9.01
C ASN A 9 9.55 8.04 10.47
N CYS A 10 9.20 8.91 11.37
CA CYS A 10 9.47 8.64 12.82
C CYS A 10 8.43 9.35 13.68
N GLU A 11 7.32 8.71 13.96
CA GLU A 11 6.28 9.36 14.79
C GLU A 11 6.85 9.66 16.17
N ASN A 12 7.68 8.77 16.67
CA ASN A 12 8.29 8.98 18.01
C ASN A 12 9.54 8.11 18.12
N GLY A 13 10.30 8.02 17.06
CA GLY A 13 11.53 7.19 17.07
C GLY A 13 11.20 5.83 16.42
N LEU A 14 9.95 5.60 16.12
CA LEU A 14 9.56 4.33 15.47
C LEU A 14 9.19 4.58 14.01
N CYS A 15 9.54 3.69 13.13
CA CYS A 15 9.19 3.89 11.69
C CYS A 15 7.67 3.81 11.54
N THR A 16 7.12 4.56 10.62
CA THR A 16 5.63 4.52 10.43
C THR A 16 5.27 3.59 9.28
N ASN A 17 6.23 2.89 8.73
CA ASN A 17 5.92 1.99 7.59
C ASN A 17 5.71 0.56 8.11
N SER A 18 4.49 0.20 8.38
CA SER A 18 4.20 -1.18 8.89
C SER A 18 3.38 -1.94 7.85
N CYS A 19 3.14 -1.34 6.72
CA CYS A 19 2.33 -2.02 5.66
C CYS A 19 3.16 -3.11 4.98
N ASP A 20 2.60 -4.28 4.83
CA ASP A 20 3.33 -5.39 4.17
C ASP A 20 2.97 -5.40 2.68
N PHE A 21 2.25 -4.40 2.23
CA PHE A 21 1.85 -4.35 0.80
C PHE A 21 2.48 -3.14 0.11
N GLU A 22 2.61 -3.20 -1.18
CA GLU A 22 3.19 -2.07 -1.94
C GLU A 22 2.39 -1.86 -3.22
N ASP A 23 2.21 -0.64 -3.64
CA ASP A 23 1.43 -0.40 -4.88
C ASP A 23 2.34 -0.62 -6.10
N LEU A 24 2.09 -1.67 -6.82
CA LEU A 24 2.93 -1.94 -8.02
C LEU A 24 2.77 -0.80 -9.01
N LEU A 25 1.64 -0.15 -9.00
CA LEU A 25 1.41 0.99 -9.94
C LEU A 25 1.29 2.29 -9.13
N SER A 26 1.79 3.37 -9.66
CA SER A 26 1.70 4.66 -8.91
C SER A 26 0.33 5.28 -9.16
N ASN A 27 -0.49 4.64 -9.93
CA ASN A 27 -1.86 5.19 -10.20
C ASN A 27 -2.88 4.46 -9.35
N CYS A 28 -2.45 3.73 -8.36
CA CYS A 28 -3.42 2.99 -7.49
C CYS A 28 -4.45 3.95 -6.92
N GLU A 29 -4.04 5.07 -6.40
CA GLU A 29 -5.03 6.02 -5.84
C GLU A 29 -5.94 6.45 -6.98
N SER A 30 -5.38 6.64 -8.15
CA SER A 30 -6.18 7.06 -9.33
C SER A 30 -7.07 5.89 -9.79
N LEU A 31 -6.53 4.70 -9.83
CA LEU A 31 -7.34 3.52 -10.27
C LEU A 31 -8.46 3.26 -9.26
N LYS A 32 -8.20 3.50 -8.01
CA LYS A 32 -9.24 3.25 -6.98
C LYS A 32 -10.50 4.06 -7.29
N THR A 33 -10.35 5.33 -7.51
CA THR A 33 -11.55 6.16 -7.82
C THR A 33 -12.14 5.70 -9.15
N SER A 34 -11.32 5.26 -10.07
CA SER A 34 -11.84 4.79 -11.38
C SER A 34 -12.31 3.35 -11.26
N ALA A 35 -11.90 2.67 -10.22
CA ALA A 35 -12.32 1.25 -10.04
C ALA A 35 -12.75 1.02 -8.59
N GLY A 36 -11.82 0.76 -7.73
CA GLY A 36 -12.16 0.53 -6.30
C GLY A 36 -11.11 -0.39 -5.68
N CYS A 37 -10.64 -0.06 -4.51
CA CYS A 37 -9.61 -0.92 -3.86
C CYS A 37 -10.18 -2.33 -3.69
N LYS A 38 -11.43 -2.44 -3.34
CA LYS A 38 -12.04 -3.79 -3.18
C LYS A 38 -11.93 -4.54 -4.50
N HIS A 39 -11.83 -3.82 -5.58
CA HIS A 39 -11.74 -4.48 -6.92
C HIS A 39 -10.61 -5.53 -6.90
N GLU A 40 -10.78 -6.59 -7.62
CA GLU A 40 -9.74 -7.66 -7.64
C GLU A 40 -8.46 -7.14 -8.29
N LEU A 41 -8.58 -6.34 -9.32
CA LEU A 41 -7.35 -5.83 -10.00
C LEU A 41 -6.50 -5.05 -9.00
N LEU A 42 -7.09 -4.17 -8.25
CA LEU A 42 -6.30 -3.41 -7.25
C LEU A 42 -5.80 -4.38 -6.19
N LYS A 43 -6.45 -5.50 -6.08
CA LYS A 43 -6.05 -6.51 -5.07
C LYS A 43 -4.75 -7.22 -5.49
N THR A 44 -4.23 -6.92 -6.66
CA THR A 44 -2.97 -7.62 -7.09
C THR A 44 -1.82 -6.62 -7.27
N LYS A 45 -2.08 -5.42 -7.72
CA LYS A 45 -0.97 -4.42 -7.88
C LYS A 45 -1.19 -3.27 -6.91
N CYS A 46 -2.41 -3.07 -6.47
CA CYS A 46 -2.70 -1.96 -5.51
C CYS A 46 -3.02 -2.56 -4.15
N GLN A 47 -2.44 -3.68 -3.86
CA GLN A 47 -2.71 -4.36 -2.55
C GLN A 47 -2.47 -3.39 -1.39
N ALA A 48 -1.49 -2.53 -1.48
CA ALA A 48 -1.23 -1.59 -0.37
C ALA A 48 -2.31 -0.49 -0.36
N THR A 49 -2.73 -0.05 -1.51
CA THR A 49 -3.77 1.01 -1.55
C THR A 49 -5.09 0.44 -1.05
N CYS A 50 -5.30 -0.83 -1.20
CA CYS A 50 -6.58 -1.45 -0.74
C CYS A 50 -6.37 -2.12 0.63
N LEU A 51 -5.56 -3.15 0.66
CA LEU A 51 -5.32 -3.87 1.94
C LEU A 51 -4.65 -2.93 2.95
N CYS A 52 -3.83 -2.02 2.50
CA CYS A 52 -3.17 -1.08 3.45
C CYS A 52 -3.46 0.36 3.03
N GLU A 53 -2.66 1.28 3.48
CA GLU A 53 -2.88 2.71 3.11
C GLU A 53 -1.74 3.54 3.68
N ASP A 54 -0.56 2.98 3.75
CA ASP A 54 0.59 3.75 4.31
C ASP A 54 0.19 4.30 5.68
N LYS A 55 -1.00 4.01 6.11
CA LYS A 55 -1.46 4.51 7.44
C LYS A 55 -2.65 3.67 7.90
N ILE A 56 -2.56 3.09 9.07
CA ILE A 56 -3.69 2.26 9.58
C ILE A 56 -4.37 3.00 10.73
N HIS A 57 -5.67 3.12 10.68
CA HIS A 57 -6.39 3.84 11.77
C HIS A 57 -6.86 2.83 12.83
N GLY A 1 -3.59 -0.65 17.23
CA GLY A 1 -2.14 -0.45 16.93
C GLY A 1 -1.42 0.01 18.19
N SER A 2 -0.77 -0.90 18.87
CA SER A 2 -0.04 -0.52 20.11
C SER A 2 1.47 -0.48 19.82
N CYS A 3 2.18 0.44 20.42
CA CYS A 3 3.63 0.53 20.17
C CYS A 3 4.33 -0.75 20.64
N ALA A 4 3.65 -1.55 21.43
CA ALA A 4 4.28 -2.81 21.90
C ALA A 4 4.68 -3.65 20.69
N SER A 5 3.88 -3.62 19.66
CA SER A 5 4.21 -4.40 18.43
C SER A 5 5.12 -3.56 17.53
N CYS A 6 5.36 -2.33 17.90
CA CYS A 6 6.23 -1.45 17.07
C CYS A 6 7.33 -0.83 17.94
N PRO A 7 8.46 -1.50 18.03
CA PRO A 7 9.62 -1.01 18.85
C PRO A 7 9.87 0.50 18.67
N ASN A 8 9.05 1.32 19.28
CA ASN A 8 9.23 2.79 19.16
C ASN A 8 9.13 3.20 17.68
N ASN A 9 8.27 2.57 16.95
CA ASN A 9 8.11 2.93 15.51
C ASN A 9 6.83 3.76 15.33
N CYS A 10 6.20 4.14 16.41
CA CYS A 10 4.95 4.93 16.27
C CYS A 10 5.28 6.43 16.14
N GLU A 11 5.02 7.00 15.01
CA GLU A 11 5.30 8.45 14.82
C GLU A 11 4.46 9.25 15.83
N ASN A 12 3.31 8.74 16.16
CA ASN A 12 2.43 9.45 17.14
C ASN A 12 1.40 8.46 17.67
N GLY A 13 1.83 7.26 17.99
CA GLY A 13 0.87 6.24 18.51
C GLY A 13 0.47 5.31 17.36
N LEU A 14 0.79 5.66 16.14
CA LEU A 14 0.44 4.82 14.99
C LEU A 14 1.70 4.25 14.34
N CYS A 15 1.68 3.00 13.98
CA CYS A 15 2.89 2.38 13.33
C CYS A 15 2.92 2.77 11.85
N THR A 16 4.08 3.03 11.32
CA THR A 16 4.17 3.41 9.88
C THR A 16 4.90 2.30 9.10
N ASN A 17 5.15 1.19 9.73
CA ASN A 17 5.86 0.09 9.02
C ASN A 17 5.14 -1.24 9.28
N SER A 18 3.90 -1.18 9.69
CA SER A 18 3.13 -2.42 9.95
C SER A 18 2.43 -2.86 8.67
N CYS A 19 2.72 -2.19 7.58
CA CYS A 19 2.07 -2.54 6.29
C CYS A 19 2.97 -3.50 5.50
N ASP A 20 2.37 -4.52 4.91
CA ASP A 20 3.17 -5.50 4.13
C ASP A 20 2.78 -5.43 2.65
N PHE A 21 2.08 -4.40 2.24
CA PHE A 21 1.66 -4.32 0.82
C PHE A 21 2.33 -3.13 0.13
N GLU A 22 2.52 -3.23 -1.15
CA GLU A 22 3.14 -2.11 -1.92
C GLU A 22 2.35 -1.89 -3.21
N ASP A 23 2.16 -0.67 -3.60
CA ASP A 23 1.40 -0.40 -4.85
C ASP A 23 2.30 -0.67 -6.05
N LEU A 24 2.02 -1.70 -6.79
CA LEU A 24 2.86 -2.00 -7.99
C LEU A 24 2.74 -0.84 -8.98
N LEU A 25 1.63 -0.14 -8.96
CA LEU A 25 1.44 1.01 -9.89
C LEU A 25 1.38 2.31 -9.09
N SER A 26 1.91 3.37 -9.63
CA SER A 26 1.88 4.68 -8.90
C SER A 26 0.53 5.36 -9.12
N ASN A 27 -0.34 4.75 -9.88
CA ASN A 27 -1.67 5.35 -10.14
C ASN A 27 -2.73 4.61 -9.32
N CYS A 28 -2.31 3.82 -8.38
CA CYS A 28 -3.27 3.05 -7.56
C CYS A 28 -4.35 3.98 -6.97
N GLU A 29 -3.95 5.06 -6.38
CA GLU A 29 -4.97 5.98 -5.81
C GLU A 29 -5.87 6.44 -6.94
N SER A 30 -5.32 6.65 -8.11
CA SER A 30 -6.13 7.08 -9.27
C SER A 30 -7.05 5.95 -9.72
N LEU A 31 -6.56 4.74 -9.73
CA LEU A 31 -7.40 3.58 -10.17
C LEU A 31 -8.52 3.32 -9.17
N LYS A 32 -8.27 3.55 -7.91
CA LYS A 32 -9.32 3.30 -6.89
C LYS A 32 -10.57 4.11 -7.23
N THR A 33 -10.39 5.37 -7.53
CA THR A 33 -11.56 6.23 -7.87
C THR A 33 -12.23 5.71 -9.14
N SER A 34 -11.48 5.20 -10.07
CA SER A 34 -12.08 4.70 -11.34
C SER A 34 -12.49 3.24 -11.19
N ALA A 35 -11.87 2.51 -10.30
CA ALA A 35 -12.25 1.08 -10.13
C ALA A 35 -12.69 0.83 -8.68
N GLY A 36 -11.76 0.56 -7.81
CA GLY A 36 -12.13 0.30 -6.40
C GLY A 36 -11.02 -0.50 -5.72
N CYS A 37 -10.65 -0.13 -4.53
CA CYS A 37 -9.57 -0.87 -3.81
C CYS A 37 -10.02 -2.32 -3.61
N LYS A 38 -11.23 -2.53 -3.20
CA LYS A 38 -11.73 -3.92 -3.01
C LYS A 38 -11.71 -4.65 -4.36
N HIS A 39 -11.76 -3.91 -5.43
CA HIS A 39 -11.74 -4.56 -6.78
C HIS A 39 -10.59 -5.56 -6.86
N GLU A 40 -10.81 -6.68 -7.49
CA GLU A 40 -9.74 -7.71 -7.59
C GLU A 40 -8.51 -7.13 -8.31
N LEU A 41 -8.71 -6.28 -9.27
CA LEU A 41 -7.55 -5.72 -10.01
C LEU A 41 -6.61 -5.00 -9.03
N LEU A 42 -7.16 -4.19 -8.16
CA LEU A 42 -6.30 -3.47 -7.18
C LEU A 42 -5.74 -4.47 -6.17
N LYS A 43 -6.39 -5.57 -5.98
CA LYS A 43 -5.91 -6.59 -5.01
C LYS A 43 -4.63 -7.28 -5.52
N THR A 44 -4.21 -7.01 -6.74
CA THR A 44 -2.98 -7.69 -7.25
C THR A 44 -1.83 -6.68 -7.45
N LYS A 45 -2.13 -5.46 -7.79
CA LYS A 45 -1.03 -4.46 -7.98
C LYS A 45 -1.23 -3.28 -7.03
N CYS A 46 -2.43 -3.05 -6.59
CA CYS A 46 -2.69 -1.92 -5.65
C CYS A 46 -3.06 -2.48 -4.27
N GLN A 47 -2.54 -3.62 -3.95
CA GLN A 47 -2.84 -4.25 -2.63
C GLN A 47 -2.57 -3.26 -1.49
N ALA A 48 -1.55 -2.46 -1.59
CA ALA A 48 -1.27 -1.50 -0.49
C ALA A 48 -2.29 -0.37 -0.51
N THR A 49 -2.71 0.05 -1.66
CA THR A 49 -3.71 1.15 -1.74
C THR A 49 -5.04 0.64 -1.19
N CYS A 50 -5.27 -0.64 -1.24
CA CYS A 50 -6.55 -1.20 -0.74
C CYS A 50 -6.34 -1.86 0.62
N LEU A 51 -5.59 -2.92 0.65
CA LEU A 51 -5.34 -3.65 1.93
C LEU A 51 -4.68 -2.73 2.95
N CYS A 52 -3.84 -1.82 2.54
CA CYS A 52 -3.18 -0.91 3.52
C CYS A 52 -3.92 0.43 3.57
N GLU A 53 -4.81 0.58 4.52
CA GLU A 53 -5.57 1.86 4.64
C GLU A 53 -5.92 2.09 6.11
N ASP A 54 -6.97 2.81 6.38
CA ASP A 54 -7.35 3.03 7.79
C ASP A 54 -7.97 1.74 8.35
N LYS A 55 -7.14 0.83 8.79
CA LYS A 55 -7.67 -0.45 9.33
C LYS A 55 -7.51 -0.43 10.86
N ILE A 56 -8.46 -0.98 11.56
CA ILE A 56 -8.37 -1.00 13.04
C ILE A 56 -8.02 -2.41 13.52
N HIS A 57 -7.08 -2.53 14.41
CA HIS A 57 -6.71 -3.88 14.92
C HIS A 57 -7.35 -4.12 16.29
N GLY A 1 10.72 -3.35 -1.08
CA GLY A 1 10.99 -2.82 0.29
C GLY A 1 12.47 -2.46 0.41
N SER A 2 12.98 -1.66 -0.50
CA SER A 2 14.41 -1.28 -0.42
C SER A 2 14.59 -0.18 0.61
N CYS A 3 15.63 -0.27 1.40
CA CYS A 3 15.88 0.77 2.45
C CYS A 3 16.08 2.13 1.78
N ALA A 4 16.56 2.14 0.57
CA ALA A 4 16.79 3.43 -0.13
C ALA A 4 15.48 4.22 -0.19
N SER A 5 14.38 3.55 -0.32
CA SER A 5 13.07 4.27 -0.37
C SER A 5 12.59 4.57 1.04
N CYS A 6 13.38 4.23 2.03
CA CYS A 6 12.98 4.50 3.44
C CYS A 6 14.09 5.27 4.15
N PRO A 7 14.13 6.56 3.95
CA PRO A 7 15.17 7.45 4.57
C PRO A 7 15.25 7.27 6.09
N ASN A 8 14.37 7.90 6.83
CA ASN A 8 14.42 7.76 8.31
C ASN A 8 13.46 6.66 8.75
N ASN A 9 12.79 6.04 7.82
CA ASN A 9 11.84 4.95 8.17
C ASN A 9 12.61 3.63 8.21
N CYS A 10 13.91 3.68 8.04
CA CYS A 10 14.72 2.45 8.05
C CYS A 10 15.30 2.22 9.45
N GLU A 11 14.73 1.31 10.19
CA GLU A 11 15.25 1.04 11.56
C GLU A 11 16.39 0.03 11.47
N ASN A 12 16.08 -1.24 11.55
CA ASN A 12 17.13 -2.28 11.44
C ASN A 12 17.30 -2.66 9.96
N GLY A 13 16.83 -1.82 9.09
CA GLY A 13 16.92 -2.12 7.63
C GLY A 13 15.52 -2.37 7.07
N LEU A 14 14.53 -2.36 7.92
CA LEU A 14 13.14 -2.59 7.46
C LEU A 14 12.36 -1.27 7.52
N CYS A 15 11.41 -1.08 6.65
CA CYS A 15 10.61 0.18 6.66
C CYS A 15 9.67 0.17 7.87
N THR A 16 9.39 1.33 8.40
CA THR A 16 8.48 1.40 9.59
C THR A 16 7.09 1.88 9.14
N ASN A 17 6.75 1.67 7.89
CA ASN A 17 5.42 2.12 7.40
C ASN A 17 4.31 1.37 8.14
N SER A 18 3.08 1.66 7.81
CA SER A 18 1.95 0.99 8.51
C SER A 18 1.31 -0.04 7.56
N CYS A 19 1.83 -0.17 6.38
CA CYS A 19 1.25 -1.16 5.41
C CYS A 19 2.26 -2.28 5.14
N ASP A 20 1.78 -3.45 4.80
CA ASP A 20 2.70 -4.59 4.50
C ASP A 20 2.72 -4.85 2.99
N PHE A 21 2.05 -4.03 2.23
CA PHE A 21 2.02 -4.21 0.76
C PHE A 21 2.62 -2.99 0.05
N GLU A 22 2.90 -3.13 -1.20
CA GLU A 22 3.47 -1.98 -1.97
C GLU A 22 2.65 -1.81 -3.24
N ASP A 23 2.36 -0.59 -3.63
CA ASP A 23 1.57 -0.38 -4.86
C ASP A 23 2.46 -0.62 -6.08
N LEU A 24 2.21 -1.68 -6.80
CA LEU A 24 3.02 -1.97 -8.01
C LEU A 24 2.88 -0.81 -9.00
N LEU A 25 1.74 -0.16 -8.99
CA LEU A 25 1.53 1.00 -9.91
C LEU A 25 1.54 2.29 -9.12
N SER A 26 2.04 3.35 -9.69
CA SER A 26 2.09 4.65 -8.96
C SER A 26 0.76 5.38 -9.12
N ASN A 27 -0.18 4.78 -9.82
CA ASN A 27 -1.50 5.44 -10.02
C ASN A 27 -2.58 4.60 -9.35
N CYS A 28 -2.23 3.83 -8.36
CA CYS A 28 -3.24 2.98 -7.67
C CYS A 28 -4.36 3.84 -7.10
N GLU A 29 -4.04 4.95 -6.49
CA GLU A 29 -5.12 5.82 -5.95
C GLU A 29 -6.03 6.23 -7.11
N SER A 30 -5.45 6.48 -8.24
CA SER A 30 -6.27 6.88 -9.42
C SER A 30 -7.19 5.72 -9.81
N LEU A 31 -6.66 4.52 -9.80
CA LEU A 31 -7.50 3.33 -10.17
C LEU A 31 -8.58 3.12 -9.11
N LYS A 32 -8.26 3.34 -7.86
CA LYS A 32 -9.27 3.12 -6.79
C LYS A 32 -10.49 4.02 -7.05
N THR A 33 -10.26 5.27 -7.33
CA THR A 33 -11.40 6.19 -7.60
C THR A 33 -12.12 5.74 -8.86
N SER A 34 -11.40 5.31 -9.85
CA SER A 34 -12.05 4.87 -11.11
C SER A 34 -12.45 3.39 -11.02
N ALA A 35 -11.95 2.69 -10.04
CA ALA A 35 -12.32 1.25 -9.90
C ALA A 35 -12.80 0.98 -8.48
N GLY A 36 -11.89 0.70 -7.58
CA GLY A 36 -12.30 0.43 -6.17
C GLY A 36 -11.32 -0.58 -5.55
N CYS A 37 -10.78 -0.27 -4.40
CA CYS A 37 -9.83 -1.20 -3.75
C CYS A 37 -10.51 -2.56 -3.54
N LYS A 38 -11.79 -2.55 -3.31
CA LYS A 38 -12.52 -3.84 -3.11
C LYS A 38 -12.76 -4.48 -4.49
N HIS A 39 -12.29 -3.83 -5.52
CA HIS A 39 -12.49 -4.38 -6.90
C HIS A 39 -11.82 -5.74 -7.03
N GLU A 40 -10.67 -5.80 -7.64
CA GLU A 40 -9.96 -7.10 -7.81
C GLU A 40 -8.58 -6.83 -8.40
N LEU A 41 -8.53 -6.14 -9.51
CA LEU A 41 -7.21 -5.84 -10.13
C LEU A 41 -6.34 -5.09 -9.13
N LEU A 42 -6.91 -4.18 -8.37
CA LEU A 42 -6.11 -3.46 -7.36
C LEU A 42 -5.64 -4.47 -6.32
N LYS A 43 -6.36 -5.54 -6.19
CA LYS A 43 -6.00 -6.59 -5.20
C LYS A 43 -4.71 -7.32 -5.61
N THR A 44 -4.15 -7.01 -6.75
CA THR A 44 -2.90 -7.73 -7.16
C THR A 44 -1.73 -6.75 -7.33
N LYS A 45 -1.96 -5.54 -7.77
CA LYS A 45 -0.84 -4.56 -7.93
C LYS A 45 -1.04 -3.40 -6.95
N CYS A 46 -2.26 -3.16 -6.56
CA CYS A 46 -2.54 -2.03 -5.62
C CYS A 46 -2.91 -2.59 -4.25
N GLN A 47 -2.45 -3.78 -3.96
CA GLN A 47 -2.76 -4.41 -2.64
C GLN A 47 -2.45 -3.44 -1.50
N ALA A 48 -1.41 -2.66 -1.61
CA ALA A 48 -1.06 -1.71 -0.51
C ALA A 48 -2.11 -0.61 -0.46
N THR A 49 -2.55 -0.14 -1.60
CA THR A 49 -3.58 0.93 -1.60
C THR A 49 -4.91 0.35 -1.11
N CYS A 50 -5.10 -0.93 -1.30
CA CYS A 50 -6.38 -1.56 -0.87
C CYS A 50 -6.18 -2.35 0.43
N LEU A 51 -5.36 -3.35 0.41
CA LEU A 51 -5.15 -4.19 1.63
C LEU A 51 -4.30 -3.45 2.67
N CYS A 52 -3.12 -3.03 2.32
CA CYS A 52 -2.24 -2.33 3.31
C CYS A 52 -2.20 -3.15 4.62
N GLU A 53 -2.85 -4.27 4.65
CA GLU A 53 -2.84 -5.11 5.88
C GLU A 53 -2.59 -6.56 5.52
N ASP A 54 -2.42 -7.41 6.49
CA ASP A 54 -2.18 -8.85 6.20
C ASP A 54 -3.51 -9.55 5.94
N LYS A 55 -4.58 -8.78 5.86
CA LYS A 55 -5.92 -9.39 5.60
C LYS A 55 -6.41 -10.06 6.88
N ILE A 56 -7.35 -9.47 7.55
CA ILE A 56 -7.86 -10.06 8.81
C ILE A 56 -8.79 -11.24 8.48
N HIS A 57 -8.63 -12.34 9.17
CA HIS A 57 -9.49 -13.52 8.90
C HIS A 57 -10.62 -13.57 9.93
N GLY A 1 13.87 -5.91 10.72
CA GLY A 1 14.19 -4.88 9.69
C GLY A 1 14.69 -3.60 10.37
N SER A 2 15.94 -3.30 10.21
CA SER A 2 16.50 -2.07 10.85
C SER A 2 16.07 -0.83 10.05
N CYS A 3 16.09 0.32 10.66
CA CYS A 3 15.68 1.54 9.94
C CYS A 3 16.50 1.69 8.64
N ALA A 4 17.66 1.11 8.61
CA ALA A 4 18.50 1.21 7.38
C ALA A 4 17.70 0.65 6.20
N SER A 5 16.94 -0.39 6.41
CA SER A 5 16.14 -0.97 5.30
C SER A 5 14.76 -0.31 5.26
N CYS A 6 14.37 0.37 6.32
CA CYS A 6 13.04 1.04 6.33
C CYS A 6 13.16 2.39 7.04
N PRO A 7 13.88 3.31 6.47
CA PRO A 7 14.08 4.67 7.05
C PRO A 7 12.76 5.45 7.18
N ASN A 8 11.76 5.07 6.43
CA ASN A 8 10.46 5.81 6.51
C ASN A 8 9.55 5.14 7.56
N ASN A 9 10.03 4.15 8.26
CA ASN A 9 9.18 3.49 9.28
C ASN A 9 10.05 3.00 10.44
N CYS A 10 10.06 3.71 11.53
CA CYS A 10 10.91 3.29 12.69
C CYS A 10 10.09 3.33 13.97
N GLU A 11 10.47 2.55 14.94
CA GLU A 11 9.75 2.54 16.25
C GLU A 11 10.74 2.13 17.33
N ASN A 12 11.20 3.06 18.11
CA ASN A 12 12.19 2.73 19.18
C ASN A 12 13.41 2.08 18.53
N GLY A 13 13.72 2.44 17.31
CA GLY A 13 14.90 1.85 16.62
C GLY A 13 14.48 0.66 15.78
N LEU A 14 13.23 0.26 15.84
CA LEU A 14 12.77 -0.91 15.03
C LEU A 14 11.63 -0.49 14.10
N CYS A 15 11.58 -1.06 12.92
CA CYS A 15 10.49 -0.71 11.97
C CYS A 15 9.22 -1.49 12.34
N THR A 16 8.08 -0.97 12.02
CA THR A 16 6.82 -1.69 12.36
C THR A 16 6.34 -2.50 11.16
N ASN A 17 6.86 -2.22 10.00
CA ASN A 17 6.43 -2.99 8.79
C ASN A 17 4.91 -3.02 8.72
N SER A 18 4.25 -1.92 8.99
CA SER A 18 2.76 -1.91 8.95
C SER A 18 2.29 -1.94 7.51
N CYS A 19 3.19 -1.91 6.57
CA CYS A 19 2.78 -1.95 5.13
C CYS A 19 3.34 -3.21 4.49
N ASP A 20 2.64 -4.31 4.61
CA ASP A 20 3.13 -5.58 4.00
C ASP A 20 2.81 -5.57 2.50
N PHE A 21 2.17 -4.54 2.04
CA PHE A 21 1.82 -4.47 0.59
C PHE A 21 2.53 -3.28 -0.06
N GLU A 22 2.67 -3.32 -1.35
CA GLU A 22 3.32 -2.19 -2.08
C GLU A 22 2.51 -1.90 -3.34
N ASP A 23 2.28 -0.65 -3.65
CA ASP A 23 1.50 -0.34 -4.88
C ASP A 23 2.37 -0.58 -6.10
N LEU A 24 2.10 -1.61 -6.84
CA LEU A 24 2.90 -1.91 -8.05
C LEU A 24 2.78 -0.75 -9.03
N LEU A 25 1.68 -0.04 -9.00
CA LEU A 25 1.50 1.11 -9.93
C LEU A 25 1.53 2.42 -9.14
N SER A 26 2.06 3.46 -9.70
CA SER A 26 2.12 4.76 -8.98
C SER A 26 0.78 5.47 -9.13
N ASN A 27 -0.13 4.92 -9.87
CA ASN A 27 -1.46 5.56 -10.05
C ASN A 27 -2.52 4.72 -9.34
N CYS A 28 -2.12 3.97 -8.36
CA CYS A 28 -3.10 3.11 -7.62
C CYS A 28 -4.23 3.97 -7.04
N GLU A 29 -3.90 5.10 -6.47
CA GLU A 29 -4.98 5.96 -5.91
C GLU A 29 -5.93 6.31 -7.05
N SER A 30 -5.41 6.54 -8.22
CA SER A 30 -6.27 6.86 -9.38
C SER A 30 -7.15 5.66 -9.71
N LEU A 31 -6.60 4.48 -9.67
CA LEU A 31 -7.41 3.27 -9.98
C LEU A 31 -8.50 3.07 -8.93
N LYS A 32 -8.20 3.33 -7.69
CA LYS A 32 -9.24 3.15 -6.64
C LYS A 32 -10.47 3.97 -7.02
N THR A 33 -10.26 5.19 -7.45
CA THR A 33 -11.41 6.05 -7.86
C THR A 33 -12.04 5.52 -9.15
N SER A 34 -11.23 5.05 -10.07
CA SER A 34 -11.78 4.54 -11.35
C SER A 34 -12.20 3.08 -11.21
N ALA A 35 -11.64 2.37 -10.26
CA ALA A 35 -12.01 0.94 -10.07
C ALA A 35 -12.62 0.76 -8.67
N GLY A 36 -11.78 0.58 -7.69
CA GLY A 36 -12.31 0.40 -6.31
C GLY A 36 -11.49 -0.65 -5.55
N CYS A 37 -11.27 -0.45 -4.29
CA CYS A 37 -10.47 -1.43 -3.50
C CYS A 37 -11.16 -2.78 -3.52
N LYS A 38 -12.46 -2.80 -3.64
CA LYS A 38 -13.18 -4.10 -3.67
C LYS A 38 -12.98 -4.74 -5.05
N HIS A 39 -12.23 -4.10 -5.90
CA HIS A 39 -11.99 -4.67 -7.26
C HIS A 39 -10.78 -5.59 -7.20
N GLU A 40 -10.87 -6.75 -7.80
CA GLU A 40 -9.73 -7.70 -7.77
C GLU A 40 -8.47 -7.05 -8.34
N LEU A 41 -8.61 -6.21 -9.33
CA LEU A 41 -7.42 -5.56 -9.93
C LEU A 41 -6.55 -4.90 -8.85
N LEU A 42 -7.13 -4.04 -8.06
CA LEU A 42 -6.33 -3.37 -6.99
C LEU A 42 -5.82 -4.43 -6.02
N LYS A 43 -6.50 -5.53 -5.94
CA LYS A 43 -6.09 -6.59 -4.99
C LYS A 43 -4.79 -7.27 -5.45
N THR A 44 -4.24 -6.88 -6.58
CA THR A 44 -2.99 -7.55 -7.03
C THR A 44 -1.86 -6.54 -7.27
N LYS A 45 -2.16 -5.33 -7.66
CA LYS A 45 -1.05 -4.33 -7.87
C LYS A 45 -1.25 -3.14 -6.92
N CYS A 46 -2.45 -2.93 -6.46
CA CYS A 46 -2.71 -1.80 -5.52
C CYS A 46 -3.08 -2.34 -4.15
N GLN A 47 -2.66 -3.53 -3.85
CA GLN A 47 -2.98 -4.14 -2.54
C GLN A 47 -2.58 -3.18 -1.42
N ALA A 48 -1.48 -2.51 -1.56
CA ALA A 48 -1.04 -1.57 -0.48
C ALA A 48 -1.92 -0.32 -0.49
N THR A 49 -2.30 0.15 -1.64
CA THR A 49 -3.15 1.36 -1.69
C THR A 49 -4.46 1.09 -0.96
N CYS A 50 -4.85 -0.16 -0.88
CA CYS A 50 -6.12 -0.50 -0.18
C CYS A 50 -5.83 -1.30 1.10
N LEU A 51 -5.18 -2.43 0.97
CA LEU A 51 -4.89 -3.26 2.18
C LEU A 51 -3.94 -2.52 3.12
N CYS A 52 -3.03 -1.75 2.60
CA CYS A 52 -2.08 -1.02 3.49
C CYS A 52 -2.56 0.41 3.70
N GLU A 53 -3.03 0.70 4.88
CA GLU A 53 -3.52 2.08 5.18
C GLU A 53 -3.22 2.39 6.65
N ASP A 54 -2.03 2.09 7.09
CA ASP A 54 -1.67 2.36 8.51
C ASP A 54 -2.68 1.65 9.43
N LYS A 55 -3.02 0.44 9.11
CA LYS A 55 -3.99 -0.31 9.95
C LYS A 55 -3.25 -1.38 10.75
N ILE A 56 -3.47 -1.44 12.03
CA ILE A 56 -2.78 -2.47 12.86
C ILE A 56 -3.75 -3.61 13.15
N HIS A 57 -3.29 -4.83 13.04
CA HIS A 57 -4.18 -5.99 13.32
C HIS A 57 -5.09 -5.67 14.51
N GLY A 1 16.70 -11.87 10.69
CA GLY A 1 17.13 -12.36 12.04
C GLY A 1 18.11 -11.36 12.65
N SER A 2 18.71 -10.54 11.83
CA SER A 2 19.68 -9.53 12.36
C SER A 2 18.93 -8.28 12.86
N CYS A 3 17.63 -8.32 12.89
CA CYS A 3 16.87 -7.14 13.38
C CYS A 3 16.49 -7.35 14.84
N ALA A 4 17.22 -6.75 15.76
CA ALA A 4 16.88 -6.93 17.19
C ALA A 4 15.56 -6.23 17.49
N SER A 5 15.31 -5.11 16.88
CA SER A 5 14.04 -4.37 17.14
C SER A 5 12.84 -5.24 16.71
N CYS A 6 12.96 -5.92 15.61
CA CYS A 6 11.83 -6.79 15.15
C CYS A 6 12.41 -7.94 14.33
N PRO A 7 12.99 -8.91 14.98
CA PRO A 7 13.61 -10.09 14.32
C PRO A 7 12.59 -10.85 13.46
N ASN A 8 11.35 -10.81 13.82
CA ASN A 8 10.30 -11.53 13.02
C ASN A 8 9.71 -10.59 11.98
N ASN A 9 10.13 -9.34 11.96
CA ASN A 9 9.57 -8.39 10.96
C ASN A 9 10.56 -7.26 10.69
N CYS A 10 11.23 -7.31 9.57
CA CYS A 10 12.20 -6.24 9.23
C CYS A 10 12.56 -6.34 7.75
N GLU A 11 12.00 -5.50 6.93
CA GLU A 11 12.33 -5.56 5.48
C GLU A 11 13.82 -5.24 5.29
N ASN A 12 14.31 -4.27 6.00
CA ASN A 12 15.75 -3.92 5.87
C ASN A 12 16.29 -3.56 7.26
N GLY A 13 15.77 -4.17 8.27
CA GLY A 13 16.23 -3.87 9.65
C GLY A 13 15.26 -2.88 10.30
N LEU A 14 14.23 -2.51 9.58
CA LEU A 14 13.23 -1.56 10.13
C LEU A 14 11.95 -2.32 10.45
N CYS A 15 11.35 -2.02 11.56
CA CYS A 15 10.09 -2.73 11.94
C CYS A 15 8.96 -2.27 11.02
N THR A 16 8.55 -3.09 10.08
CA THR A 16 7.45 -2.67 9.17
C THR A 16 6.20 -3.50 9.50
N ASN A 17 5.15 -2.85 9.93
CA ASN A 17 3.90 -3.58 10.26
C ASN A 17 2.69 -2.70 9.95
N SER A 18 2.91 -1.46 9.60
CA SER A 18 1.76 -0.56 9.29
C SER A 18 1.43 -0.65 7.80
N CYS A 19 2.20 -1.39 7.06
CA CYS A 19 1.92 -1.52 5.60
C CYS A 19 2.76 -2.66 5.02
N ASP A 20 2.18 -3.83 4.90
CA ASP A 20 2.95 -4.98 4.35
C ASP A 20 2.73 -5.10 2.85
N PHE A 21 2.03 -4.17 2.26
CA PHE A 21 1.80 -4.24 0.80
C PHE A 21 2.43 -3.04 0.10
N GLU A 22 2.62 -3.15 -1.18
CA GLU A 22 3.20 -2.01 -1.93
C GLU A 22 2.40 -1.82 -3.21
N ASP A 23 2.14 -0.59 -3.59
CA ASP A 23 1.36 -0.37 -4.83
C ASP A 23 2.26 -0.58 -6.03
N LEU A 24 2.08 -1.67 -6.73
CA LEU A 24 2.93 -1.95 -7.92
C LEU A 24 2.74 -0.82 -8.94
N LEU A 25 1.60 -0.19 -8.93
CA LEU A 25 1.35 0.94 -9.88
C LEU A 25 1.24 2.23 -9.09
N SER A 26 1.76 3.31 -9.63
CA SER A 26 1.67 4.61 -8.89
C SER A 26 0.33 5.27 -9.18
N ASN A 27 -0.51 4.61 -9.93
CA ASN A 27 -1.85 5.20 -10.23
C ASN A 27 -2.89 4.47 -9.39
N CYS A 28 -2.47 3.64 -8.46
CA CYS A 28 -3.44 2.89 -7.61
C CYS A 28 -4.45 3.85 -7.00
N GLU A 29 -4.02 4.95 -6.48
CA GLU A 29 -4.98 5.90 -5.90
C GLU A 29 -5.88 6.41 -7.02
N SER A 30 -5.33 6.61 -8.19
CA SER A 30 -6.15 7.09 -9.34
C SER A 30 -7.11 5.97 -9.77
N LEU A 31 -6.63 4.77 -9.82
CA LEU A 31 -7.51 3.64 -10.23
C LEU A 31 -8.59 3.40 -9.17
N LYS A 32 -8.27 3.57 -7.92
CA LYS A 32 -9.29 3.36 -6.85
C LYS A 32 -10.50 4.25 -7.15
N THR A 33 -10.26 5.48 -7.46
CA THR A 33 -11.38 6.41 -7.77
C THR A 33 -12.12 5.92 -9.02
N SER A 34 -11.40 5.40 -9.98
CA SER A 34 -12.07 4.93 -11.23
C SER A 34 -12.50 3.47 -11.10
N ALA A 35 -11.99 2.76 -10.13
CA ALA A 35 -12.37 1.33 -9.96
C ALA A 35 -12.75 1.07 -8.50
N GLY A 36 -11.79 0.79 -7.67
CA GLY A 36 -12.08 0.53 -6.23
C GLY A 36 -11.00 -0.40 -5.67
N CYS A 37 -10.48 -0.08 -4.51
CA CYS A 37 -9.44 -0.93 -3.89
C CYS A 37 -9.97 -2.35 -3.74
N LYS A 38 -11.19 -2.50 -3.29
CA LYS A 38 -11.77 -3.86 -3.14
C LYS A 38 -11.73 -4.58 -4.49
N HIS A 39 -11.70 -3.83 -5.56
CA HIS A 39 -11.66 -4.45 -6.91
C HIS A 39 -10.58 -5.55 -6.95
N GLU A 40 -10.81 -6.59 -7.69
CA GLU A 40 -9.80 -7.70 -7.75
C GLU A 40 -8.49 -7.21 -8.40
N LEU A 41 -8.59 -6.38 -9.41
CA LEU A 41 -7.34 -5.88 -10.07
C LEU A 41 -6.48 -5.11 -9.07
N LEU A 42 -7.06 -4.26 -8.28
CA LEU A 42 -6.27 -3.51 -7.26
C LEU A 42 -5.78 -4.51 -6.22
N LYS A 43 -6.44 -5.61 -6.13
CA LYS A 43 -6.06 -6.64 -5.13
C LYS A 43 -4.76 -7.33 -5.55
N THR A 44 -4.22 -7.02 -6.71
CA THR A 44 -2.96 -7.72 -7.13
C THR A 44 -1.79 -6.73 -7.26
N LYS A 45 -2.02 -5.53 -7.74
CA LYS A 45 -0.90 -4.54 -7.86
C LYS A 45 -1.12 -3.40 -6.88
N CYS A 46 -2.36 -3.14 -6.55
CA CYS A 46 -2.67 -2.05 -5.60
C CYS A 46 -2.99 -2.65 -4.24
N GLN A 47 -2.46 -3.81 -3.97
CA GLN A 47 -2.70 -4.47 -2.67
C GLN A 47 -2.46 -3.51 -1.51
N ALA A 48 -1.51 -2.63 -1.64
CA ALA A 48 -1.24 -1.68 -0.52
C ALA A 48 -2.29 -0.57 -0.49
N THR A 49 -2.69 -0.10 -1.63
CA THR A 49 -3.72 0.97 -1.67
C THR A 49 -5.04 0.42 -1.13
N CYS A 50 -5.21 -0.88 -1.18
CA CYS A 50 -6.46 -1.51 -0.69
C CYS A 50 -6.21 -2.22 0.65
N LEU A 51 -5.47 -3.27 0.64
CA LEU A 51 -5.21 -4.03 1.88
C LEU A 51 -4.50 -3.14 2.93
N CYS A 52 -3.59 -2.30 2.51
CA CYS A 52 -2.90 -1.42 3.50
C CYS A 52 -3.57 -0.05 3.51
N GLU A 53 -4.35 0.21 4.52
CA GLU A 53 -5.04 1.53 4.62
C GLU A 53 -5.05 1.99 6.07
N ASP A 54 -5.00 3.27 6.30
CA ASP A 54 -5.00 3.77 7.70
C ASP A 54 -6.14 3.10 8.45
N LYS A 55 -7.01 2.45 7.74
CA LYS A 55 -8.16 1.74 8.38
C LYS A 55 -9.38 2.66 8.41
N ILE A 56 -10.29 2.48 7.49
CA ILE A 56 -11.50 3.34 7.47
C ILE A 56 -12.66 2.62 8.16
N HIS A 57 -13.33 3.29 9.06
CA HIS A 57 -14.46 2.64 9.77
C HIS A 57 -15.69 2.56 8.84
N GLY A 1 20.56 15.21 0.30
CA GLY A 1 19.45 15.47 1.26
C GLY A 1 18.62 14.20 1.45
N SER A 2 19.15 13.22 2.13
CA SER A 2 18.40 11.95 2.34
C SER A 2 17.21 12.20 3.28
N CYS A 3 16.32 11.27 3.37
CA CYS A 3 15.13 11.45 4.26
C CYS A 3 14.29 12.63 3.78
N ALA A 4 14.68 13.24 2.69
CA ALA A 4 13.90 14.40 2.18
C ALA A 4 12.50 13.94 1.77
N SER A 5 12.41 12.79 1.14
CA SER A 5 11.06 12.28 0.73
C SER A 5 10.41 11.59 1.93
N CYS A 6 11.14 11.48 3.01
CA CYS A 6 10.60 10.82 4.23
C CYS A 6 10.79 11.75 5.43
N PRO A 7 9.90 12.69 5.61
CA PRO A 7 9.97 13.68 6.72
C PRO A 7 9.87 13.03 8.10
N ASN A 8 8.69 12.70 8.53
CA ASN A 8 8.52 12.06 9.88
C ASN A 8 8.62 10.54 9.73
N ASN A 9 8.91 10.06 8.56
CA ASN A 9 9.01 8.59 8.36
C ASN A 9 10.44 8.11 8.61
N CYS A 10 11.30 8.98 9.05
CA CYS A 10 12.70 8.56 9.31
C CYS A 10 12.83 8.02 10.74
N GLU A 11 12.51 6.77 10.94
CA GLU A 11 12.62 6.19 12.31
C GLU A 11 14.08 6.22 12.76
N ASN A 12 14.99 6.08 11.84
CA ASN A 12 16.44 6.10 12.20
C ASN A 12 17.26 6.36 10.94
N GLY A 13 16.85 7.30 10.14
CA GLY A 13 17.60 7.60 8.89
C GLY A 13 17.02 6.75 7.76
N LEU A 14 16.11 5.88 8.08
CA LEU A 14 15.49 5.00 7.05
C LEU A 14 14.04 5.43 6.83
N CYS A 15 13.59 5.46 5.62
CA CYS A 15 12.18 5.86 5.36
C CYS A 15 11.25 4.70 5.69
N THR A 16 10.07 4.98 6.17
CA THR A 16 9.11 3.88 6.52
C THR A 16 8.01 3.82 5.47
N ASN A 17 8.34 4.11 4.24
CA ASN A 17 7.31 4.05 3.16
C ASN A 17 7.11 2.61 2.73
N SER A 18 7.69 1.68 3.44
CA SER A 18 7.53 0.24 3.08
C SER A 18 6.45 -0.38 3.97
N CYS A 19 5.65 -1.25 3.43
CA CYS A 19 4.57 -1.87 4.25
C CYS A 19 4.33 -3.31 3.77
N ASP A 20 3.50 -4.04 4.46
CA ASP A 20 3.24 -5.45 4.05
C ASP A 20 2.88 -5.49 2.57
N PHE A 21 2.20 -4.49 2.09
CA PHE A 21 1.82 -4.45 0.64
C PHE A 21 2.53 -3.31 -0.06
N GLU A 22 2.64 -3.38 -1.36
CA GLU A 22 3.30 -2.29 -2.11
C GLU A 22 2.48 -1.99 -3.36
N ASP A 23 2.22 -0.74 -3.64
CA ASP A 23 1.42 -0.41 -4.85
C ASP A 23 2.29 -0.65 -6.08
N LEU A 24 2.05 -1.71 -6.79
CA LEU A 24 2.87 -2.01 -8.00
C LEU A 24 2.73 -0.85 -8.99
N LEU A 25 1.62 -0.16 -8.97
CA LEU A 25 1.44 0.99 -9.90
C LEU A 25 1.47 2.30 -9.10
N SER A 26 2.04 3.34 -9.65
CA SER A 26 2.10 4.62 -8.92
C SER A 26 0.78 5.38 -9.09
N ASN A 27 -0.15 4.82 -9.82
CA ASN A 27 -1.45 5.50 -10.03
C ASN A 27 -2.55 4.69 -9.34
N CYS A 28 -2.18 3.87 -8.39
CA CYS A 28 -3.20 3.05 -7.68
C CYS A 28 -4.28 3.95 -7.10
N GLU A 29 -3.90 5.08 -6.55
CA GLU A 29 -4.93 5.99 -6.00
C GLU A 29 -5.89 6.37 -7.13
N SER A 30 -5.35 6.57 -8.31
CA SER A 30 -6.21 6.92 -9.47
C SER A 30 -7.14 5.75 -9.78
N LEU A 31 -6.62 4.55 -9.73
CA LEU A 31 -7.46 3.36 -10.02
C LEU A 31 -8.54 3.18 -8.94
N LYS A 32 -8.20 3.46 -7.71
CA LYS A 32 -9.21 3.30 -6.62
C LYS A 32 -10.41 4.20 -6.93
N THR A 33 -10.17 5.39 -7.37
CA THR A 33 -11.29 6.33 -7.69
C THR A 33 -12.10 5.77 -8.86
N SER A 34 -11.47 5.11 -9.79
CA SER A 34 -12.21 4.57 -10.96
C SER A 34 -12.56 3.09 -10.74
N ALA A 35 -11.58 2.28 -10.46
CA ALA A 35 -11.86 0.83 -10.24
C ALA A 35 -12.48 0.61 -8.86
N GLY A 36 -11.67 0.61 -7.84
CA GLY A 36 -12.22 0.42 -6.45
C GLY A 36 -11.41 -0.65 -5.72
N CYS A 37 -11.23 -0.49 -4.44
CA CYS A 37 -10.45 -1.50 -3.67
C CYS A 37 -11.13 -2.87 -3.77
N LYS A 38 -12.43 -2.90 -3.75
CA LYS A 38 -13.15 -4.19 -3.86
C LYS A 38 -12.79 -4.85 -5.19
N HIS A 39 -12.33 -4.09 -6.14
CA HIS A 39 -11.97 -4.67 -7.45
C HIS A 39 -10.76 -5.61 -7.29
N GLU A 40 -10.80 -6.75 -7.91
CA GLU A 40 -9.67 -7.71 -7.78
C GLU A 40 -8.39 -7.09 -8.36
N LEU A 41 -8.53 -6.29 -9.39
CA LEU A 41 -7.31 -5.67 -10.00
C LEU A 41 -6.50 -4.94 -8.94
N LEU A 42 -7.12 -4.12 -8.15
CA LEU A 42 -6.37 -3.39 -7.08
C LEU A 42 -5.85 -4.39 -6.07
N LYS A 43 -6.51 -5.50 -5.95
CA LYS A 43 -6.10 -6.52 -4.96
C LYS A 43 -4.78 -7.19 -5.39
N THR A 44 -4.24 -6.87 -6.55
CA THR A 44 -2.97 -7.54 -6.95
C THR A 44 -1.85 -6.53 -7.21
N LYS A 45 -2.17 -5.31 -7.59
CA LYS A 45 -1.09 -4.31 -7.82
C LYS A 45 -1.33 -3.09 -6.91
N CYS A 46 -2.49 -2.98 -6.36
CA CYS A 46 -2.79 -1.82 -5.45
C CYS A 46 -3.13 -2.34 -4.06
N GLN A 47 -2.71 -3.53 -3.75
CA GLN A 47 -3.00 -4.12 -2.42
C GLN A 47 -2.59 -3.14 -1.32
N ALA A 48 -1.48 -2.46 -1.49
CA ALA A 48 -1.02 -1.51 -0.43
C ALA A 48 -1.91 -0.26 -0.45
N THR A 49 -2.37 0.14 -1.60
CA THR A 49 -3.23 1.35 -1.66
C THR A 49 -4.52 1.10 -0.89
N CYS A 50 -4.94 -0.13 -0.80
CA CYS A 50 -6.21 -0.44 -0.07
C CYS A 50 -5.92 -1.23 1.21
N LEU A 51 -5.32 -2.39 1.09
CA LEU A 51 -5.04 -3.20 2.31
C LEU A 51 -4.11 -2.43 3.24
N CYS A 52 -3.19 -1.66 2.71
CA CYS A 52 -2.27 -0.89 3.58
C CYS A 52 -2.64 0.60 3.52
N GLU A 53 -3.53 1.02 4.36
CA GLU A 53 -3.95 2.45 4.37
C GLU A 53 -4.96 2.67 5.50
N ASP A 54 -4.50 3.08 6.64
CA ASP A 54 -5.44 3.32 7.78
C ASP A 54 -6.30 2.07 8.00
N LYS A 55 -5.69 0.92 8.10
CA LYS A 55 -6.47 -0.32 8.32
C LYS A 55 -6.49 -0.65 9.81
N ILE A 56 -7.63 -0.92 10.36
CA ILE A 56 -7.70 -1.24 11.81
C ILE A 56 -7.85 -2.76 12.00
N HIS A 57 -7.07 -3.33 12.86
CA HIS A 57 -7.16 -4.80 13.10
C HIS A 57 -7.44 -5.52 11.78
N GLY A 1 10.90 -5.16 24.48
CA GLY A 1 11.06 -5.01 23.01
C GLY A 1 9.87 -5.64 22.29
N SER A 2 8.81 -4.91 22.12
CA SER A 2 7.61 -5.47 21.43
C SER A 2 7.83 -5.40 19.92
N CYS A 3 8.94 -4.87 19.50
CA CYS A 3 9.21 -4.76 18.04
C CYS A 3 9.45 -6.16 17.45
N ALA A 4 8.76 -7.15 17.95
CA ALA A 4 8.96 -8.52 17.43
C ALA A 4 8.70 -8.55 15.91
N SER A 5 7.70 -7.84 15.46
CA SER A 5 7.40 -7.83 14.00
C SER A 5 8.57 -7.20 13.25
N CYS A 6 9.16 -6.16 13.79
CA CYS A 6 10.30 -5.49 13.10
C CYS A 6 11.40 -5.17 14.11
N PRO A 7 12.16 -6.16 14.51
CA PRO A 7 13.26 -5.98 15.50
C PRO A 7 14.42 -5.13 14.95
N ASN A 8 14.62 -5.14 13.67
CA ASN A 8 15.74 -4.33 13.10
C ASN A 8 15.23 -2.98 12.58
N ASN A 9 13.97 -2.69 12.78
CA ASN A 9 13.43 -1.38 12.30
C ASN A 9 12.44 -0.82 13.32
N CYS A 10 12.86 -0.67 14.55
CA CYS A 10 11.94 -0.13 15.59
C CYS A 10 12.37 1.29 15.96
N GLU A 11 11.46 2.22 15.90
CA GLU A 11 11.80 3.63 16.27
C GLU A 11 10.82 4.12 17.34
N ASN A 12 11.05 5.28 17.89
CA ASN A 12 10.13 5.79 18.93
C ASN A 12 8.68 5.54 18.49
N GLY A 13 8.47 5.29 17.23
CA GLY A 13 7.10 5.03 16.73
C GLY A 13 7.00 3.58 16.26
N LEU A 14 7.26 2.64 17.13
CA LEU A 14 7.19 1.21 16.73
C LEU A 14 7.73 1.04 15.31
N CYS A 15 7.29 0.02 14.61
CA CYS A 15 7.79 -0.19 13.23
C CYS A 15 7.49 1.05 12.38
N THR A 16 8.35 1.36 11.45
CA THR A 16 8.10 2.55 10.59
C THR A 16 7.25 2.16 9.38
N ASN A 17 6.96 0.89 9.22
CA ASN A 17 6.14 0.45 8.07
C ASN A 17 4.71 0.15 8.54
N SER A 18 3.77 0.95 8.12
CA SER A 18 2.36 0.70 8.55
C SER A 18 1.65 -0.09 7.45
N CYS A 19 2.35 -0.38 6.38
CA CYS A 19 1.71 -1.14 5.26
C CYS A 19 2.54 -2.39 4.94
N ASP A 20 1.90 -3.51 4.75
CA ASP A 20 2.63 -4.76 4.41
C ASP A 20 2.53 -5.01 2.91
N PHE A 21 1.96 -4.08 2.20
CA PHE A 21 1.80 -4.23 0.73
C PHE A 21 2.45 -3.06 -0.01
N GLU A 22 2.70 -3.22 -1.28
CA GLU A 22 3.31 -2.10 -2.06
C GLU A 22 2.48 -1.91 -3.34
N ASP A 23 2.23 -0.68 -3.73
CA ASP A 23 1.43 -0.46 -4.96
C ASP A 23 2.30 -0.69 -6.18
N LEU A 24 1.99 -1.70 -6.97
CA LEU A 24 2.79 -1.97 -8.18
C LEU A 24 2.68 -0.77 -9.12
N LEU A 25 1.58 -0.08 -9.08
CA LEU A 25 1.40 1.11 -9.97
C LEU A 25 1.50 2.38 -9.12
N SER A 26 2.04 3.43 -9.67
CA SER A 26 2.17 4.70 -8.89
C SER A 26 0.84 5.47 -8.94
N ASN A 27 -0.13 4.96 -9.67
CA ASN A 27 -1.44 5.67 -9.75
C ASN A 27 -2.52 4.78 -9.15
N CYS A 28 -2.17 3.93 -8.22
CA CYS A 28 -3.19 3.03 -7.60
C CYS A 28 -4.33 3.85 -7.02
N GLU A 29 -4.03 4.91 -6.33
CA GLU A 29 -5.12 5.73 -5.74
C GLU A 29 -6.01 6.22 -6.88
N SER A 30 -5.41 6.57 -7.99
CA SER A 30 -6.22 7.03 -9.15
C SER A 30 -7.10 5.88 -9.63
N LEU A 31 -6.56 4.68 -9.66
CA LEU A 31 -7.37 3.51 -10.11
C LEU A 31 -8.48 3.25 -9.09
N LYS A 32 -8.22 3.50 -7.84
CA LYS A 32 -9.27 3.25 -6.80
C LYS A 32 -10.52 4.05 -7.15
N THR A 33 -10.36 5.30 -7.46
CA THR A 33 -11.55 6.12 -7.82
C THR A 33 -12.16 5.58 -9.11
N SER A 34 -11.34 5.25 -10.07
CA SER A 34 -11.87 4.72 -11.36
C SER A 34 -12.40 3.30 -11.14
N ALA A 35 -11.74 2.54 -10.30
CA ALA A 35 -12.21 1.15 -10.05
C ALA A 35 -12.64 1.01 -8.59
N GLY A 36 -11.74 0.56 -7.74
CA GLY A 36 -12.10 0.39 -6.31
C GLY A 36 -11.06 -0.50 -5.65
N CYS A 37 -10.58 -0.12 -4.49
CA CYS A 37 -9.57 -0.94 -3.79
C CYS A 37 -10.11 -2.36 -3.60
N LYS A 38 -11.35 -2.48 -3.23
CA LYS A 38 -11.94 -3.84 -3.04
C LYS A 38 -11.86 -4.60 -4.37
N HIS A 39 -11.89 -3.89 -5.47
CA HIS A 39 -11.82 -4.56 -6.79
C HIS A 39 -10.68 -5.59 -6.81
N GLU A 40 -10.86 -6.67 -7.53
CA GLU A 40 -9.79 -7.71 -7.59
C GLU A 40 -8.54 -7.17 -8.27
N LEU A 41 -8.70 -6.39 -9.31
CA LEU A 41 -7.51 -5.84 -10.02
C LEU A 41 -6.62 -5.09 -9.04
N LEU A 42 -7.19 -4.21 -8.25
CA LEU A 42 -6.36 -3.48 -7.26
C LEU A 42 -5.84 -4.47 -6.22
N LYS A 43 -6.53 -5.56 -6.06
CA LYS A 43 -6.09 -6.57 -5.07
C LYS A 43 -4.82 -7.28 -5.52
N THR A 44 -4.32 -7.02 -6.71
CA THR A 44 -3.09 -7.72 -7.16
C THR A 44 -1.93 -6.73 -7.41
N LYS A 45 -2.22 -5.54 -7.87
CA LYS A 45 -1.10 -4.55 -8.10
C LYS A 45 -1.28 -3.35 -7.17
N CYS A 46 -2.47 -3.18 -6.65
CA CYS A 46 -2.70 -2.04 -5.70
C CYS A 46 -3.04 -2.60 -4.33
N GLN A 47 -2.48 -3.73 -4.01
CA GLN A 47 -2.75 -4.37 -2.68
C GLN A 47 -2.46 -3.40 -1.54
N ALA A 48 -1.46 -2.57 -1.68
CA ALA A 48 -1.15 -1.61 -0.59
C ALA A 48 -2.20 -0.50 -0.55
N THR A 49 -2.65 -0.06 -1.68
CA THR A 49 -3.67 1.02 -1.68
C THR A 49 -5.00 0.47 -1.15
N CYS A 50 -5.21 -0.81 -1.25
CA CYS A 50 -6.49 -1.40 -0.76
C CYS A 50 -6.27 -2.10 0.59
N LEU A 51 -5.55 -3.19 0.58
CA LEU A 51 -5.32 -3.95 1.83
C LEU A 51 -4.63 -3.07 2.89
N CYS A 52 -3.79 -2.16 2.48
CA CYS A 52 -3.12 -1.29 3.48
C CYS A 52 -3.63 0.15 3.33
N GLU A 53 -4.27 0.66 4.33
CA GLU A 53 -4.79 2.05 4.25
C GLU A 53 -5.40 2.45 5.59
N ASP A 54 -5.85 1.47 6.34
CA ASP A 54 -6.46 1.78 7.66
C ASP A 54 -5.92 0.81 8.73
N LYS A 55 -4.91 0.05 8.39
CA LYS A 55 -4.34 -0.90 9.38
C LYS A 55 -3.03 -0.35 9.92
N ILE A 56 -2.91 -0.24 11.21
CA ILE A 56 -1.65 0.29 11.81
C ILE A 56 -0.60 -0.82 11.85
N HIS A 57 -0.96 -1.98 11.40
CA HIS A 57 0.02 -3.12 11.42
C HIS A 57 0.83 -3.11 10.13
N GLY A 1 11.42 6.90 -8.22
CA GLY A 1 12.29 6.18 -9.19
C GLY A 1 13.59 5.74 -8.49
N SER A 2 14.18 6.61 -7.72
CA SER A 2 15.44 6.25 -7.01
C SER A 2 15.11 5.54 -5.71
N CYS A 3 13.85 5.27 -5.46
CA CYS A 3 13.47 4.58 -4.20
C CYS A 3 12.82 3.23 -4.53
N ALA A 4 13.61 2.23 -4.77
CA ALA A 4 13.02 0.89 -5.10
C ALA A 4 12.30 0.33 -3.87
N SER A 5 12.88 0.44 -2.71
CA SER A 5 12.20 -0.08 -1.48
C SER A 5 10.88 0.66 -1.29
N CYS A 6 10.83 1.91 -1.66
CA CYS A 6 9.58 2.70 -1.51
C CYS A 6 9.27 3.42 -2.83
N PRO A 7 8.72 2.69 -3.78
CA PRO A 7 8.39 3.24 -5.12
C PRO A 7 7.45 4.46 -5.06
N ASN A 8 6.70 4.62 -4.01
CA ASN A 8 5.78 5.80 -3.93
C ASN A 8 5.80 6.38 -2.52
N ASN A 9 6.34 5.68 -1.58
CA ASN A 9 6.39 6.20 -0.19
C ASN A 9 7.66 7.03 0.01
N CYS A 10 8.44 7.20 -1.03
CA CYS A 10 9.68 8.01 -0.90
C CYS A 10 9.39 9.48 -1.23
N GLU A 11 8.80 10.20 -0.32
CA GLU A 11 8.50 11.63 -0.58
C GLU A 11 9.81 12.39 -0.78
N ASN A 12 10.83 12.01 -0.05
CA ASN A 12 12.15 12.69 -0.19
C ASN A 12 13.24 11.79 0.40
N GLY A 13 13.17 10.52 0.12
CA GLY A 13 14.20 9.59 0.68
C GLY A 13 13.61 8.90 1.90
N LEU A 14 12.51 9.39 2.40
CA LEU A 14 11.89 8.78 3.60
C LEU A 14 10.65 7.98 3.18
N CYS A 15 10.43 6.85 3.80
CA CYS A 15 9.25 6.03 3.44
C CYS A 15 8.03 6.51 4.22
N THR A 16 6.98 6.87 3.54
CA THR A 16 5.75 7.35 4.23
C THR A 16 4.62 6.37 3.93
N ASN A 17 3.86 6.01 4.93
CA ASN A 17 2.74 5.07 4.73
C ASN A 17 3.30 3.71 4.28
N SER A 18 4.40 3.32 4.85
CA SER A 18 5.01 2.02 4.48
C SER A 18 4.11 0.89 5.03
N CYS A 19 4.19 -0.27 4.46
CA CYS A 19 3.32 -1.39 4.96
C CYS A 19 3.72 -2.69 4.27
N ASP A 20 3.25 -3.80 4.79
CA ASP A 20 3.58 -5.11 4.17
C ASP A 20 3.20 -5.10 2.68
N PHE A 21 2.14 -4.41 2.34
CA PHE A 21 1.72 -4.36 0.92
C PHE A 21 2.37 -3.19 0.20
N GLU A 22 2.52 -3.28 -1.09
CA GLU A 22 3.14 -2.18 -1.86
C GLU A 22 2.33 -1.91 -3.13
N ASP A 23 2.24 -0.68 -3.53
CA ASP A 23 1.46 -0.35 -4.76
C ASP A 23 2.35 -0.59 -5.98
N LEU A 24 2.13 -1.66 -6.68
CA LEU A 24 2.95 -1.97 -7.87
C LEU A 24 2.79 -0.82 -8.89
N LEU A 25 1.65 -0.17 -8.90
CA LEU A 25 1.44 0.95 -9.86
C LEU A 25 1.29 2.27 -9.09
N SER A 26 1.74 3.35 -9.66
CA SER A 26 1.63 4.67 -8.95
C SER A 26 0.25 5.26 -9.20
N ASN A 27 -0.59 4.60 -9.95
CA ASN A 27 -1.95 5.13 -10.21
C ASN A 27 -2.96 4.40 -9.32
N CYS A 28 -2.49 3.64 -8.37
CA CYS A 28 -3.43 2.91 -7.48
C CYS A 28 -4.45 3.87 -6.90
N GLU A 29 -4.02 4.99 -6.39
CA GLU A 29 -5.00 5.95 -5.84
C GLU A 29 -5.93 6.40 -6.96
N SER A 30 -5.39 6.57 -8.14
CA SER A 30 -6.22 7.00 -9.30
C SER A 30 -7.14 5.85 -9.72
N LEU A 31 -6.63 4.66 -9.79
CA LEU A 31 -7.47 3.49 -10.21
C LEU A 31 -8.55 3.25 -9.16
N LYS A 32 -8.25 3.49 -7.92
CA LYS A 32 -9.27 3.26 -6.87
C LYS A 32 -10.49 4.14 -7.15
N THR A 33 -10.27 5.38 -7.48
CA THR A 33 -11.42 6.29 -7.76
C THR A 33 -12.09 5.85 -9.06
N SER A 34 -11.34 5.40 -10.02
CA SER A 34 -11.96 4.97 -11.32
C SER A 34 -12.45 3.52 -11.19
N ALA A 35 -11.85 2.76 -10.32
CA ALA A 35 -12.27 1.34 -10.16
C ALA A 35 -12.72 1.10 -8.71
N GLY A 36 -11.79 0.79 -7.84
CA GLY A 36 -12.16 0.53 -6.42
C GLY A 36 -11.11 -0.37 -5.78
N CYS A 37 -10.66 -0.04 -4.59
CA CYS A 37 -9.64 -0.87 -3.90
C CYS A 37 -10.20 -2.28 -3.71
N LYS A 38 -11.45 -2.39 -3.34
CA LYS A 38 -12.05 -3.73 -3.16
C LYS A 38 -11.99 -4.49 -4.49
N HIS A 39 -11.79 -3.77 -5.57
CA HIS A 39 -11.73 -4.42 -6.91
C HIS A 39 -10.62 -5.48 -6.90
N GLU A 40 -10.81 -6.53 -7.66
CA GLU A 40 -9.78 -7.62 -7.70
C GLU A 40 -8.49 -7.11 -8.35
N LEU A 41 -8.59 -6.34 -9.40
CA LEU A 41 -7.36 -5.85 -10.06
C LEU A 41 -6.49 -5.09 -9.07
N LEU A 42 -7.07 -4.26 -8.25
CA LEU A 42 -6.26 -3.52 -7.26
C LEU A 42 -5.72 -4.51 -6.22
N LYS A 43 -6.39 -5.62 -6.09
CA LYS A 43 -5.97 -6.65 -5.11
C LYS A 43 -4.67 -7.32 -5.55
N THR A 44 -4.18 -7.04 -6.73
CA THR A 44 -2.92 -7.72 -7.18
C THR A 44 -1.78 -6.72 -7.36
N LYS A 45 -2.05 -5.50 -7.75
CA LYS A 45 -0.93 -4.52 -7.92
C LYS A 45 -1.16 -3.34 -6.96
N CYS A 46 -2.38 -3.15 -6.52
CA CYS A 46 -2.68 -2.03 -5.59
C CYS A 46 -3.02 -2.61 -4.21
N GLN A 47 -2.46 -3.74 -3.91
CA GLN A 47 -2.73 -4.40 -2.61
C GLN A 47 -2.49 -3.44 -1.44
N ALA A 48 -1.54 -2.55 -1.57
CA ALA A 48 -1.27 -1.61 -0.44
C ALA A 48 -2.33 -0.50 -0.42
N THR A 49 -2.76 -0.07 -1.57
CA THR A 49 -3.79 1.01 -1.61
C THR A 49 -5.11 0.47 -1.09
N CYS A 50 -5.34 -0.81 -1.24
CA CYS A 50 -6.62 -1.40 -0.75
C CYS A 50 -6.41 -2.09 0.59
N LEU A 51 -5.61 -3.12 0.62
CA LEU A 51 -5.40 -3.87 1.89
C LEU A 51 -4.74 -2.98 2.95
N CYS A 52 -3.84 -2.10 2.59
CA CYS A 52 -3.19 -1.25 3.63
C CYS A 52 -3.67 0.21 3.49
N GLU A 53 -4.79 0.52 4.09
CA GLU A 53 -5.32 1.91 4.03
C GLU A 53 -6.62 1.97 4.82
N ASP A 54 -6.55 2.17 6.11
CA ASP A 54 -7.78 2.23 6.94
C ASP A 54 -8.56 0.93 6.76
N LYS A 55 -8.22 -0.08 7.52
CA LYS A 55 -8.93 -1.38 7.42
C LYS A 55 -9.89 -1.50 8.60
N ILE A 56 -11.11 -1.87 8.35
CA ILE A 56 -12.07 -1.98 9.47
C ILE A 56 -11.78 -3.25 10.28
N HIS A 57 -10.75 -3.97 9.93
CA HIS A 57 -10.41 -5.22 10.68
C HIS A 57 -9.02 -5.06 11.30
N GLY A 1 1.19 8.41 19.23
CA GLY A 1 2.66 8.20 19.40
C GLY A 1 3.06 6.87 18.75
N SER A 2 2.35 6.45 17.74
CA SER A 2 2.69 5.16 17.08
C SER A 2 3.80 5.38 16.06
N CYS A 3 4.36 6.57 16.00
CA CYS A 3 5.45 6.83 15.03
C CYS A 3 6.80 6.75 15.75
N ALA A 4 7.60 5.78 15.43
CA ALA A 4 8.92 5.64 16.09
C ALA A 4 9.94 5.11 15.08
N SER A 5 9.78 3.88 14.66
CA SER A 5 10.73 3.30 13.67
C SER A 5 10.74 4.17 12.41
N CYS A 6 9.63 4.79 12.11
CA CYS A 6 9.56 5.65 10.89
C CYS A 6 9.17 7.08 11.31
N PRO A 7 10.12 7.85 11.76
CA PRO A 7 9.86 9.25 12.21
C PRO A 7 9.44 10.18 11.07
N ASN A 8 9.79 9.85 9.85
CA ASN A 8 9.43 10.74 8.71
C ASN A 8 8.36 10.08 7.83
N ASN A 9 8.42 8.79 7.65
CA ASN A 9 7.41 8.12 6.76
C ASN A 9 6.15 7.75 7.55
N CYS A 10 6.08 8.08 8.81
CA CYS A 10 4.85 7.73 9.59
C CYS A 10 3.77 8.79 9.34
N GLU A 11 3.00 8.63 8.30
CA GLU A 11 1.92 9.63 8.01
C GLU A 11 0.98 9.72 9.20
N ASN A 12 0.71 8.61 9.83
CA ASN A 12 -0.19 8.62 11.02
C ASN A 12 0.07 7.36 11.84
N GLY A 13 1.32 7.04 12.04
CA GLY A 13 1.66 5.82 12.82
C GLY A 13 1.88 4.65 11.85
N LEU A 14 1.72 4.89 10.58
CA LEU A 14 1.91 3.80 9.58
C LEU A 14 3.14 4.09 8.74
N CYS A 15 4.03 3.14 8.61
CA CYS A 15 5.25 3.36 7.78
C CYS A 15 4.90 3.17 6.30
N THR A 16 5.32 4.08 5.46
CA THR A 16 5.01 3.93 4.01
C THR A 16 6.20 3.31 3.30
N ASN A 17 7.30 3.16 3.99
CA ASN A 17 8.50 2.56 3.36
C ASN A 17 8.68 1.12 3.87
N SER A 18 7.80 0.67 4.72
CA SER A 18 7.92 -0.72 5.25
C SER A 18 6.54 -1.31 5.50
N CYS A 19 5.72 -1.41 4.49
CA CYS A 19 4.36 -1.98 4.69
C CYS A 19 4.31 -3.39 4.11
N ASP A 20 3.40 -4.19 4.56
CA ASP A 20 3.28 -5.58 4.04
C ASP A 20 2.97 -5.55 2.54
N PHE A 21 2.30 -4.53 2.09
CA PHE A 21 1.94 -4.45 0.64
C PHE A 21 2.65 -3.27 -0.03
N GLU A 22 2.73 -3.32 -1.33
CA GLU A 22 3.38 -2.20 -2.08
C GLU A 22 2.54 -1.89 -3.31
N ASP A 23 2.31 -0.64 -3.59
CA ASP A 23 1.51 -0.29 -4.80
C ASP A 23 2.34 -0.52 -6.05
N LEU A 24 2.09 -1.60 -6.74
CA LEU A 24 2.87 -1.90 -7.97
C LEU A 24 2.73 -0.73 -8.96
N LEU A 25 1.62 -0.04 -8.92
CA LEU A 25 1.42 1.10 -9.86
C LEU A 25 1.48 2.42 -9.06
N SER A 26 2.02 3.44 -9.66
CA SER A 26 2.11 4.75 -8.94
C SER A 26 0.77 5.49 -9.06
N ASN A 27 -0.17 4.92 -9.76
CA ASN A 27 -1.49 5.58 -9.91
C ASN A 27 -2.57 4.70 -9.28
N CYS A 28 -2.21 3.92 -8.28
CA CYS A 28 -3.22 3.05 -7.63
C CYS A 28 -4.35 3.90 -7.05
N GLU A 29 -4.03 4.99 -6.42
CA GLU A 29 -5.10 5.85 -5.87
C GLU A 29 -6.00 6.28 -7.02
N SER A 30 -5.42 6.53 -8.16
CA SER A 30 -6.23 6.93 -9.35
C SER A 30 -7.14 5.77 -9.74
N LEU A 31 -6.65 4.57 -9.70
CA LEU A 31 -7.50 3.40 -10.08
C LEU A 31 -8.58 3.19 -9.02
N LYS A 32 -8.26 3.44 -7.78
CA LYS A 32 -9.27 3.26 -6.70
C LYS A 32 -10.49 4.13 -6.99
N THR A 33 -10.27 5.35 -7.38
CA THR A 33 -11.41 6.26 -7.68
C THR A 33 -12.24 5.68 -8.83
N SER A 34 -11.61 5.04 -9.77
CA SER A 34 -12.37 4.46 -10.92
C SER A 34 -12.58 2.96 -10.74
N ALA A 35 -11.54 2.20 -10.62
CA ALA A 35 -11.69 0.73 -10.46
C ALA A 35 -12.32 0.40 -9.10
N GLY A 36 -11.82 1.01 -8.05
CA GLY A 36 -12.39 0.73 -6.70
C GLY A 36 -11.48 -0.24 -5.96
N CYS A 37 -11.28 -0.03 -4.68
CA CYS A 37 -10.39 -0.94 -3.90
C CYS A 37 -11.03 -2.33 -3.78
N LYS A 38 -12.33 -2.40 -3.83
CA LYS A 38 -12.99 -3.73 -3.71
C LYS A 38 -12.85 -4.46 -5.05
N HIS A 39 -12.13 -3.88 -5.96
CA HIS A 39 -11.92 -4.53 -7.28
C HIS A 39 -10.76 -5.51 -7.17
N GLU A 40 -10.93 -6.70 -7.68
CA GLU A 40 -9.83 -7.72 -7.59
C GLU A 40 -8.55 -7.18 -8.20
N LEU A 41 -8.64 -6.39 -9.24
CA LEU A 41 -7.40 -5.87 -9.88
C LEU A 41 -6.54 -5.13 -8.85
N LEU A 42 -7.11 -4.23 -8.09
CA LEU A 42 -6.30 -3.49 -7.08
C LEU A 42 -5.77 -4.49 -6.05
N LYS A 43 -6.43 -5.61 -5.93
CA LYS A 43 -6.02 -6.63 -4.92
C LYS A 43 -4.73 -7.34 -5.37
N THR A 44 -4.18 -7.02 -6.51
CA THR A 44 -2.94 -7.72 -6.94
C THR A 44 -1.79 -6.72 -7.19
N LYS A 45 -2.09 -5.52 -7.62
CA LYS A 45 -0.98 -4.52 -7.85
C LYS A 45 -1.18 -3.32 -6.93
N CYS A 46 -2.39 -3.10 -6.48
CA CYS A 46 -2.66 -1.95 -5.57
C CYS A 46 -3.02 -2.48 -4.18
N GLN A 47 -2.54 -3.65 -3.85
CA GLN A 47 -2.85 -4.25 -2.53
C GLN A 47 -2.48 -3.26 -1.42
N ALA A 48 -1.43 -2.52 -1.59
CA ALA A 48 -1.03 -1.55 -0.53
C ALA A 48 -1.99 -0.36 -0.50
N THR A 49 -2.44 0.07 -1.64
CA THR A 49 -3.38 1.23 -1.65
C THR A 49 -4.68 0.86 -0.92
N CYS A 50 -5.04 -0.39 -0.94
CA CYS A 50 -6.29 -0.81 -0.26
C CYS A 50 -5.96 -1.51 1.06
N LEU A 51 -5.24 -2.59 1.00
CA LEU A 51 -4.89 -3.33 2.25
C LEU A 51 -3.98 -2.47 3.14
N CYS A 52 -3.11 -1.69 2.56
CA CYS A 52 -2.21 -0.83 3.39
C CYS A 52 -2.72 0.60 3.37
N GLU A 53 -3.43 1.00 4.39
CA GLU A 53 -3.96 2.38 4.46
C GLU A 53 -4.70 2.57 5.78
N ASP A 54 -4.91 1.49 6.49
CA ASP A 54 -5.62 1.59 7.79
C ASP A 54 -5.51 0.25 8.53
N LYS A 55 -5.00 0.26 9.73
CA LYS A 55 -4.88 -1.01 10.50
C LYS A 55 -5.97 -1.05 11.57
N ILE A 56 -6.76 -2.08 11.58
CA ILE A 56 -7.84 -2.17 12.60
C ILE A 56 -7.26 -2.61 13.94
N HIS A 57 -5.97 -2.80 14.00
CA HIS A 57 -5.34 -3.23 15.27
C HIS A 57 -6.16 -4.37 15.89
N GLY A 1 14.30 -5.93 -1.11
CA GLY A 1 15.69 -6.46 -1.22
C GLY A 1 16.63 -5.35 -1.68
N SER A 2 16.93 -5.29 -2.94
CA SER A 2 17.83 -4.24 -3.44
C SER A 2 17.16 -2.86 -3.27
N CYS A 3 17.94 -1.82 -3.21
CA CYS A 3 17.36 -0.46 -3.03
C CYS A 3 16.41 -0.14 -4.19
N ALA A 4 16.56 -0.82 -5.30
CA ALA A 4 15.66 -0.54 -6.46
C ALA A 4 14.22 -0.81 -6.04
N SER A 5 14.01 -1.74 -5.15
CA SER A 5 12.61 -2.04 -4.70
C SER A 5 11.99 -0.78 -4.09
N CYS A 6 12.77 -0.03 -3.36
CA CYS A 6 12.23 1.21 -2.73
C CYS A 6 13.15 2.39 -3.05
N PRO A 7 13.01 2.97 -4.21
CA PRO A 7 13.84 4.12 -4.64
C PRO A 7 13.48 5.41 -3.89
N ASN A 8 12.27 5.52 -3.42
CA ASN A 8 11.86 6.75 -2.68
C ASN A 8 12.15 6.56 -1.18
N ASN A 9 12.60 5.39 -0.80
CA ASN A 9 12.88 5.16 0.65
C ASN A 9 13.95 4.08 0.81
N CYS A 10 15.18 4.48 1.04
CA CYS A 10 16.26 3.46 1.22
C CYS A 10 17.13 3.85 2.42
N GLU A 11 17.43 2.90 3.26
CA GLU A 11 18.27 3.20 4.46
C GLU A 11 19.19 2.02 4.72
N ASN A 12 20.47 2.20 4.52
CA ASN A 12 21.43 1.09 4.75
C ASN A 12 21.04 -0.11 3.88
N GLY A 13 20.38 0.14 2.77
CA GLY A 13 19.99 -0.98 1.87
C GLY A 13 18.73 -1.65 2.40
N LEU A 14 18.07 -1.04 3.35
CA LEU A 14 16.82 -1.66 3.91
C LEU A 14 15.61 -0.81 3.52
N CYS A 15 14.55 -1.45 3.07
CA CYS A 15 13.34 -0.67 2.68
C CYS A 15 12.67 -0.13 3.94
N THR A 16 12.05 1.02 3.85
CA THR A 16 11.38 1.61 5.04
C THR A 16 9.86 1.44 4.93
N ASN A 17 9.42 0.51 4.14
CA ASN A 17 7.95 0.30 3.98
C ASN A 17 7.38 -0.32 5.25
N SER A 18 6.45 0.34 5.88
CA SER A 18 5.85 -0.21 7.13
C SER A 18 4.67 -1.13 6.78
N CYS A 19 4.36 -1.27 5.52
CA CYS A 19 3.21 -2.15 5.15
C CYS A 19 3.74 -3.41 4.45
N ASP A 20 3.05 -4.51 4.59
CA ASP A 20 3.51 -5.77 3.96
C ASP A 20 3.52 -5.63 2.43
N PHE A 21 2.59 -4.89 1.87
CA PHE A 21 2.57 -4.74 0.38
C PHE A 21 2.77 -3.28 -0.01
N GLU A 22 3.19 -3.06 -1.23
CA GLU A 22 3.39 -1.67 -1.71
C GLU A 22 2.61 -1.51 -3.02
N ASP A 23 2.05 -0.34 -3.27
CA ASP A 23 1.28 -0.15 -4.52
C ASP A 23 2.19 -0.44 -5.70
N LEU A 24 1.97 -1.53 -6.37
CA LEU A 24 2.83 -1.88 -7.54
C LEU A 24 2.67 -0.79 -8.61
N LEU A 25 1.56 -0.10 -8.61
CA LEU A 25 1.36 1.00 -9.60
C LEU A 25 1.37 2.34 -8.88
N SER A 26 1.93 3.34 -9.50
CA SER A 26 1.99 4.68 -8.86
C SER A 26 0.66 5.41 -9.08
N ASN A 27 -0.24 4.78 -9.79
CA ASN A 27 -1.55 5.42 -10.04
C ASN A 27 -2.66 4.57 -9.41
N CYS A 28 -2.31 3.82 -8.40
CA CYS A 28 -3.33 2.96 -7.72
C CYS A 28 -4.49 3.82 -7.23
N GLU A 29 -4.20 4.93 -6.62
CA GLU A 29 -5.30 5.81 -6.14
C GLU A 29 -6.18 6.14 -7.34
N SER A 30 -5.57 6.34 -8.48
CA SER A 30 -6.36 6.64 -9.70
C SER A 30 -7.26 5.46 -10.01
N LEU A 31 -6.71 4.27 -9.98
CA LEU A 31 -7.53 3.06 -10.25
C LEU A 31 -8.58 2.95 -9.15
N LYS A 32 -8.23 3.35 -7.96
CA LYS A 32 -9.19 3.30 -6.83
C LYS A 32 -10.43 4.11 -7.17
N THR A 33 -10.24 5.34 -7.56
CA THR A 33 -11.38 6.21 -7.91
C THR A 33 -12.04 5.72 -9.20
N SER A 34 -11.26 5.23 -10.13
CA SER A 34 -11.84 4.76 -11.42
C SER A 34 -12.34 3.32 -11.27
N ALA A 35 -11.84 2.61 -10.29
CA ALA A 35 -12.28 1.20 -10.10
C ALA A 35 -12.77 1.02 -8.65
N GLY A 36 -11.87 0.80 -7.75
CA GLY A 36 -12.27 0.61 -6.33
C GLY A 36 -11.37 -0.43 -5.69
N CYS A 37 -10.97 -0.23 -4.47
CA CYS A 37 -10.09 -1.22 -3.80
C CYS A 37 -10.79 -2.58 -3.76
N LYS A 38 -12.07 -2.59 -3.51
CA LYS A 38 -12.79 -3.89 -3.48
C LYS A 38 -12.57 -4.60 -4.81
N HIS A 39 -12.25 -3.86 -5.84
CA HIS A 39 -12.01 -4.49 -7.17
C HIS A 39 -10.78 -5.40 -7.07
N GLU A 40 -10.83 -6.54 -7.70
CA GLU A 40 -9.68 -7.49 -7.64
C GLU A 40 -8.44 -6.89 -8.32
N LEU A 41 -8.63 -6.13 -9.36
CA LEU A 41 -7.44 -5.55 -10.06
C LEU A 41 -6.56 -4.82 -9.04
N LEU A 42 -7.14 -3.96 -8.25
CA LEU A 42 -6.34 -3.25 -7.21
C LEU A 42 -5.85 -4.25 -6.19
N LYS A 43 -6.56 -5.32 -6.03
CA LYS A 43 -6.18 -6.34 -5.03
C LYS A 43 -4.90 -7.07 -5.45
N THR A 44 -4.43 -6.88 -6.65
CA THR A 44 -3.19 -7.61 -7.07
C THR A 44 -1.99 -6.65 -7.19
N LYS A 45 -2.19 -5.42 -7.60
CA LYS A 45 -1.03 -4.48 -7.69
C LYS A 45 -1.23 -3.34 -6.70
N CYS A 46 -2.46 -3.04 -6.37
CA CYS A 46 -2.73 -1.94 -5.42
C CYS A 46 -2.98 -2.51 -4.02
N GLN A 47 -2.52 -3.71 -3.80
CA GLN A 47 -2.73 -4.35 -2.47
C GLN A 47 -2.36 -3.35 -1.36
N ALA A 48 -1.40 -2.51 -1.61
CA ALA A 48 -1.01 -1.52 -0.55
C ALA A 48 -2.04 -0.40 -0.48
N THR A 49 -2.44 0.12 -1.60
CA THR A 49 -3.46 1.21 -1.57
C THR A 49 -4.76 0.65 -1.00
N CYS A 50 -4.86 -0.65 -0.94
CA CYS A 50 -6.11 -1.28 -0.42
C CYS A 50 -5.82 -2.12 0.84
N LEU A 51 -5.05 -3.16 0.71
CA LEU A 51 -4.78 -4.01 1.90
C LEU A 51 -4.04 -3.22 3.00
N CYS A 52 -3.24 -2.25 2.63
CA CYS A 52 -2.52 -1.47 3.69
C CYS A 52 -3.54 -0.76 4.57
N GLU A 53 -3.26 0.45 4.95
CA GLU A 53 -4.20 1.23 5.82
C GLU A 53 -4.63 2.50 5.08
N ASP A 54 -4.88 2.39 3.81
CA ASP A 54 -5.29 3.59 3.02
C ASP A 54 -4.18 4.64 3.15
N LYS A 55 -3.16 4.35 3.92
CA LYS A 55 -2.04 5.32 4.09
C LYS A 55 -0.79 4.76 3.41
N ILE A 56 -0.07 5.59 2.71
CA ILE A 56 1.17 5.10 2.02
C ILE A 56 2.40 5.63 2.76
N HIS A 57 3.34 4.77 3.06
CA HIS A 57 4.55 5.23 3.78
C HIS A 57 5.56 4.08 3.89
N GLY A 1 21.46 -5.52 8.39
CA GLY A 1 21.87 -4.66 9.54
C GLY A 1 21.88 -3.19 9.09
N SER A 2 22.68 -2.87 8.11
CA SER A 2 22.73 -1.47 7.63
C SER A 2 21.42 -1.13 6.91
N CYS A 3 21.07 0.14 6.86
CA CYS A 3 19.80 0.52 6.18
C CYS A 3 20.09 0.94 4.74
N ALA A 4 19.15 0.74 3.86
CA ALA A 4 19.34 1.13 2.43
C ALA A 4 18.33 2.20 2.06
N SER A 5 17.21 1.81 1.53
CA SER A 5 16.16 2.81 1.15
C SER A 5 15.35 3.18 2.40
N CYS A 6 15.65 2.59 3.52
CA CYS A 6 14.88 2.91 4.75
C CYS A 6 15.85 3.35 5.85
N PRO A 7 16.40 4.53 5.72
CA PRO A 7 17.36 5.07 6.72
C PRO A 7 16.65 5.46 8.03
N ASN A 8 15.67 6.31 7.94
CA ASN A 8 14.94 6.72 9.17
C ASN A 8 13.78 5.74 9.40
N ASN A 9 13.61 4.80 8.52
CA ASN A 9 12.51 3.81 8.67
C ASN A 9 13.04 2.50 9.26
N CYS A 10 14.29 2.49 9.67
CA CYS A 10 14.85 1.25 10.25
C CYS A 10 14.33 1.05 11.68
N GLU A 11 13.55 0.04 11.90
CA GLU A 11 13.01 -0.21 13.26
C GLU A 11 13.08 -1.70 13.56
N ASN A 12 12.60 -2.13 14.69
CA ASN A 12 12.64 -3.59 15.01
C ASN A 12 12.09 -4.37 13.82
N GLY A 13 11.16 -3.80 13.10
CA GLY A 13 10.58 -4.51 11.93
C GLY A 13 11.46 -4.24 10.70
N LEU A 14 12.53 -3.52 10.87
CA LEU A 14 13.43 -3.23 9.72
C LEU A 14 12.62 -2.60 8.58
N CYS A 15 12.87 -1.34 8.30
CA CYS A 15 12.11 -0.67 7.20
C CYS A 15 10.61 -0.91 7.41
N THR A 16 9.93 0.01 8.05
CA THR A 16 8.48 -0.19 8.30
C THR A 16 7.65 0.78 7.44
N ASN A 17 8.28 1.51 6.57
CA ASN A 17 7.52 2.47 5.72
C ASN A 17 7.08 1.80 4.42
N SER A 18 7.37 0.54 4.25
CA SER A 18 6.97 -0.16 3.00
C SER A 18 5.58 -0.79 3.18
N CYS A 19 5.02 -0.67 4.36
CA CYS A 19 3.67 -1.26 4.61
C CYS A 19 3.69 -2.75 4.22
N ASP A 20 2.79 -3.52 4.75
CA ASP A 20 2.75 -4.97 4.41
C ASP A 20 2.62 -5.13 2.90
N PHE A 21 1.94 -4.22 2.26
CA PHE A 21 1.76 -4.31 0.78
C PHE A 21 2.40 -3.11 0.08
N GLU A 22 2.66 -3.24 -1.18
CA GLU A 22 3.26 -2.10 -1.94
C GLU A 22 2.45 -1.88 -3.22
N ASP A 23 2.28 -0.67 -3.63
CA ASP A 23 1.50 -0.42 -4.88
C ASP A 23 2.39 -0.66 -6.10
N LEU A 24 2.11 -1.69 -6.84
CA LEU A 24 2.92 -1.98 -8.06
C LEU A 24 2.75 -0.82 -9.04
N LEU A 25 1.62 -0.16 -9.00
CA LEU A 25 1.38 0.98 -9.93
C LEU A 25 1.36 2.29 -9.13
N SER A 26 1.92 3.34 -9.66
CA SER A 26 1.93 4.63 -8.92
C SER A 26 0.58 5.34 -9.14
N ASN A 27 -0.28 4.75 -9.91
CA ASN A 27 -1.61 5.38 -10.16
C ASN A 27 -2.68 4.61 -9.39
N CYS A 28 -2.28 3.84 -8.41
CA CYS A 28 -3.27 3.05 -7.63
C CYS A 28 -4.35 3.97 -7.06
N GLU A 29 -3.96 5.07 -6.49
CA GLU A 29 -4.99 5.99 -5.93
C GLU A 29 -5.93 6.38 -7.07
N SER A 30 -5.38 6.58 -8.23
CA SER A 30 -6.23 6.95 -9.40
C SER A 30 -7.13 5.77 -9.76
N LEU A 31 -6.60 4.58 -9.75
CA LEU A 31 -7.43 3.38 -10.10
C LEU A 31 -8.52 3.17 -9.04
N LYS A 32 -8.21 3.43 -7.79
CA LYS A 32 -9.23 3.22 -6.73
C LYS A 32 -10.46 4.06 -7.07
N THR A 33 -10.26 5.29 -7.45
CA THR A 33 -11.42 6.17 -7.80
C THR A 33 -12.08 5.65 -9.08
N SER A 34 -11.31 5.19 -10.03
CA SER A 34 -11.90 4.70 -11.30
C SER A 34 -12.36 3.25 -11.13
N ALA A 35 -11.90 2.58 -10.11
CA ALA A 35 -12.32 1.17 -9.89
C ALA A 35 -12.73 0.98 -8.43
N GLY A 36 -11.79 0.75 -7.57
CA GLY A 36 -12.13 0.56 -6.13
C GLY A 36 -11.16 -0.43 -5.50
N CYS A 37 -10.74 -0.18 -4.29
CA CYS A 37 -9.79 -1.11 -3.62
C CYS A 37 -10.42 -2.50 -3.54
N LYS A 38 -11.71 -2.57 -3.37
CA LYS A 38 -12.39 -3.91 -3.31
C LYS A 38 -12.19 -4.64 -4.64
N HIS A 39 -12.01 -3.91 -5.71
CA HIS A 39 -11.84 -4.56 -7.04
C HIS A 39 -10.63 -5.50 -7.00
N GLU A 40 -10.73 -6.62 -7.68
CA GLU A 40 -9.59 -7.60 -7.69
C GLU A 40 -8.36 -6.96 -8.36
N LEU A 41 -8.57 -6.18 -9.39
CA LEU A 41 -7.41 -5.55 -10.07
C LEU A 41 -6.51 -4.88 -9.02
N LEU A 42 -7.05 -4.01 -8.23
CA LEU A 42 -6.24 -3.34 -7.18
C LEU A 42 -5.75 -4.38 -6.19
N LYS A 43 -6.46 -5.46 -6.08
CA LYS A 43 -6.08 -6.54 -5.13
C LYS A 43 -4.82 -7.26 -5.60
N THR A 44 -4.30 -6.94 -6.76
CA THR A 44 -3.08 -7.66 -7.22
C THR A 44 -1.89 -6.69 -7.41
N LYS A 45 -2.13 -5.47 -7.79
CA LYS A 45 -0.99 -4.51 -7.95
C LYS A 45 -1.15 -3.36 -6.96
N CYS A 46 -2.37 -3.07 -6.57
CA CYS A 46 -2.61 -1.97 -5.61
C CYS A 46 -2.99 -2.57 -4.26
N GLN A 47 -2.47 -3.73 -3.97
CA GLN A 47 -2.79 -4.41 -2.69
C GLN A 47 -2.54 -3.45 -1.51
N ALA A 48 -1.53 -2.62 -1.61
CA ALA A 48 -1.24 -1.70 -0.48
C ALA A 48 -2.30 -0.59 -0.46
N THR A 49 -2.62 -0.03 -1.58
CA THR A 49 -3.64 1.05 -1.59
C THR A 49 -4.97 0.48 -1.08
N CYS A 50 -5.14 -0.81 -1.16
CA CYS A 50 -6.41 -1.43 -0.70
C CYS A 50 -6.18 -2.21 0.60
N LEU A 51 -5.26 -3.12 0.61
CA LEU A 51 -5.02 -3.95 1.83
C LEU A 51 -4.16 -3.21 2.88
N CYS A 52 -3.31 -2.30 2.48
CA CYS A 52 -2.46 -1.60 3.49
C CYS A 52 -3.35 -1.03 4.59
N GLU A 53 -4.64 -1.02 4.38
CA GLU A 53 -5.55 -0.47 5.42
C GLU A 53 -6.73 -1.43 5.62
N ASP A 54 -6.77 -2.50 4.87
CA ASP A 54 -7.90 -3.48 5.02
C ASP A 54 -9.22 -2.73 4.86
N LYS A 55 -9.18 -1.44 4.67
CA LYS A 55 -10.43 -0.65 4.52
C LYS A 55 -11.19 -0.67 5.85
N ILE A 56 -10.92 0.27 6.71
CA ILE A 56 -11.62 0.28 8.01
C ILE A 56 -13.05 0.80 7.82
N HIS A 57 -14.02 0.12 8.37
CA HIS A 57 -15.43 0.57 8.22
C HIS A 57 -16.25 0.11 9.43
N GLY A 1 22.20 3.15 -6.43
CA GLY A 1 21.65 2.60 -5.16
C GLY A 1 22.73 1.79 -4.44
N SER A 2 23.20 2.27 -3.32
CA SER A 2 24.25 1.52 -2.58
C SER A 2 23.60 0.46 -1.70
N CYS A 3 22.29 0.38 -1.70
CA CYS A 3 21.60 -0.64 -0.86
C CYS A 3 21.36 -1.90 -1.70
N ALA A 4 22.32 -2.78 -1.74
CA ALA A 4 22.15 -4.03 -2.53
C ALA A 4 21.09 -4.92 -1.88
N SER A 5 20.99 -4.89 -0.58
CA SER A 5 19.99 -5.76 0.12
C SER A 5 18.62 -5.05 0.13
N CYS A 6 18.57 -3.81 -0.27
CA CYS A 6 17.27 -3.08 -0.27
C CYS A 6 17.34 -1.91 -1.25
N PRO A 7 17.67 -2.19 -2.48
CA PRO A 7 17.77 -1.15 -3.55
C PRO A 7 16.44 -0.45 -3.81
N ASN A 8 15.36 -1.17 -3.75
CA ASN A 8 14.03 -0.55 -4.00
C ASN A 8 13.33 -0.24 -2.67
N ASN A 9 13.99 -0.45 -1.57
CA ASN A 9 13.35 -0.18 -0.26
C ASN A 9 14.36 0.38 0.73
N CYS A 10 15.26 1.22 0.28
CA CYS A 10 16.27 1.79 1.21
C CYS A 10 16.17 3.32 1.20
N GLU A 11 15.62 3.90 2.24
CA GLU A 11 15.50 5.38 2.28
C GLU A 11 16.89 6.01 2.36
N ASN A 12 17.77 5.40 3.11
CA ASN A 12 19.15 5.95 3.23
C ASN A 12 20.13 4.78 3.37
N GLY A 13 19.81 3.66 2.78
CA GLY A 13 20.70 2.48 2.89
C GLY A 13 20.11 1.51 3.93
N LEU A 14 19.05 1.91 4.57
CA LEU A 14 18.40 1.04 5.59
C LEU A 14 17.08 0.51 5.04
N CYS A 15 16.78 -0.74 5.28
CA CYS A 15 15.49 -1.30 4.77
C CYS A 15 14.35 -0.77 5.64
N THR A 16 13.42 -0.07 5.05
CA THR A 16 12.28 0.47 5.83
C THR A 16 10.97 -0.07 5.26
N ASN A 17 10.13 -0.62 6.10
CA ASN A 17 8.83 -1.16 5.63
C ASN A 17 7.72 -0.18 6.00
N SER A 18 7.16 0.50 5.03
CA SER A 18 6.07 1.46 5.34
C SER A 18 4.73 0.75 5.18
N CYS A 19 4.75 -0.48 4.76
CA CYS A 19 3.48 -1.22 4.57
C CYS A 19 3.76 -2.64 4.10
N ASP A 20 3.09 -3.61 4.66
CA ASP A 20 3.31 -5.02 4.23
C ASP A 20 3.06 -5.12 2.73
N PHE A 21 2.17 -4.31 2.22
CA PHE A 21 1.85 -4.37 0.76
C PHE A 21 2.54 -3.22 0.04
N GLU A 22 2.73 -3.36 -1.24
CA GLU A 22 3.39 -2.27 -2.03
C GLU A 22 2.54 -1.99 -3.28
N ASP A 23 2.38 -0.75 -3.63
CA ASP A 23 1.56 -0.44 -4.84
C ASP A 23 2.40 -0.67 -6.10
N LEU A 24 2.13 -1.73 -6.80
CA LEU A 24 2.90 -2.02 -8.04
C LEU A 24 2.70 -0.87 -9.04
N LEU A 25 1.58 -0.19 -8.98
CA LEU A 25 1.33 0.94 -9.92
C LEU A 25 1.50 2.27 -9.17
N SER A 26 1.99 3.27 -9.84
CA SER A 26 2.18 4.59 -9.18
C SER A 26 0.86 5.37 -9.22
N ASN A 27 -0.15 4.82 -9.84
CA ASN A 27 -1.46 5.53 -9.91
C ASN A 27 -2.54 4.69 -9.22
N CYS A 28 -2.15 3.90 -8.27
CA CYS A 28 -3.15 3.05 -7.55
C CYS A 28 -4.24 3.92 -6.95
N GLU A 29 -3.89 5.03 -6.37
CA GLU A 29 -4.91 5.92 -5.78
C GLU A 29 -5.89 6.32 -6.88
N SER A 30 -5.38 6.52 -8.06
CA SER A 30 -6.26 6.90 -9.21
C SER A 30 -7.22 5.75 -9.52
N LEU A 31 -6.73 4.54 -9.49
CA LEU A 31 -7.60 3.37 -9.80
C LEU A 31 -8.68 3.21 -8.74
N LYS A 32 -8.35 3.49 -7.50
CA LYS A 32 -9.37 3.35 -6.42
C LYS A 32 -10.57 4.24 -6.73
N THR A 33 -10.32 5.43 -7.20
CA THR A 33 -11.43 6.35 -7.53
C THR A 33 -12.15 5.87 -8.79
N SER A 34 -11.55 4.99 -9.54
CA SER A 34 -12.20 4.50 -10.78
C SER A 34 -12.57 3.02 -10.64
N ALA A 35 -11.59 2.15 -10.70
CA ALA A 35 -11.87 0.69 -10.57
C ALA A 35 -12.45 0.39 -9.19
N GLY A 36 -11.90 0.97 -8.16
CA GLY A 36 -12.42 0.70 -6.79
C GLY A 36 -11.50 -0.31 -6.10
N CYS A 37 -11.29 -0.17 -4.82
CA CYS A 37 -10.41 -1.11 -4.09
C CYS A 37 -11.05 -2.51 -4.05
N LYS A 38 -12.32 -2.57 -3.80
CA LYS A 38 -13.00 -3.90 -3.76
C LYS A 38 -12.71 -4.65 -5.06
N HIS A 39 -12.29 -3.95 -6.07
CA HIS A 39 -11.98 -4.62 -7.37
C HIS A 39 -10.75 -5.52 -7.21
N GLU A 40 -10.82 -6.72 -7.71
CA GLU A 40 -9.67 -7.66 -7.58
C GLU A 40 -8.43 -7.06 -8.24
N LEU A 41 -8.58 -6.33 -9.31
CA LEU A 41 -7.38 -5.74 -9.98
C LEU A 41 -6.51 -5.02 -8.97
N LEU A 42 -7.07 -4.13 -8.18
CA LEU A 42 -6.24 -3.42 -7.17
C LEU A 42 -5.75 -4.42 -6.13
N LYS A 43 -6.48 -5.47 -5.94
CA LYS A 43 -6.09 -6.49 -4.93
C LYS A 43 -4.83 -7.24 -5.37
N THR A 44 -4.28 -6.93 -6.52
CA THR A 44 -3.06 -7.67 -6.95
C THR A 44 -1.89 -6.71 -7.20
N LYS A 45 -2.12 -5.52 -7.69
CA LYS A 45 -0.99 -4.56 -7.91
C LYS A 45 -1.16 -3.35 -6.99
N CYS A 46 -2.35 -3.12 -6.52
CA CYS A 46 -2.58 -1.95 -5.61
C CYS A 46 -2.95 -2.48 -4.22
N GLN A 47 -2.52 -3.65 -3.91
CA GLN A 47 -2.84 -4.24 -2.57
C GLN A 47 -2.47 -3.27 -1.45
N ALA A 48 -1.39 -2.55 -1.60
CA ALA A 48 -1.00 -1.59 -0.53
C ALA A 48 -1.93 -0.38 -0.52
N THR A 49 -2.41 0.03 -1.65
CA THR A 49 -3.32 1.20 -1.69
C THR A 49 -4.64 0.84 -0.99
N CYS A 50 -5.02 -0.40 -1.05
CA CYS A 50 -6.30 -0.84 -0.40
C CYS A 50 -6.00 -1.53 0.93
N LEU A 51 -5.32 -2.64 0.88
CA LEU A 51 -5.01 -3.37 2.15
C LEU A 51 -4.14 -2.49 3.05
N CYS A 52 -3.33 -1.65 2.48
CA CYS A 52 -2.47 -0.75 3.31
C CYS A 52 -2.72 0.70 2.90
N GLU A 53 -1.87 1.60 3.33
CA GLU A 53 -2.06 3.03 2.97
C GLU A 53 -0.97 3.88 3.63
N ASP A 54 0.21 3.88 3.08
CA ASP A 54 1.31 4.71 3.67
C ASP A 54 1.27 4.61 5.20
N LYS A 55 1.74 3.52 5.75
CA LYS A 55 1.73 3.37 7.23
C LYS A 55 3.15 3.52 7.78
N ILE A 56 3.32 4.37 8.75
CA ILE A 56 4.68 4.56 9.33
C ILE A 56 4.76 3.85 10.70
N HIS A 57 5.75 3.04 10.91
CA HIS A 57 5.87 2.32 12.21
C HIS A 57 4.50 1.75 12.60
N GLY A 1 15.92 -5.73 12.64
CA GLY A 1 15.31 -5.52 11.29
C GLY A 1 16.29 -5.99 10.21
N SER A 2 16.68 -7.24 10.25
CA SER A 2 17.64 -7.76 9.23
C SER A 2 16.99 -7.70 7.85
N CYS A 3 17.78 -7.58 6.82
CA CYS A 3 17.22 -7.52 5.43
C CYS A 3 16.46 -8.81 5.11
N ALA A 4 16.64 -9.83 5.88
CA ALA A 4 15.92 -11.11 5.60
C ALA A 4 14.41 -10.86 5.61
N SER A 5 13.96 -9.89 6.37
CA SER A 5 12.51 -9.60 6.42
C SER A 5 12.10 -8.79 5.18
N CYS A 6 13.05 -8.39 4.38
CA CYS A 6 12.72 -7.61 3.16
C CYS A 6 13.47 -8.22 1.97
N PRO A 7 12.97 -9.31 1.47
CA PRO A 7 13.59 -10.04 0.32
C PRO A 7 13.73 -9.14 -0.93
N ASN A 8 12.94 -8.11 -1.02
CA ASN A 8 13.02 -7.23 -2.22
C ASN A 8 12.93 -5.76 -1.81
N ASN A 9 13.09 -5.46 -0.55
CA ASN A 9 13.01 -4.04 -0.12
C ASN A 9 14.15 -3.72 0.85
N CYS A 10 15.37 -3.89 0.42
CA CYS A 10 16.53 -3.58 1.31
C CYS A 10 17.39 -2.50 0.65
N GLU A 11 17.98 -1.65 1.45
CA GLU A 11 18.84 -0.57 0.89
C GLU A 11 20.27 -0.77 1.37
N ASN A 12 20.63 -0.12 2.45
CA ASN A 12 22.01 -0.28 2.98
C ASN A 12 22.04 -1.46 3.95
N GLY A 13 21.06 -2.32 3.86
CA GLY A 13 21.00 -3.49 4.78
C GLY A 13 19.90 -3.25 5.80
N LEU A 14 19.18 -2.17 5.65
CA LEU A 14 18.08 -1.85 6.59
C LEU A 14 16.74 -2.17 5.92
N CYS A 15 15.75 -2.54 6.68
CA CYS A 15 14.43 -2.87 6.09
C CYS A 15 13.63 -1.57 5.86
N THR A 16 13.20 -1.33 4.65
CA THR A 16 12.44 -0.09 4.36
C THR A 16 10.98 -0.43 4.04
N ASN A 17 10.57 -1.65 4.27
CA ASN A 17 9.16 -2.03 3.98
C ASN A 17 8.28 -1.78 5.20
N SER A 18 7.51 -0.73 5.18
CA SER A 18 6.62 -0.43 6.34
C SER A 18 5.24 -1.02 6.08
N CYS A 19 5.02 -1.58 4.92
CA CYS A 19 3.69 -2.16 4.60
C CYS A 19 3.86 -3.59 4.07
N ASP A 20 2.92 -4.44 4.36
CA ASP A 20 3.00 -5.85 3.87
C ASP A 20 2.95 -5.84 2.33
N PHE A 21 2.15 -4.98 1.76
CA PHE A 21 2.05 -4.92 0.28
C PHE A 21 2.45 -3.55 -0.23
N GLU A 22 2.84 -3.45 -1.47
CA GLU A 22 3.24 -2.12 -2.02
C GLU A 22 2.44 -1.87 -3.30
N ASP A 23 2.15 -0.64 -3.60
CA ASP A 23 1.37 -0.34 -4.82
C ASP A 23 2.26 -0.61 -6.04
N LEU A 24 1.99 -1.68 -6.74
CA LEU A 24 2.82 -2.00 -7.94
C LEU A 24 2.71 -0.86 -8.95
N LEU A 25 1.63 -0.12 -8.92
CA LEU A 25 1.46 1.01 -9.88
C LEU A 25 1.53 2.34 -9.12
N SER A 26 2.03 3.37 -9.75
CA SER A 26 2.11 4.69 -9.06
C SER A 26 0.78 5.44 -9.20
N ASN A 27 -0.16 4.86 -9.90
CA ASN A 27 -1.47 5.53 -10.07
C ASN A 27 -2.54 4.70 -9.35
N CYS A 28 -2.14 3.87 -8.44
CA CYS A 28 -3.12 3.02 -7.71
C CYS A 28 -4.21 3.87 -7.07
N GLU A 29 -3.86 4.94 -6.42
CA GLU A 29 -4.91 5.79 -5.81
C GLU A 29 -5.87 6.24 -6.91
N SER A 30 -5.34 6.50 -8.08
CA SER A 30 -6.20 6.92 -9.21
C SER A 30 -7.14 5.78 -9.60
N LEU A 31 -6.64 4.57 -9.59
CA LEU A 31 -7.49 3.40 -9.97
C LEU A 31 -8.59 3.19 -8.93
N LYS A 32 -8.31 3.46 -7.68
CA LYS A 32 -9.36 3.25 -6.64
C LYS A 32 -10.60 4.07 -7.02
N THR A 33 -10.41 5.27 -7.48
CA THR A 33 -11.57 6.11 -7.86
C THR A 33 -12.17 5.62 -9.19
N SER A 34 -11.34 5.11 -10.06
CA SER A 34 -11.88 4.61 -11.37
C SER A 34 -12.23 3.13 -11.27
N ALA A 35 -11.70 2.44 -10.30
CA ALA A 35 -12.01 0.99 -10.17
C ALA A 35 -12.60 0.74 -8.78
N GLY A 36 -11.78 0.55 -7.79
CA GLY A 36 -12.30 0.30 -6.42
C GLY A 36 -11.39 -0.68 -5.69
N CYS A 37 -11.24 -0.54 -4.41
CA CYS A 37 -10.37 -1.47 -3.63
C CYS A 37 -10.91 -2.90 -3.76
N LYS A 38 -12.20 -3.06 -3.62
CA LYS A 38 -12.77 -4.43 -3.74
C LYS A 38 -12.44 -4.99 -5.12
N HIS A 39 -12.21 -4.15 -6.09
CA HIS A 39 -11.87 -4.66 -7.44
C HIS A 39 -10.65 -5.57 -7.31
N GLU A 40 -10.75 -6.77 -7.80
CA GLU A 40 -9.60 -7.72 -7.70
C GLU A 40 -8.34 -7.09 -8.29
N LEU A 41 -8.47 -6.30 -9.31
CA LEU A 41 -7.26 -5.68 -9.93
C LEU A 41 -6.48 -4.92 -8.86
N LEU A 42 -7.13 -4.12 -8.06
CA LEU A 42 -6.39 -3.36 -7.00
C LEU A 42 -5.87 -4.33 -5.96
N LYS A 43 -6.53 -5.43 -5.78
CA LYS A 43 -6.09 -6.42 -4.77
C LYS A 43 -4.82 -7.14 -5.23
N THR A 44 -4.32 -6.86 -6.41
CA THR A 44 -3.08 -7.57 -6.85
C THR A 44 -1.94 -6.60 -7.17
N LYS A 45 -2.23 -5.34 -7.40
CA LYS A 45 -1.12 -4.37 -7.67
C LYS A 45 -1.34 -3.10 -6.83
N CYS A 46 -2.52 -2.92 -6.31
CA CYS A 46 -2.81 -1.72 -5.47
C CYS A 46 -3.16 -2.17 -4.05
N GLN A 47 -2.74 -3.35 -3.70
CA GLN A 47 -3.05 -3.87 -2.34
C GLN A 47 -2.61 -2.86 -1.28
N ALA A 48 -1.47 -2.24 -1.48
CA ALA A 48 -1.01 -1.24 -0.47
C ALA A 48 -1.87 0.02 -0.54
N THR A 49 -2.37 0.34 -1.70
CA THR A 49 -3.22 1.55 -1.83
C THR A 49 -4.52 1.32 -1.07
N CYS A 50 -4.92 0.08 -0.93
CA CYS A 50 -6.18 -0.22 -0.20
C CYS A 50 -5.92 -1.13 1.01
N LEU A 51 -5.32 -2.27 0.79
CA LEU A 51 -5.07 -3.19 1.93
C LEU A 51 -4.10 -2.55 2.94
N CYS A 52 -3.17 -1.76 2.49
CA CYS A 52 -2.23 -1.12 3.46
C CYS A 52 -2.41 0.41 3.42
N GLU A 53 -3.22 0.94 4.31
CA GLU A 53 -3.43 2.41 4.34
C GLU A 53 -4.32 2.75 5.54
N ASP A 54 -5.40 3.44 5.32
CA ASP A 54 -6.30 3.80 6.45
C ASP A 54 -7.47 2.81 6.49
N LYS A 55 -7.45 1.82 5.63
CA LYS A 55 -8.56 0.83 5.61
C LYS A 55 -9.87 1.55 5.30
N ILE A 56 -9.77 2.65 4.60
CA ILE A 56 -10.99 3.43 4.23
C ILE A 56 -12.05 3.29 5.33
N HIS A 57 -11.70 3.57 6.55
CA HIS A 57 -12.70 3.44 7.65
C HIS A 57 -12.81 4.78 8.39
N GLY A 1 22.41 2.15 0.60
CA GLY A 1 22.43 1.85 -0.87
C GLY A 1 21.02 1.48 -1.32
N SER A 2 20.29 0.77 -0.52
CA SER A 2 18.90 0.39 -0.92
C SER A 2 17.95 1.54 -0.61
N CYS A 3 18.45 2.62 -0.08
CA CYS A 3 17.58 3.78 0.23
C CYS A 3 17.07 4.42 -1.05
N ALA A 4 17.62 4.06 -2.18
CA ALA A 4 17.15 4.65 -3.46
C ALA A 4 15.64 4.49 -3.58
N SER A 5 15.13 3.33 -3.26
CA SER A 5 13.65 3.12 -3.36
C SER A 5 13.00 3.58 -2.06
N CYS A 6 13.78 3.91 -1.08
CA CYS A 6 13.20 4.38 0.21
C CYS A 6 14.08 5.49 0.79
N PRO A 7 14.17 6.60 0.11
CA PRO A 7 14.99 7.76 0.55
C PRO A 7 14.40 8.47 1.77
N ASN A 8 13.10 8.53 1.87
CA ASN A 8 12.46 9.20 3.03
C ASN A 8 12.09 8.17 4.10
N ASN A 9 11.99 6.93 3.73
CA ASN A 9 11.62 5.88 4.72
C ASN A 9 12.89 5.16 5.21
N CYS A 10 14.04 5.59 4.78
CA CYS A 10 15.30 4.92 5.23
C CYS A 10 15.69 5.44 6.62
N GLU A 11 15.17 4.85 7.66
CA GLU A 11 15.52 5.33 9.03
C GLU A 11 16.98 4.98 9.34
N ASN A 12 17.43 3.84 8.91
CA ASN A 12 18.85 3.45 9.17
C ASN A 12 19.31 2.50 8.05
N GLY A 13 18.85 2.75 6.86
CA GLY A 13 19.23 1.88 5.72
C GLY A 13 18.09 0.90 5.47
N LEU A 14 17.13 0.88 6.36
CA LEU A 14 15.97 -0.02 6.21
C LEU A 14 14.73 0.80 5.86
N CYS A 15 13.89 0.29 5.00
CA CYS A 15 12.67 1.05 4.63
C CYS A 15 11.64 0.92 5.74
N THR A 16 10.88 1.96 5.99
CA THR A 16 9.86 1.90 7.07
C THR A 16 8.47 1.68 6.47
N ASN A 17 8.38 1.15 5.28
CA ASN A 17 7.05 0.92 4.67
C ASN A 17 6.17 0.13 5.64
N SER A 18 6.75 -0.77 6.37
CA SER A 18 5.95 -1.58 7.34
C SER A 18 4.65 -2.01 6.67
N CYS A 19 4.59 -1.98 5.36
CA CYS A 19 3.36 -2.40 4.66
C CYS A 19 3.60 -3.75 3.98
N ASP A 20 2.86 -4.76 4.36
CA ASP A 20 3.05 -6.09 3.74
C ASP A 20 2.90 -6.01 2.22
N PHE A 21 2.06 -5.14 1.74
CA PHE A 21 1.87 -5.03 0.26
C PHE A 21 2.36 -3.66 -0.22
N GLU A 22 2.75 -3.56 -1.46
CA GLU A 22 3.22 -2.26 -1.99
C GLU A 22 2.48 -1.94 -3.28
N ASP A 23 2.13 -0.70 -3.51
CA ASP A 23 1.39 -0.36 -4.74
C ASP A 23 2.29 -0.63 -5.94
N LEU A 24 2.02 -1.67 -6.67
CA LEU A 24 2.84 -2.01 -7.85
C LEU A 24 2.69 -0.91 -8.91
N LEU A 25 1.59 -0.20 -8.88
CA LEU A 25 1.38 0.90 -9.88
C LEU A 25 1.37 2.26 -9.17
N SER A 26 1.84 3.29 -9.82
CA SER A 26 1.84 4.64 -9.19
C SER A 26 0.49 5.32 -9.42
N ASN A 27 -0.41 4.66 -10.10
CA ASN A 27 -1.75 5.26 -10.35
C ASN A 27 -2.78 4.52 -9.50
N CYS A 28 -2.34 3.78 -8.52
CA CYS A 28 -3.28 3.01 -7.67
C CYS A 28 -4.32 3.95 -7.06
N GLU A 29 -3.91 5.05 -6.49
CA GLU A 29 -4.91 5.98 -5.91
C GLU A 29 -5.86 6.40 -7.02
N SER A 30 -5.34 6.60 -8.19
CA SER A 30 -6.19 7.00 -9.34
C SER A 30 -7.13 5.85 -9.70
N LEU A 31 -6.64 4.64 -9.68
CA LEU A 31 -7.50 3.47 -10.03
C LEU A 31 -8.54 3.23 -8.93
N LYS A 32 -8.23 3.52 -7.70
CA LYS A 32 -9.23 3.30 -6.62
C LYS A 32 -10.51 4.05 -6.98
N THR A 33 -10.39 5.29 -7.37
CA THR A 33 -11.60 6.08 -7.72
C THR A 33 -12.24 5.53 -9.01
N SER A 34 -11.45 5.05 -9.93
CA SER A 34 -12.04 4.54 -11.20
C SER A 34 -12.34 3.03 -11.08
N ALA A 35 -11.56 2.31 -10.32
CA ALA A 35 -11.81 0.85 -10.19
C ALA A 35 -12.41 0.56 -8.81
N GLY A 36 -11.64 0.72 -7.77
CA GLY A 36 -12.16 0.46 -6.39
C GLY A 36 -11.29 -0.59 -5.70
N CYS A 37 -11.16 -0.50 -4.40
CA CYS A 37 -10.32 -1.47 -3.66
C CYS A 37 -10.87 -2.88 -3.84
N LYS A 38 -12.17 -3.05 -3.76
CA LYS A 38 -12.76 -4.40 -3.91
C LYS A 38 -12.36 -4.98 -5.28
N HIS A 39 -12.17 -4.13 -6.25
CA HIS A 39 -11.78 -4.65 -7.58
C HIS A 39 -10.57 -5.57 -7.41
N GLU A 40 -10.64 -6.76 -7.91
CA GLU A 40 -9.50 -7.70 -7.76
C GLU A 40 -8.21 -7.08 -8.32
N LEU A 41 -8.33 -6.28 -9.35
CA LEU A 41 -7.11 -5.65 -9.93
C LEU A 41 -6.36 -4.85 -8.86
N LEU A 42 -7.04 -4.07 -8.06
CA LEU A 42 -6.35 -3.29 -7.01
C LEU A 42 -5.81 -4.26 -5.95
N LYS A 43 -6.48 -5.35 -5.77
CA LYS A 43 -6.04 -6.34 -4.76
C LYS A 43 -4.77 -7.05 -5.22
N THR A 44 -4.30 -6.79 -6.42
CA THR A 44 -3.06 -7.50 -6.88
C THR A 44 -1.92 -6.50 -7.16
N LYS A 45 -2.20 -5.24 -7.35
CA LYS A 45 -1.10 -4.26 -7.60
C LYS A 45 -1.34 -3.00 -6.76
N CYS A 46 -2.50 -2.89 -6.16
CA CYS A 46 -2.81 -1.69 -5.32
C CYS A 46 -3.14 -2.15 -3.90
N GLN A 47 -2.80 -3.36 -3.57
CA GLN A 47 -3.10 -3.87 -2.21
C GLN A 47 -2.61 -2.87 -1.17
N ALA A 48 -1.50 -2.24 -1.42
CA ALA A 48 -0.97 -1.25 -0.44
C ALA A 48 -1.81 0.01 -0.45
N THR A 49 -2.31 0.40 -1.59
CA THR A 49 -3.14 1.63 -1.67
C THR A 49 -4.44 1.42 -0.91
N CYS A 50 -4.90 0.21 -0.80
CA CYS A 50 -6.19 -0.05 -0.08
C CYS A 50 -5.96 -0.89 1.16
N LEU A 51 -5.34 -2.03 1.03
CA LEU A 51 -5.13 -2.91 2.22
C LEU A 51 -4.27 -2.20 3.27
N CYS A 52 -3.37 -1.34 2.86
CA CYS A 52 -2.53 -0.63 3.86
C CYS A 52 -3.15 0.73 4.17
N GLU A 53 -4.36 0.73 4.66
CA GLU A 53 -5.03 2.02 5.00
C GLU A 53 -5.62 1.90 6.40
N ASP A 54 -6.14 0.76 6.73
CA ASP A 54 -6.71 0.55 8.08
C ASP A 54 -5.65 -0.10 8.97
N LYS A 55 -4.45 -0.20 8.46
CA LYS A 55 -3.35 -0.82 9.26
C LYS A 55 -2.43 0.29 9.77
N ILE A 56 -2.24 0.36 11.06
CA ILE A 56 -1.36 1.43 11.62
C ILE A 56 -0.10 0.79 12.22
N HIS A 57 1.05 1.30 11.86
CA HIS A 57 2.31 0.73 12.41
C HIS A 57 2.13 0.42 13.90
N GLY A 1 22.41 2.15 0.60
CA GLY A 1 22.43 1.85 -0.87
C GLY A 1 21.02 1.48 -1.32
N SER A 2 20.29 0.77 -0.52
CA SER A 2 18.90 0.39 -0.92
C SER A 2 17.95 1.54 -0.61
N CYS A 3 18.45 2.62 -0.08
CA CYS A 3 17.58 3.78 0.23
C CYS A 3 17.07 4.42 -1.05
N ALA A 4 17.62 4.06 -2.18
CA ALA A 4 17.15 4.65 -3.46
C ALA A 4 15.64 4.49 -3.58
N SER A 5 15.13 3.33 -3.26
CA SER A 5 13.65 3.12 -3.36
C SER A 5 13.00 3.58 -2.06
N CYS A 6 13.78 3.91 -1.08
CA CYS A 6 13.20 4.38 0.21
C CYS A 6 14.08 5.49 0.79
N PRO A 7 14.17 6.60 0.11
CA PRO A 7 14.99 7.76 0.55
C PRO A 7 14.40 8.47 1.77
N ASN A 8 13.10 8.53 1.87
CA ASN A 8 12.46 9.20 3.03
C ASN A 8 12.09 8.17 4.10
N ASN A 9 11.99 6.93 3.73
CA ASN A 9 11.62 5.88 4.72
C ASN A 9 12.89 5.16 5.21
N CYS A 10 14.04 5.59 4.78
CA CYS A 10 15.30 4.92 5.23
C CYS A 10 15.69 5.44 6.62
N GLU A 11 15.17 4.85 7.66
CA GLU A 11 15.52 5.33 9.03
C GLU A 11 16.98 4.98 9.34
N ASN A 12 17.43 3.84 8.91
CA ASN A 12 18.85 3.45 9.17
C ASN A 12 19.31 2.50 8.05
N GLY A 13 18.85 2.75 6.86
CA GLY A 13 19.23 1.88 5.72
C GLY A 13 18.09 0.90 5.47
N LEU A 14 17.13 0.88 6.36
CA LEU A 14 15.97 -0.02 6.21
C LEU A 14 14.73 0.80 5.86
N CYS A 15 13.89 0.29 5.00
CA CYS A 15 12.67 1.05 4.63
C CYS A 15 11.64 0.92 5.74
N THR A 16 10.88 1.96 5.99
CA THR A 16 9.86 1.90 7.07
C THR A 16 8.47 1.68 6.47
N ASN A 17 8.38 1.15 5.28
CA ASN A 17 7.05 0.92 4.67
C ASN A 17 6.17 0.13 5.64
N SER A 18 6.75 -0.77 6.37
CA SER A 18 5.95 -1.58 7.34
C SER A 18 4.65 -2.01 6.67
N CYS A 19 4.59 -1.98 5.36
CA CYS A 19 3.36 -2.40 4.66
C CYS A 19 3.60 -3.75 3.98
N ASP A 20 2.86 -4.76 4.36
CA ASP A 20 3.05 -6.09 3.74
C ASP A 20 2.90 -6.01 2.22
N PHE A 21 2.06 -5.14 1.74
CA PHE A 21 1.87 -5.03 0.26
C PHE A 21 2.36 -3.66 -0.22
N GLU A 22 2.75 -3.56 -1.46
CA GLU A 22 3.22 -2.26 -1.99
C GLU A 22 2.48 -1.94 -3.28
N ASP A 23 2.13 -0.70 -3.51
CA ASP A 23 1.39 -0.36 -4.74
C ASP A 23 2.29 -0.63 -5.94
N LEU A 24 2.02 -1.67 -6.67
CA LEU A 24 2.84 -2.01 -7.85
C LEU A 24 2.69 -0.91 -8.91
N LEU A 25 1.59 -0.20 -8.88
CA LEU A 25 1.38 0.90 -9.88
C LEU A 25 1.37 2.26 -9.17
N SER A 26 1.84 3.29 -9.82
CA SER A 26 1.84 4.64 -9.19
C SER A 26 0.49 5.32 -9.42
N ASN A 27 -0.41 4.66 -10.10
CA ASN A 27 -1.75 5.26 -10.35
C ASN A 27 -2.78 4.52 -9.50
N CYS A 28 -2.34 3.78 -8.52
CA CYS A 28 -3.28 3.01 -7.67
C CYS A 28 -4.32 3.95 -7.06
N GLU A 29 -3.91 5.05 -6.49
CA GLU A 29 -4.91 5.98 -5.91
C GLU A 29 -5.86 6.40 -7.02
N SER A 30 -5.34 6.60 -8.19
CA SER A 30 -6.19 7.00 -9.34
C SER A 30 -7.13 5.85 -9.70
N LEU A 31 -6.64 4.64 -9.68
CA LEU A 31 -7.50 3.47 -10.03
C LEU A 31 -8.54 3.23 -8.93
N LYS A 32 -8.23 3.52 -7.70
CA LYS A 32 -9.23 3.30 -6.62
C LYS A 32 -10.51 4.05 -6.98
N THR A 33 -10.39 5.29 -7.37
CA THR A 33 -11.60 6.08 -7.72
C THR A 33 -12.24 5.53 -9.01
N SER A 34 -11.45 5.05 -9.93
CA SER A 34 -12.04 4.54 -11.20
C SER A 34 -12.34 3.03 -11.08
N ALA A 35 -11.56 2.31 -10.32
CA ALA A 35 -11.81 0.85 -10.19
C ALA A 35 -12.41 0.56 -8.81
N GLY A 36 -11.64 0.72 -7.77
CA GLY A 36 -12.16 0.46 -6.39
C GLY A 36 -11.29 -0.59 -5.70
N CYS A 37 -11.16 -0.50 -4.40
CA CYS A 37 -10.32 -1.47 -3.66
C CYS A 37 -10.87 -2.88 -3.84
N LYS A 38 -12.17 -3.05 -3.76
CA LYS A 38 -12.76 -4.40 -3.91
C LYS A 38 -12.36 -4.98 -5.28
N HIS A 39 -12.17 -4.13 -6.25
CA HIS A 39 -11.78 -4.65 -7.58
C HIS A 39 -10.57 -5.57 -7.41
N GLU A 40 -10.64 -6.76 -7.91
CA GLU A 40 -9.50 -7.70 -7.76
C GLU A 40 -8.21 -7.08 -8.32
N LEU A 41 -8.33 -6.28 -9.35
CA LEU A 41 -7.11 -5.65 -9.93
C LEU A 41 -6.36 -4.85 -8.86
N LEU A 42 -7.04 -4.07 -8.06
CA LEU A 42 -6.35 -3.29 -7.01
C LEU A 42 -5.81 -4.26 -5.95
N LYS A 43 -6.48 -5.35 -5.77
CA LYS A 43 -6.04 -6.34 -4.76
C LYS A 43 -4.77 -7.05 -5.22
N THR A 44 -4.30 -6.79 -6.42
CA THR A 44 -3.06 -7.50 -6.88
C THR A 44 -1.92 -6.50 -7.16
N LYS A 45 -2.20 -5.24 -7.35
CA LYS A 45 -1.10 -4.26 -7.60
C LYS A 45 -1.34 -3.00 -6.76
N CYS A 46 -2.50 -2.89 -6.16
CA CYS A 46 -2.81 -1.69 -5.32
C CYS A 46 -3.14 -2.15 -3.90
N GLN A 47 -2.80 -3.36 -3.57
CA GLN A 47 -3.10 -3.87 -2.21
C GLN A 47 -2.61 -2.87 -1.17
N ALA A 48 -1.50 -2.24 -1.42
CA ALA A 48 -0.97 -1.25 -0.44
C ALA A 48 -1.81 0.01 -0.45
N THR A 49 -2.31 0.40 -1.59
CA THR A 49 -3.14 1.63 -1.67
C THR A 49 -4.44 1.42 -0.91
N CYS A 50 -4.90 0.21 -0.80
CA CYS A 50 -6.19 -0.05 -0.08
C CYS A 50 -5.96 -0.89 1.16
N LEU A 51 -5.34 -2.03 1.03
CA LEU A 51 -5.13 -2.91 2.22
C LEU A 51 -4.27 -2.20 3.27
N CYS A 52 -3.37 -1.34 2.86
CA CYS A 52 -2.53 -0.63 3.86
C CYS A 52 -3.15 0.73 4.17
N GLU A 53 -4.36 0.73 4.66
CA GLU A 53 -5.03 2.02 5.00
C GLU A 53 -5.62 1.90 6.40
N ASP A 54 -6.14 0.76 6.73
CA ASP A 54 -6.71 0.55 8.08
C ASP A 54 -5.65 -0.10 8.97
N LYS A 55 -4.45 -0.20 8.46
CA LYS A 55 -3.35 -0.82 9.26
C LYS A 55 -2.43 0.29 9.77
N ILE A 56 -2.24 0.36 11.06
CA ILE A 56 -1.36 1.43 11.62
C ILE A 56 -0.10 0.79 12.22
N HIS A 57 1.05 1.30 11.86
CA HIS A 57 2.31 0.73 12.41
C HIS A 57 2.13 0.42 13.90
N GLY A 1 -5.18 15.65 4.11
CA GLY A 1 -5.04 15.02 5.45
C GLY A 1 -3.98 13.92 5.40
N SER A 2 -3.93 13.19 4.32
CA SER A 2 -2.90 12.11 4.20
C SER A 2 -1.52 12.73 4.05
N CYS A 3 -0.49 11.98 4.32
CA CYS A 3 0.89 12.53 4.19
C CYS A 3 1.38 12.30 2.76
N ALA A 4 1.58 13.35 2.01
CA ALA A 4 2.05 13.18 0.61
C ALA A 4 3.43 12.52 0.62
N SER A 5 4.23 12.80 1.61
CA SER A 5 5.59 12.19 1.67
C SER A 5 5.47 10.67 1.74
N CYS A 6 4.49 10.17 2.46
CA CYS A 6 4.33 8.69 2.55
C CYS A 6 2.85 8.35 2.73
N PRO A 7 2.12 8.28 1.66
CA PRO A 7 0.66 7.96 1.69
C PRO A 7 0.36 6.60 2.32
N ASN A 8 1.35 5.75 2.44
CA ASN A 8 1.10 4.40 3.04
C ASN A 8 1.73 4.29 4.44
N ASN A 9 2.82 4.97 4.68
CA ASN A 9 3.44 4.88 6.03
C ASN A 9 4.04 6.24 6.42
N CYS A 10 3.30 7.05 7.13
CA CYS A 10 3.83 8.38 7.53
C CYS A 10 3.59 8.58 9.03
N GLU A 11 4.64 8.82 9.77
CA GLU A 11 4.48 9.03 11.24
C GLU A 11 5.47 10.10 11.70
N ASN A 12 5.59 10.31 12.99
CA ASN A 12 6.54 11.35 13.48
C ASN A 12 7.90 11.12 12.82
N GLY A 13 8.23 9.90 12.52
CA GLY A 13 9.53 9.60 11.87
C GLY A 13 9.42 9.81 10.36
N LEU A 14 8.38 10.46 9.92
CA LEU A 14 8.19 10.70 8.46
C LEU A 14 8.74 9.52 7.66
N CYS A 15 7.89 8.62 7.25
CA CYS A 15 8.38 7.44 6.47
C CYS A 15 9.36 6.64 7.33
N THR A 16 8.87 5.70 8.09
CA THR A 16 9.78 4.89 8.95
C THR A 16 10.16 3.60 8.22
N ASN A 17 9.47 3.27 7.18
CA ASN A 17 9.78 2.02 6.42
C ASN A 17 8.84 1.88 5.23
N SER A 18 8.25 0.73 5.06
CA SER A 18 7.31 0.53 3.93
C SER A 18 6.00 -0.05 4.46
N CYS A 19 5.68 -1.26 4.12
CA CYS A 19 4.43 -1.87 4.62
C CYS A 19 4.27 -3.29 4.06
N ASP A 20 3.37 -4.07 4.61
CA ASP A 20 3.18 -5.46 4.12
C ASP A 20 2.87 -5.47 2.62
N PHE A 21 2.18 -4.47 2.14
CA PHE A 21 1.83 -4.43 0.69
C PHE A 21 2.54 -3.26 -0.01
N GLU A 22 2.70 -3.36 -1.29
CA GLU A 22 3.35 -2.28 -2.06
C GLU A 22 2.53 -1.99 -3.32
N ASP A 23 2.32 -0.74 -3.65
CA ASP A 23 1.50 -0.44 -4.86
C ASP A 23 2.36 -0.66 -6.10
N LEU A 24 2.08 -1.70 -6.83
CA LEU A 24 2.86 -1.98 -8.06
C LEU A 24 2.69 -0.82 -9.05
N LEU A 25 1.58 -0.14 -9.00
CA LEU A 25 1.36 1.00 -9.93
C LEU A 25 1.32 2.32 -9.14
N SER A 26 1.85 3.37 -9.70
CA SER A 26 1.83 4.67 -8.98
C SER A 26 0.46 5.33 -9.18
N ASN A 27 -0.38 4.74 -9.99
CA ASN A 27 -1.72 5.33 -10.22
C ASN A 27 -2.75 4.60 -9.34
N CYS A 28 -2.29 3.79 -8.42
CA CYS A 28 -3.22 3.05 -7.55
C CYS A 28 -4.26 3.99 -6.94
N GLU A 29 -3.83 5.12 -6.43
CA GLU A 29 -4.82 6.07 -5.85
C GLU A 29 -5.80 6.45 -6.95
N SER A 30 -5.31 6.61 -8.14
CA SER A 30 -6.21 6.95 -9.29
C SER A 30 -7.07 5.75 -9.66
N LEU A 31 -6.50 4.57 -9.65
CA LEU A 31 -7.29 3.36 -10.01
C LEU A 31 -8.39 3.13 -8.97
N LYS A 32 -8.12 3.40 -7.72
CA LYS A 32 -9.16 3.19 -6.68
C LYS A 32 -10.40 4.00 -7.04
N THR A 33 -10.22 5.24 -7.42
CA THR A 33 -11.38 6.09 -7.80
C THR A 33 -12.01 5.55 -9.09
N SER A 34 -11.22 5.08 -10.01
CA SER A 34 -11.78 4.57 -11.30
C SER A 34 -12.25 3.13 -11.13
N ALA A 35 -11.61 2.38 -10.26
CA ALA A 35 -12.03 0.97 -10.05
C ALA A 35 -12.59 0.80 -8.64
N GLY A 36 -11.74 0.61 -7.67
CA GLY A 36 -12.23 0.44 -6.27
C GLY A 36 -11.43 -0.66 -5.58
N CYS A 37 -11.27 -0.54 -4.29
CA CYS A 37 -10.50 -1.58 -3.54
C CYS A 37 -11.18 -2.94 -3.71
N LYS A 38 -12.48 -2.96 -3.76
CA LYS A 38 -13.21 -4.24 -3.92
C LYS A 38 -12.84 -4.86 -5.26
N HIS A 39 -12.36 -4.07 -6.18
CA HIS A 39 -11.98 -4.62 -7.51
C HIS A 39 -10.75 -5.52 -7.37
N GLU A 40 -10.81 -6.70 -7.92
CA GLU A 40 -9.65 -7.64 -7.81
C GLU A 40 -8.39 -6.98 -8.39
N LEU A 41 -8.53 -6.18 -9.40
CA LEU A 41 -7.32 -5.53 -10.00
C LEU A 41 -6.50 -4.85 -8.91
N LEU A 42 -7.10 -4.05 -8.09
CA LEU A 42 -6.34 -3.36 -7.01
C LEU A 42 -5.81 -4.41 -6.03
N LYS A 43 -6.50 -5.50 -5.90
CA LYS A 43 -6.07 -6.55 -4.95
C LYS A 43 -4.78 -7.22 -5.42
N THR A 44 -4.28 -6.89 -6.60
CA THR A 44 -3.04 -7.59 -7.07
C THR A 44 -1.90 -6.58 -7.36
N LYS A 45 -2.21 -5.33 -7.60
CA LYS A 45 -1.11 -4.34 -7.86
C LYS A 45 -1.31 -3.12 -6.95
N CYS A 46 -2.47 -2.98 -6.38
CA CYS A 46 -2.72 -1.82 -5.47
C CYS A 46 -3.09 -2.34 -4.09
N GLN A 47 -2.65 -3.52 -3.77
CA GLN A 47 -2.95 -4.11 -2.44
C GLN A 47 -2.54 -3.14 -1.33
N ALA A 48 -1.44 -2.46 -1.50
CA ALA A 48 -0.98 -1.51 -0.45
C ALA A 48 -1.86 -0.26 -0.44
N THR A 49 -2.33 0.17 -1.58
CA THR A 49 -3.18 1.39 -1.62
C THR A 49 -4.48 1.12 -0.87
N CYS A 50 -4.94 -0.10 -0.85
CA CYS A 50 -6.21 -0.41 -0.15
C CYS A 50 -5.94 -1.20 1.14
N LEU A 51 -5.35 -2.36 1.03
CA LEU A 51 -5.09 -3.17 2.25
C LEU A 51 -4.16 -2.40 3.20
N CYS A 52 -3.27 -1.61 2.67
CA CYS A 52 -2.34 -0.86 3.55
C CYS A 52 -2.70 0.63 3.53
N GLU A 53 -3.25 1.13 4.60
CA GLU A 53 -3.62 2.57 4.66
C GLU A 53 -3.13 3.12 6.00
N ASP A 54 -3.00 4.40 6.13
CA ASP A 54 -2.53 4.96 7.43
C ASP A 54 -3.50 4.53 8.52
N LYS A 55 -3.48 3.27 8.87
CA LYS A 55 -4.40 2.77 9.94
C LYS A 55 -3.77 3.03 11.31
N ILE A 56 -2.61 3.62 11.33
CA ILE A 56 -1.94 3.91 12.62
C ILE A 56 -2.61 5.11 13.29
N HIS A 57 -3.67 5.61 12.70
CA HIS A 57 -4.38 6.78 13.29
C HIS A 57 -4.32 6.71 14.81
N GLY A 1 9.16 2.15 -0.14
CA GLY A 1 9.62 3.05 -1.25
C GLY A 1 11.14 2.95 -1.39
N SER A 2 11.77 3.93 -1.96
CA SER A 2 13.25 3.89 -2.12
C SER A 2 13.90 4.72 -1.02
N CYS A 3 15.03 4.30 -0.53
CA CYS A 3 15.71 5.07 0.55
C CYS A 3 15.96 6.50 0.08
N ALA A 4 15.92 6.73 -1.20
CA ALA A 4 16.17 8.10 -1.73
C ALA A 4 15.49 9.14 -0.82
N SER A 5 14.29 9.52 -1.13
CA SER A 5 13.57 10.54 -0.30
C SER A 5 13.28 9.99 1.09
N CYS A 6 13.12 8.70 1.21
CA CYS A 6 12.83 8.09 2.54
C CYS A 6 13.68 8.76 3.62
N PRO A 7 13.11 9.63 4.41
CA PRO A 7 13.84 10.34 5.51
C PRO A 7 14.56 9.37 6.44
N ASN A 8 15.53 8.66 5.95
CA ASN A 8 16.30 7.70 6.81
C ASN A 8 15.32 6.68 7.40
N ASN A 9 14.30 6.32 6.67
CA ASN A 9 13.32 5.34 7.19
C ASN A 9 13.75 3.92 6.81
N CYS A 10 14.88 3.78 6.17
CA CYS A 10 15.34 2.42 5.75
C CYS A 10 16.03 1.72 6.93
N GLU A 11 15.42 0.71 7.47
CA GLU A 11 16.05 -0.01 8.62
C GLU A 11 17.27 -0.77 8.08
N ASN A 12 17.11 -1.41 6.96
CA ASN A 12 18.25 -2.16 6.36
C ASN A 12 18.23 -1.92 4.85
N GLY A 13 17.80 -0.75 4.44
CA GLY A 13 17.74 -0.44 2.99
C GLY A 13 16.29 -0.54 2.52
N LEU A 14 15.38 -0.82 3.41
CA LEU A 14 13.95 -0.93 3.02
C LEU A 14 13.11 0.03 3.89
N CYS A 15 12.26 0.80 3.28
CA CYS A 15 11.42 1.75 4.07
C CYS A 15 10.32 0.97 4.80
N THR A 16 10.02 1.33 6.01
CA THR A 16 8.95 0.61 6.76
C THR A 16 7.60 1.28 6.48
N ASN A 17 7.61 2.33 5.71
CA ASN A 17 6.33 3.03 5.38
C ASN A 17 5.68 2.38 4.17
N SER A 18 6.23 1.28 3.71
CA SER A 18 5.65 0.59 2.53
C SER A 18 4.56 -0.37 3.01
N CYS A 19 4.34 -0.44 4.28
CA CYS A 19 3.30 -1.37 4.81
C CYS A 19 3.54 -2.78 4.28
N ASP A 20 2.78 -3.73 4.74
CA ASP A 20 2.96 -5.13 4.27
C ASP A 20 2.74 -5.19 2.76
N PHE A 21 1.95 -4.30 2.23
CA PHE A 21 1.68 -4.32 0.76
C PHE A 21 2.37 -3.15 0.07
N GLU A 22 2.60 -3.30 -1.21
CA GLU A 22 3.25 -2.21 -1.99
C GLU A 22 2.47 -2.00 -3.28
N ASP A 23 2.25 -0.77 -3.66
CA ASP A 23 1.47 -0.51 -4.90
C ASP A 23 2.38 -0.73 -6.12
N LEU A 24 2.09 -1.73 -6.91
CA LEU A 24 2.92 -2.00 -8.12
C LEU A 24 2.78 -0.82 -9.08
N LEU A 25 1.67 -0.12 -9.04
CA LEU A 25 1.48 1.05 -9.95
C LEU A 25 1.50 2.34 -9.14
N SER A 26 2.03 3.40 -9.71
CA SER A 26 2.07 4.69 -8.97
C SER A 26 0.73 5.40 -9.09
N ASN A 27 -0.19 4.84 -9.82
CA ASN A 27 -1.53 5.48 -9.97
C ASN A 27 -2.59 4.64 -9.25
N CYS A 28 -2.20 3.86 -8.29
CA CYS A 28 -3.19 3.03 -7.56
C CYS A 28 -4.28 3.92 -6.98
N GLU A 29 -3.90 5.04 -6.42
CA GLU A 29 -4.94 5.94 -5.85
C GLU A 29 -5.90 6.31 -6.97
N SER A 30 -5.38 6.52 -8.15
CA SER A 30 -6.25 6.89 -9.30
C SER A 30 -7.19 5.72 -9.61
N LEU A 31 -6.70 4.51 -9.56
CA LEU A 31 -7.57 3.34 -9.84
C LEU A 31 -8.71 3.30 -8.82
N LYS A 32 -8.42 3.59 -7.59
CA LYS A 32 -9.49 3.60 -6.56
C LYS A 32 -10.57 4.58 -6.96
N THR A 33 -10.19 5.73 -7.43
CA THR A 33 -11.18 6.74 -7.84
C THR A 33 -12.01 6.20 -9.01
N SER A 34 -11.45 5.31 -9.79
CA SER A 34 -12.20 4.76 -10.95
C SER A 34 -12.64 3.33 -10.65
N ALA A 35 -11.73 2.39 -10.70
CA ALA A 35 -12.09 0.97 -10.43
C ALA A 35 -12.59 0.82 -9.00
N GLY A 36 -11.97 1.49 -8.08
CA GLY A 36 -12.39 1.37 -6.66
C GLY A 36 -11.57 0.24 -6.02
N CYS A 37 -11.46 0.22 -4.73
CA CYS A 37 -10.68 -0.87 -4.10
C CYS A 37 -11.57 -2.11 -4.00
N LYS A 38 -11.32 -2.96 -3.05
CA LYS A 38 -12.16 -4.18 -2.94
C LYS A 38 -12.32 -4.79 -4.34
N HIS A 39 -11.40 -4.50 -5.22
CA HIS A 39 -11.49 -5.05 -6.61
C HIS A 39 -10.31 -6.00 -6.81
N GLU A 40 -10.54 -7.12 -7.46
CA GLU A 40 -9.43 -8.10 -7.67
C GLU A 40 -8.24 -7.42 -8.36
N LEU A 41 -8.50 -6.54 -9.31
CA LEU A 41 -7.37 -5.87 -10.00
C LEU A 41 -6.49 -5.15 -8.98
N LEU A 42 -7.06 -4.29 -8.19
CA LEU A 42 -6.24 -3.57 -7.17
C LEU A 42 -5.71 -4.57 -6.16
N LYS A 43 -6.36 -5.69 -6.06
CA LYS A 43 -5.94 -6.72 -5.07
C LYS A 43 -4.65 -7.41 -5.53
N THR A 44 -4.12 -7.06 -6.68
CA THR A 44 -2.88 -7.74 -7.14
C THR A 44 -1.74 -6.74 -7.39
N LYS A 45 -2.05 -5.52 -7.81
CA LYS A 45 -0.95 -4.53 -8.05
C LYS A 45 -1.16 -3.32 -7.13
N CYS A 46 -2.35 -3.16 -6.60
CA CYS A 46 -2.62 -2.01 -5.68
C CYS A 46 -3.02 -2.54 -4.31
N GLN A 47 -2.57 -3.71 -3.97
CA GLN A 47 -2.91 -4.31 -2.65
C GLN A 47 -2.59 -3.32 -1.53
N ALA A 48 -1.54 -2.56 -1.66
CA ALA A 48 -1.20 -1.60 -0.58
C ALA A 48 -2.19 -0.43 -0.58
N THR A 49 -2.64 -0.03 -1.73
CA THR A 49 -3.60 1.10 -1.77
C THR A 49 -4.93 0.67 -1.16
N CYS A 50 -5.23 -0.60 -1.22
CA CYS A 50 -6.52 -1.08 -0.62
C CYS A 50 -6.26 -1.76 0.72
N LEU A 51 -5.48 -2.81 0.73
CA LEU A 51 -5.21 -3.52 2.01
C LEU A 51 -4.44 -2.61 2.98
N CYS A 52 -3.56 -1.79 2.49
CA CYS A 52 -2.81 -0.88 3.40
C CYS A 52 -3.36 0.54 3.27
N GLU A 53 -4.09 1.00 4.24
CA GLU A 53 -4.66 2.38 4.15
C GLU A 53 -5.22 2.79 5.52
N ASP A 54 -4.37 3.15 6.43
CA ASP A 54 -4.85 3.57 7.78
C ASP A 54 -5.75 2.47 8.35
N LYS A 55 -5.34 1.24 8.25
CA LYS A 55 -6.17 0.12 8.79
C LYS A 55 -5.49 -0.43 10.05
N ILE A 56 -6.23 -0.56 11.12
CA ILE A 56 -5.63 -1.10 12.37
C ILE A 56 -6.06 -2.56 12.56
N HIS A 57 -5.14 -3.42 12.91
CA HIS A 57 -5.49 -4.85 13.11
C HIS A 57 -5.65 -5.13 14.61
N GLY A 1 1.12 10.80 18.31
CA GLY A 1 2.58 10.76 18.59
C GLY A 1 3.32 11.63 17.57
N SER A 2 4.62 11.49 17.48
CA SER A 2 5.39 12.31 16.51
C SER A 2 5.89 11.42 15.36
N CYS A 3 6.03 11.98 14.19
CA CYS A 3 6.50 11.17 13.03
C CYS A 3 7.86 10.55 13.36
N ALA A 4 8.69 11.25 14.09
CA ALA A 4 10.03 10.72 14.46
C ALA A 4 10.65 9.95 13.29
N SER A 5 10.29 8.71 13.11
CA SER A 5 10.89 7.90 12.01
C SER A 5 10.25 8.28 10.66
N CYS A 6 9.37 9.23 10.65
CA CYS A 6 8.71 9.61 9.36
C CYS A 6 8.98 11.10 9.08
N PRO A 7 10.19 11.44 8.68
CA PRO A 7 10.57 12.84 8.38
C PRO A 7 10.04 13.32 7.04
N ASN A 8 10.53 12.77 5.96
CA ASN A 8 10.05 13.19 4.62
C ASN A 8 8.79 12.41 4.25
N ASN A 9 8.29 11.62 5.17
CA ASN A 9 7.06 10.84 4.88
C ASN A 9 5.87 11.46 5.63
N CYS A 10 5.28 10.74 6.54
CA CYS A 10 4.13 11.29 7.31
C CYS A 10 3.24 12.10 6.37
N GLU A 11 2.33 11.46 5.66
CA GLU A 11 1.44 12.22 4.74
C GLU A 11 0.65 13.25 5.55
N ASN A 12 0.18 12.85 6.70
CA ASN A 12 -0.59 13.79 7.56
C ASN A 12 -0.39 13.37 9.02
N GLY A 13 0.80 12.98 9.37
CA GLY A 13 1.08 12.53 10.76
C GLY A 13 1.07 11.00 10.79
N LEU A 14 0.62 10.40 9.73
CA LEU A 14 0.59 8.91 9.65
C LEU A 14 1.64 8.44 8.66
N CYS A 15 2.28 7.34 8.94
CA CYS A 15 3.32 6.82 8.00
C CYS A 15 2.65 5.95 6.94
N THR A 16 2.97 6.17 5.69
CA THR A 16 2.35 5.34 4.61
C THR A 16 3.13 4.03 4.49
N ASN A 17 4.22 3.92 5.20
CA ASN A 17 5.04 2.68 5.15
C ASN A 17 4.60 1.74 6.26
N SER A 18 3.44 1.95 6.81
CA SER A 18 2.94 1.07 7.90
C SER A 18 2.13 -0.06 7.28
N CYS A 19 2.17 -0.16 5.98
CA CYS A 19 1.39 -1.23 5.29
C CYS A 19 2.31 -2.40 4.95
N ASP A 20 1.77 -3.57 4.81
CA ASP A 20 2.61 -4.74 4.46
C ASP A 20 2.53 -4.99 2.95
N PHE A 21 1.93 -4.08 2.24
CA PHE A 21 1.79 -4.24 0.77
C PHE A 21 2.44 -3.06 0.05
N GLU A 22 2.68 -3.21 -1.22
CA GLU A 22 3.29 -2.10 -2.00
C GLU A 22 2.51 -1.92 -3.29
N ASP A 23 2.29 -0.70 -3.69
CA ASP A 23 1.51 -0.46 -4.95
C ASP A 23 2.42 -0.70 -6.15
N LEU A 24 2.13 -1.70 -6.93
CA LEU A 24 2.95 -1.99 -8.14
C LEU A 24 2.79 -0.82 -9.13
N LEU A 25 1.68 -0.15 -9.09
CA LEU A 25 1.46 1.00 -10.01
C LEU A 25 1.42 2.30 -9.20
N SER A 26 1.95 3.36 -9.74
CA SER A 26 1.95 4.65 -8.99
C SER A 26 0.60 5.35 -9.18
N ASN A 27 -0.31 4.72 -9.87
CA ASN A 27 -1.64 5.34 -10.09
C ASN A 27 -2.71 4.52 -9.38
N CYS A 28 -2.34 3.82 -8.35
CA CYS A 28 -3.33 2.98 -7.62
C CYS A 28 -4.45 3.89 -7.07
N GLU A 29 -4.10 4.99 -6.48
CA GLU A 29 -5.16 5.89 -5.96
C GLU A 29 -6.04 6.30 -7.14
N SER A 30 -5.44 6.52 -8.28
CA SER A 30 -6.24 6.91 -9.47
C SER A 30 -7.21 5.77 -9.81
N LEU A 31 -6.72 4.56 -9.79
CA LEU A 31 -7.60 3.39 -10.10
C LEU A 31 -8.62 3.26 -8.98
N LYS A 32 -8.24 3.60 -7.79
CA LYS A 32 -9.17 3.51 -6.64
C LYS A 32 -10.42 4.34 -6.92
N THR A 33 -10.23 5.56 -7.33
CA THR A 33 -11.39 6.44 -7.63
C THR A 33 -12.17 5.90 -8.83
N SER A 34 -11.52 5.24 -9.75
CA SER A 34 -12.24 4.72 -10.95
C SER A 34 -12.63 3.25 -10.74
N ALA A 35 -11.72 2.44 -10.26
CA ALA A 35 -12.05 1.00 -10.05
C ALA A 35 -12.50 0.79 -8.60
N GLY A 36 -11.59 0.83 -7.67
CA GLY A 36 -11.98 0.65 -6.25
C GLY A 36 -11.03 -0.35 -5.59
N CYS A 37 -10.63 -0.09 -4.36
CA CYS A 37 -9.71 -1.03 -3.66
C CYS A 37 -10.42 -2.38 -3.48
N LYS A 38 -11.72 -2.38 -3.50
CA LYS A 38 -12.46 -3.66 -3.35
C LYS A 38 -12.46 -4.39 -4.69
N HIS A 39 -11.79 -3.82 -5.67
CA HIS A 39 -11.74 -4.46 -7.02
C HIS A 39 -10.61 -5.48 -7.04
N GLU A 40 -10.82 -6.60 -7.69
CA GLU A 40 -9.76 -7.66 -7.75
C GLU A 40 -8.48 -7.12 -8.40
N LEU A 41 -8.61 -6.27 -9.39
CA LEU A 41 -7.39 -5.73 -10.06
C LEU A 41 -6.49 -5.04 -9.03
N LEU A 42 -7.05 -4.17 -8.24
CA LEU A 42 -6.23 -3.48 -7.21
C LEU A 42 -5.73 -4.50 -6.19
N LYS A 43 -6.36 -5.63 -6.15
CA LYS A 43 -5.98 -6.68 -5.17
C LYS A 43 -4.65 -7.35 -5.57
N THR A 44 -4.09 -7.03 -6.72
CA THR A 44 -2.81 -7.72 -7.10
C THR A 44 -1.68 -6.70 -7.32
N LYS A 45 -1.98 -5.51 -7.77
CA LYS A 45 -0.89 -4.50 -7.97
C LYS A 45 -1.09 -3.34 -7.00
N CYS A 46 -2.31 -3.15 -6.55
CA CYS A 46 -2.58 -2.03 -5.60
C CYS A 46 -2.94 -2.63 -4.24
N GLN A 47 -2.44 -3.80 -3.97
CA GLN A 47 -2.72 -4.48 -2.67
C GLN A 47 -2.46 -3.51 -1.50
N ALA A 48 -1.50 -2.65 -1.62
CA ALA A 48 -1.21 -1.70 -0.51
C ALA A 48 -2.26 -0.59 -0.47
N THR A 49 -2.65 -0.10 -1.60
CA THR A 49 -3.67 0.98 -1.60
C THR A 49 -5.00 0.42 -1.07
N CYS A 50 -5.15 -0.87 -1.09
CA CYS A 50 -6.42 -1.50 -0.61
C CYS A 50 -6.18 -2.29 0.68
N LEU A 51 -5.44 -3.36 0.59
CA LEU A 51 -5.19 -4.22 1.79
C LEU A 51 -4.44 -3.48 2.90
N CYS A 52 -3.57 -2.56 2.57
CA CYS A 52 -2.81 -1.84 3.65
C CYS A 52 -3.70 -1.70 4.88
N GLU A 53 -3.56 -2.59 5.82
CA GLU A 53 -4.40 -2.51 7.05
C GLU A 53 -3.58 -2.98 8.26
N ASP A 54 -3.83 -2.42 9.40
CA ASP A 54 -3.09 -2.85 10.62
C ASP A 54 -3.30 -4.35 10.82
N LYS A 55 -4.23 -4.91 10.08
CA LYS A 55 -4.51 -6.37 10.21
C LYS A 55 -5.49 -6.59 11.35
N ILE A 56 -6.76 -6.66 11.06
CA ILE A 56 -7.77 -6.86 12.14
C ILE A 56 -7.94 -8.37 12.38
N HIS A 57 -7.84 -8.78 13.61
CA HIS A 57 -7.99 -10.23 13.93
C HIS A 57 -9.48 -10.60 13.93
N GLY A 1 21.78 6.93 -1.17
CA GLY A 1 20.44 6.58 -1.72
C GLY A 1 19.81 5.48 -0.87
N SER A 2 19.58 5.74 0.39
CA SER A 2 18.98 4.71 1.26
C SER A 2 17.44 4.77 1.16
N CYS A 3 16.92 5.80 0.55
CA CYS A 3 15.44 5.90 0.41
C CYS A 3 14.95 4.78 -0.49
N ALA A 4 15.68 4.49 -1.53
CA ALA A 4 15.27 3.41 -2.47
C ALA A 4 13.75 3.39 -2.65
N SER A 5 13.07 2.54 -1.93
CA SER A 5 11.59 2.43 -2.06
C SER A 5 10.89 3.52 -1.24
N CYS A 6 11.61 4.38 -0.58
CA CYS A 6 10.93 5.43 0.24
C CYS A 6 11.49 6.82 -0.11
N PRO A 7 11.09 7.35 -1.24
CA PRO A 7 11.55 8.70 -1.72
C PRO A 7 11.18 9.82 -0.74
N ASN A 8 9.93 9.93 -0.38
CA ASN A 8 9.50 11.02 0.56
C ASN A 8 9.27 10.44 1.95
N ASN A 9 9.48 9.16 2.11
CA ASN A 9 9.24 8.52 3.44
C ASN A 9 10.52 8.59 4.28
N CYS A 10 11.52 9.29 3.82
CA CYS A 10 12.78 9.40 4.62
C CYS A 10 12.73 10.66 5.47
N GLU A 11 12.62 10.52 6.76
CA GLU A 11 12.58 11.74 7.64
C GLU A 11 13.93 12.45 7.54
N ASN A 12 14.99 11.69 7.48
CA ASN A 12 16.34 12.29 7.36
C ASN A 12 17.24 11.32 6.58
N GLY A 13 16.67 10.65 5.61
CA GLY A 13 17.45 9.68 4.81
C GLY A 13 17.16 8.26 5.31
N LEU A 14 16.33 8.15 6.31
CA LEU A 14 15.99 6.80 6.86
C LEU A 14 14.50 6.53 6.66
N CYS A 15 14.16 5.40 6.10
CA CYS A 15 12.71 5.09 5.89
C CYS A 15 12.10 4.69 7.23
N THR A 16 11.08 5.38 7.65
CA THR A 16 10.44 5.05 8.96
C THR A 16 9.14 4.29 8.72
N ASN A 17 8.70 4.20 7.50
CA ASN A 17 7.43 3.47 7.21
C ASN A 17 7.74 2.15 6.50
N SER A 18 6.98 1.13 6.78
CA SER A 18 7.21 -0.17 6.12
C SER A 18 5.93 -0.98 6.15
N CYS A 19 5.36 -1.25 5.01
CA CYS A 19 4.10 -2.04 4.97
C CYS A 19 4.32 -3.31 4.17
N ASP A 20 3.67 -4.38 4.55
CA ASP A 20 3.84 -5.66 3.81
C ASP A 20 3.38 -5.47 2.37
N PHE A 21 2.48 -4.55 2.13
CA PHE A 21 1.98 -4.35 0.74
C PHE A 21 2.60 -3.12 0.11
N GLU A 22 2.76 -3.15 -1.18
CA GLU A 22 3.33 -1.99 -1.90
C GLU A 22 2.53 -1.80 -3.19
N ASP A 23 2.28 -0.58 -3.58
CA ASP A 23 1.50 -0.34 -4.82
C ASP A 23 2.40 -0.58 -6.03
N LEU A 24 2.13 -1.62 -6.77
CA LEU A 24 2.93 -1.91 -7.98
C LEU A 24 2.75 -0.78 -8.99
N LEU A 25 1.62 -0.12 -8.95
CA LEU A 25 1.38 1.01 -9.89
C LEU A 25 1.41 2.32 -9.10
N SER A 26 1.96 3.36 -9.67
CA SER A 26 2.02 4.64 -8.95
C SER A 26 0.69 5.39 -9.11
N ASN A 27 -0.24 4.81 -9.81
CA ASN A 27 -1.55 5.47 -10.00
C ASN A 27 -2.64 4.65 -9.32
N CYS A 28 -2.28 3.90 -8.32
CA CYS A 28 -3.29 3.05 -7.61
C CYS A 28 -4.42 3.90 -7.05
N GLU A 29 -4.11 5.02 -6.46
CA GLU A 29 -5.21 5.87 -5.92
C GLU A 29 -6.10 6.25 -7.09
N SER A 30 -5.51 6.49 -8.24
CA SER A 30 -6.32 6.85 -9.44
C SER A 30 -7.20 5.66 -9.83
N LEU A 31 -6.65 4.48 -9.82
CA LEU A 31 -7.45 3.27 -10.19
C LEU A 31 -8.53 3.04 -9.14
N LYS A 32 -8.23 3.30 -7.89
CA LYS A 32 -9.25 3.09 -6.81
C LYS A 32 -10.47 3.96 -7.12
N THR A 33 -10.25 5.21 -7.39
CA THR A 33 -11.39 6.12 -7.69
C THR A 33 -12.02 5.76 -9.03
N SER A 34 -11.22 5.36 -9.99
CA SER A 34 -11.79 5.00 -11.33
C SER A 34 -12.21 3.53 -11.33
N ALA A 35 -11.78 2.78 -10.36
CA ALA A 35 -12.16 1.34 -10.31
C ALA A 35 -12.73 1.02 -8.92
N GLY A 36 -11.88 0.77 -7.97
CA GLY A 36 -12.37 0.45 -6.60
C GLY A 36 -11.39 -0.51 -5.92
N CYS A 37 -11.33 -0.46 -4.62
CA CYS A 37 -10.41 -1.37 -3.89
C CYS A 37 -10.98 -2.78 -3.89
N LYS A 38 -12.26 -2.92 -3.68
CA LYS A 38 -12.87 -4.28 -3.68
C LYS A 38 -13.02 -4.72 -5.13
N HIS A 39 -12.47 -3.97 -6.05
CA HIS A 39 -12.59 -4.35 -7.48
C HIS A 39 -11.96 -5.72 -7.71
N GLU A 40 -10.74 -5.90 -7.26
CA GLU A 40 -10.01 -7.20 -7.45
C GLU A 40 -8.63 -6.92 -8.03
N LEU A 41 -8.57 -6.24 -9.14
CA LEU A 41 -7.26 -5.93 -9.77
C LEU A 41 -6.41 -5.14 -8.78
N LEU A 42 -7.00 -4.22 -8.06
CA LEU A 42 -6.21 -3.44 -7.07
C LEU A 42 -5.69 -4.41 -6.01
N LYS A 43 -6.34 -5.53 -5.90
CA LYS A 43 -5.93 -6.54 -4.90
C LYS A 43 -4.63 -7.22 -5.32
N THR A 44 -4.11 -6.93 -6.48
CA THR A 44 -2.86 -7.64 -6.90
C THR A 44 -1.72 -6.63 -7.12
N LYS A 45 -2.00 -5.43 -7.55
CA LYS A 45 -0.91 -4.44 -7.76
C LYS A 45 -1.12 -3.26 -6.81
N CYS A 46 -2.33 -3.02 -6.40
CA CYS A 46 -2.62 -1.90 -5.47
C CYS A 46 -2.92 -2.45 -4.07
N GLN A 47 -2.47 -3.64 -3.79
CA GLN A 47 -2.75 -4.25 -2.45
C GLN A 47 -2.43 -3.26 -1.33
N ALA A 48 -1.41 -2.47 -1.47
CA ALA A 48 -1.08 -1.51 -0.38
C ALA A 48 -2.08 -0.36 -0.38
N THR A 49 -2.50 0.07 -1.53
CA THR A 49 -3.47 1.19 -1.58
C THR A 49 -4.79 0.74 -0.94
N CYS A 50 -5.03 -0.54 -0.89
CA CYS A 50 -6.30 -1.04 -0.29
C CYS A 50 -6.01 -1.77 1.03
N LEU A 51 -5.27 -2.85 0.99
CA LEU A 51 -4.99 -3.61 2.24
C LEU A 51 -4.19 -2.75 3.22
N CYS A 52 -3.35 -1.89 2.72
CA CYS A 52 -2.55 -1.02 3.63
C CYS A 52 -3.13 0.40 3.59
N GLU A 53 -3.81 0.80 4.63
CA GLU A 53 -4.41 2.17 4.63
C GLU A 53 -4.50 2.70 6.07
N ASP A 54 -5.68 2.76 6.60
CA ASP A 54 -5.86 3.28 7.99
C ASP A 54 -5.58 2.15 9.00
N LYS A 55 -4.88 1.12 8.59
CA LYS A 55 -4.55 0.02 9.53
C LYS A 55 -3.13 0.22 10.04
N ILE A 56 -2.94 0.21 11.33
CA ILE A 56 -1.57 0.43 11.86
C ILE A 56 -0.87 -0.92 12.10
N HIS A 57 0.36 -1.03 11.70
CA HIS A 57 1.11 -2.31 11.89
C HIS A 57 2.45 -2.02 12.57
N GLY A 1 17.58 -2.21 -4.91
CA GLY A 1 17.38 -0.75 -5.19
C GLY A 1 18.46 0.06 -4.48
N SER A 2 18.23 1.32 -4.25
CA SER A 2 19.25 2.15 -3.57
C SER A 2 19.15 1.95 -2.05
N CYS A 3 18.18 1.18 -1.62
CA CYS A 3 18.04 0.94 -0.16
C CYS A 3 19.29 0.23 0.36
N ALA A 4 19.94 -0.53 -0.48
CA ALA A 4 21.17 -1.24 -0.05
C ALA A 4 20.84 -2.25 1.07
N SER A 5 20.70 -1.78 2.28
CA SER A 5 20.38 -2.71 3.41
C SER A 5 19.06 -3.42 3.16
N CYS A 6 18.09 -2.75 2.59
CA CYS A 6 16.77 -3.40 2.33
C CYS A 6 16.33 -3.14 0.89
N PRO A 7 16.87 -3.87 -0.05
CA PRO A 7 16.50 -3.71 -1.49
C PRO A 7 15.09 -4.18 -1.80
N ASN A 8 14.49 -4.93 -0.90
CA ASN A 8 13.11 -5.44 -1.15
C ASN A 8 12.07 -4.44 -0.61
N ASN A 9 12.51 -3.30 -0.17
CA ASN A 9 11.54 -2.30 0.35
C ASN A 9 12.03 -0.88 0.01
N CYS A 10 11.46 -0.28 -0.99
CA CYS A 10 11.90 1.10 -1.38
C CYS A 10 10.74 1.83 -2.07
N GLU A 11 9.97 2.58 -1.34
CA GLU A 11 8.85 3.32 -1.98
C GLU A 11 9.42 4.27 -3.04
N ASN A 12 10.54 4.87 -2.75
CA ASN A 12 11.17 5.79 -3.73
C ASN A 12 12.69 5.78 -3.47
N GLY A 13 13.21 4.64 -3.09
CA GLY A 13 14.66 4.54 -2.80
C GLY A 13 14.85 4.64 -1.29
N LEU A 14 13.79 4.89 -0.57
CA LEU A 14 13.89 4.99 0.91
C LEU A 14 13.26 3.75 1.54
N CYS A 15 13.85 3.25 2.60
CA CYS A 15 13.27 2.04 3.26
C CYS A 15 12.07 2.45 4.11
N THR A 16 10.89 2.09 3.67
CA THR A 16 9.67 2.46 4.45
C THR A 16 9.07 1.19 5.06
N ASN A 17 8.94 1.15 6.35
CA ASN A 17 8.34 -0.06 6.99
C ASN A 17 6.83 0.10 7.06
N SER A 18 6.33 1.19 6.55
CA SER A 18 4.86 1.42 6.58
C SER A 18 4.19 0.64 5.45
N CYS A 19 2.92 0.35 5.57
CA CYS A 19 2.23 -0.38 4.49
C CYS A 19 2.90 -1.74 4.27
N ASP A 20 2.34 -2.79 4.80
CA ASP A 20 2.94 -4.13 4.62
C ASP A 20 3.01 -4.45 3.12
N PHE A 21 2.11 -3.90 2.36
CA PHE A 21 2.10 -4.16 0.89
C PHE A 21 2.71 -2.99 0.14
N GLU A 22 2.93 -3.17 -1.13
CA GLU A 22 3.50 -2.07 -1.96
C GLU A 22 2.64 -1.92 -3.21
N ASP A 23 2.29 -0.71 -3.57
CA ASP A 23 1.44 -0.53 -4.78
C ASP A 23 2.30 -0.76 -6.03
N LEU A 24 2.02 -1.81 -6.75
CA LEU A 24 2.80 -2.10 -7.97
C LEU A 24 2.65 -0.92 -8.95
N LEU A 25 1.57 -0.19 -8.86
CA LEU A 25 1.37 0.97 -9.77
C LEU A 25 1.42 2.28 -8.96
N SER A 26 1.98 3.32 -9.53
CA SER A 26 2.06 4.62 -8.80
C SER A 26 0.73 5.37 -8.95
N ASN A 27 -0.20 4.80 -9.67
CA ASN A 27 -1.52 5.48 -9.85
C ASN A 27 -2.63 4.62 -9.23
N CYS A 28 -2.29 3.81 -8.26
CA CYS A 28 -3.32 2.94 -7.63
C CYS A 28 -4.46 3.79 -7.07
N GLU A 29 -4.15 4.85 -6.39
CA GLU A 29 -5.24 5.69 -5.84
C GLU A 29 -6.09 6.18 -7.01
N SER A 30 -5.47 6.48 -8.13
CA SER A 30 -6.25 6.94 -9.30
C SER A 30 -7.19 5.81 -9.72
N LEU A 31 -6.70 4.60 -9.76
CA LEU A 31 -7.56 3.45 -10.14
C LEU A 31 -8.62 3.28 -9.05
N LYS A 32 -8.26 3.57 -7.84
CA LYS A 32 -9.23 3.43 -6.70
C LYS A 32 -10.49 4.23 -7.00
N THR A 33 -10.33 5.48 -7.32
CA THR A 33 -11.52 6.32 -7.64
C THR A 33 -12.16 5.85 -8.95
N SER A 34 -11.36 5.43 -9.90
CA SER A 34 -11.93 4.95 -11.19
C SER A 34 -12.46 3.52 -11.03
N ALA A 35 -11.84 2.74 -10.20
CA ALA A 35 -12.31 1.34 -9.99
C ALA A 35 -12.68 1.15 -8.52
N GLY A 36 -11.72 0.83 -7.69
CA GLY A 36 -12.02 0.63 -6.25
C GLY A 36 -11.04 -0.39 -5.68
N CYS A 37 -10.55 -0.16 -4.49
CA CYS A 37 -9.59 -1.12 -3.88
C CYS A 37 -10.25 -2.48 -3.73
N LYS A 38 -11.52 -2.51 -3.40
CA LYS A 38 -12.23 -3.81 -3.25
C LYS A 38 -12.17 -4.57 -4.57
N HIS A 39 -11.97 -3.86 -5.67
CA HIS A 39 -11.90 -4.53 -6.99
C HIS A 39 -10.71 -5.51 -7.01
N GLU A 40 -10.86 -6.63 -7.68
CA GLU A 40 -9.76 -7.63 -7.72
C GLU A 40 -8.53 -7.06 -8.42
N LEU A 41 -8.72 -6.30 -9.46
CA LEU A 41 -7.55 -5.73 -10.20
C LEU A 41 -6.61 -5.05 -9.20
N LEU A 42 -7.15 -4.20 -8.36
CA LEU A 42 -6.31 -3.50 -7.35
C LEU A 42 -5.79 -4.51 -6.35
N LYS A 43 -6.50 -5.59 -6.16
CA LYS A 43 -6.09 -6.61 -5.18
C LYS A 43 -4.83 -7.35 -5.65
N THR A 44 -4.40 -7.16 -6.87
CA THR A 44 -3.18 -7.89 -7.32
C THR A 44 -1.99 -6.93 -7.50
N LYS A 45 -2.21 -5.69 -7.86
CA LYS A 45 -1.06 -4.75 -8.02
C LYS A 45 -1.22 -3.57 -7.05
N CYS A 46 -2.43 -3.29 -6.63
CA CYS A 46 -2.65 -2.17 -5.67
C CYS A 46 -2.96 -2.73 -4.30
N GLN A 47 -2.44 -3.89 -4.01
CA GLN A 47 -2.70 -4.52 -2.69
C GLN A 47 -2.38 -3.54 -1.56
N ALA A 48 -1.45 -2.64 -1.78
CA ALA A 48 -1.12 -1.67 -0.70
C ALA A 48 -2.21 -0.60 -0.60
N THR A 49 -2.64 -0.07 -1.70
CA THR A 49 -3.70 0.98 -1.64
C THR A 49 -5.00 0.34 -1.14
N CYS A 50 -5.15 -0.94 -1.31
CA CYS A 50 -6.41 -1.61 -0.85
C CYS A 50 -6.20 -2.31 0.49
N LEU A 51 -5.41 -3.34 0.52
CA LEU A 51 -5.18 -4.09 1.79
C LEU A 51 -4.46 -3.22 2.84
N CYS A 52 -3.61 -2.32 2.43
CA CYS A 52 -2.90 -1.48 3.43
C CYS A 52 -3.37 -0.03 3.35
N GLU A 53 -4.05 0.43 4.37
CA GLU A 53 -4.52 1.84 4.38
C GLU A 53 -3.70 2.61 5.41
N ASP A 54 -2.44 2.28 5.53
CA ASP A 54 -1.58 2.95 6.54
C ASP A 54 -2.24 2.77 7.91
N LYS A 55 -2.86 1.64 8.11
CA LYS A 55 -3.53 1.36 9.41
C LYS A 55 -3.15 -0.04 9.90
N ILE A 56 -2.81 -0.16 11.14
CA ILE A 56 -2.42 -1.50 11.67
C ILE A 56 -3.61 -2.11 12.43
N HIS A 57 -3.90 -3.36 12.19
CA HIS A 57 -5.05 -4.00 12.90
C HIS A 57 -4.54 -5.20 13.70
N GLY A 1 -8.04 -22.22 15.69
CA GLY A 1 -6.69 -21.62 15.86
C GLY A 1 -6.81 -20.10 15.93
N SER A 2 -6.07 -19.47 16.79
CA SER A 2 -6.15 -17.98 16.91
C SER A 2 -5.32 -17.35 15.80
N CYS A 3 -4.67 -18.16 15.00
CA CYS A 3 -3.84 -17.62 13.90
C CYS A 3 -4.35 -18.15 12.56
N ALA A 4 -4.05 -17.46 11.49
CA ALA A 4 -4.52 -17.92 10.15
C ALA A 4 -3.69 -17.25 9.06
N SER A 5 -3.94 -15.99 8.81
CA SER A 5 -3.16 -15.27 7.77
C SER A 5 -1.87 -14.75 8.41
N CYS A 6 -1.64 -15.11 9.65
CA CYS A 6 -0.41 -14.63 10.35
C CYS A 6 0.47 -15.84 10.70
N PRO A 7 1.28 -16.27 9.77
CA PRO A 7 2.19 -17.44 9.98
C PRO A 7 2.89 -17.40 11.33
N ASN A 8 2.20 -17.79 12.36
CA ASN A 8 2.79 -17.78 13.73
C ASN A 8 3.12 -16.34 14.12
N ASN A 9 2.31 -15.40 13.72
CA ASN A 9 2.56 -13.98 14.07
C ASN A 9 1.30 -13.39 14.73
N CYS A 10 0.92 -13.91 15.87
CA CYS A 10 -0.30 -13.39 16.55
C CYS A 10 0.10 -12.78 17.91
N GLU A 11 -0.67 -11.84 18.39
CA GLU A 11 -0.36 -11.21 19.71
C GLU A 11 -1.65 -10.66 20.30
N ASN A 12 -2.17 -11.28 21.32
CA ASN A 12 -3.43 -10.78 21.93
C ASN A 12 -4.51 -10.70 20.84
N GLY A 13 -4.46 -11.61 19.90
CA GLY A 13 -5.46 -11.59 18.79
C GLY A 13 -5.07 -10.53 17.76
N LEU A 14 -3.97 -9.85 18.00
CA LEU A 14 -3.52 -8.80 17.05
C LEU A 14 -2.26 -9.26 16.33
N CYS A 15 -2.14 -8.95 15.07
CA CYS A 15 -0.91 -9.35 14.31
C CYS A 15 0.13 -8.24 14.45
N THR A 16 1.39 -8.57 14.41
CA THR A 16 2.45 -7.54 14.53
C THR A 16 2.67 -6.90 13.15
N ASN A 17 2.00 -7.39 12.15
CA ASN A 17 2.16 -6.82 10.79
C ASN A 17 0.82 -6.88 10.05
N SER A 18 0.05 -5.84 10.11
CA SER A 18 -1.27 -5.84 9.42
C SER A 18 -1.11 -5.37 7.97
N CYS A 19 0.10 -5.02 7.57
CA CYS A 19 0.30 -4.54 6.18
C CYS A 19 1.72 -4.92 5.71
N ASP A 20 1.90 -5.11 4.44
CA ASP A 20 3.25 -5.49 3.92
C ASP A 20 3.22 -5.54 2.40
N PHE A 21 2.36 -4.77 1.79
CA PHE A 21 2.29 -4.77 0.29
C PHE A 21 2.70 -3.40 -0.21
N GLU A 22 2.99 -3.29 -1.47
CA GLU A 22 3.35 -1.98 -2.03
C GLU A 22 2.59 -1.79 -3.34
N ASP A 23 2.12 -0.61 -3.60
CA ASP A 23 1.35 -0.38 -4.85
C ASP A 23 2.26 -0.61 -6.04
N LEU A 24 1.99 -1.64 -6.79
CA LEU A 24 2.84 -1.94 -7.98
C LEU A 24 2.71 -0.81 -9.00
N LEU A 25 1.60 -0.11 -8.97
CA LEU A 25 1.42 1.02 -9.93
C LEU A 25 1.44 2.33 -9.15
N SER A 26 1.97 3.38 -9.73
CA SER A 26 2.02 4.69 -9.00
C SER A 26 0.68 5.41 -9.17
N ASN A 27 -0.25 4.82 -9.86
CA ASN A 27 -1.58 5.47 -10.06
C ASN A 27 -2.65 4.68 -9.30
N CYS A 28 -2.25 3.83 -8.39
CA CYS A 28 -3.25 3.03 -7.64
C CYS A 28 -4.30 3.95 -7.04
N GLU A 29 -3.90 5.05 -6.48
CA GLU A 29 -4.90 5.98 -5.89
C GLU A 29 -5.86 6.38 -7.01
N SER A 30 -5.34 6.55 -8.20
CA SER A 30 -6.21 6.92 -9.35
C SER A 30 -7.12 5.73 -9.70
N LEU A 31 -6.60 4.54 -9.66
CA LEU A 31 -7.42 3.34 -10.00
C LEU A 31 -8.52 3.15 -8.96
N LYS A 32 -8.25 3.42 -7.71
CA LYS A 32 -9.29 3.24 -6.66
C LYS A 32 -10.50 4.09 -7.04
N THR A 33 -10.27 5.31 -7.43
CA THR A 33 -11.38 6.21 -7.82
C THR A 33 -12.07 5.68 -9.08
N SER A 34 -11.34 5.03 -9.94
CA SER A 34 -11.96 4.50 -11.20
C SER A 34 -12.43 3.05 -11.00
N ALA A 35 -11.62 2.24 -10.39
CA ALA A 35 -12.03 0.81 -10.18
C ALA A 35 -12.57 0.63 -8.76
N GLY A 36 -11.75 0.80 -7.77
CA GLY A 36 -12.22 0.63 -6.36
C GLY A 36 -11.44 -0.51 -5.69
N CYS A 37 -11.23 -0.42 -4.40
CA CYS A 37 -10.47 -1.49 -3.68
C CYS A 37 -11.17 -2.84 -3.82
N LYS A 38 -12.47 -2.85 -3.82
CA LYS A 38 -13.20 -4.15 -3.95
C LYS A 38 -12.85 -4.81 -5.28
N HIS A 39 -12.28 -4.06 -6.20
CA HIS A 39 -11.92 -4.65 -7.51
C HIS A 39 -10.72 -5.58 -7.33
N GLU A 40 -10.80 -6.77 -7.84
CA GLU A 40 -9.66 -7.73 -7.69
C GLU A 40 -8.37 -7.13 -8.28
N LEU A 41 -8.48 -6.34 -9.32
CA LEU A 41 -7.25 -5.75 -9.93
C LEU A 41 -6.45 -4.99 -8.88
N LEU A 42 -7.08 -4.17 -8.10
CA LEU A 42 -6.35 -3.40 -7.05
C LEU A 42 -5.84 -4.38 -6.00
N LYS A 43 -6.49 -5.49 -5.87
CA LYS A 43 -6.07 -6.49 -4.87
C LYS A 43 -4.77 -7.18 -5.29
N THR A 44 -4.26 -6.91 -6.46
CA THR A 44 -3.00 -7.58 -6.88
C THR A 44 -1.87 -6.57 -7.12
N LYS A 45 -2.16 -5.34 -7.42
CA LYS A 45 -1.06 -4.35 -7.62
C LYS A 45 -1.32 -3.12 -6.74
N CYS A 46 -2.51 -2.97 -6.25
CA CYS A 46 -2.82 -1.81 -5.37
C CYS A 46 -3.12 -2.30 -3.96
N GLN A 47 -2.74 -3.51 -3.66
CA GLN A 47 -2.98 -4.06 -2.30
C GLN A 47 -2.51 -3.06 -1.26
N ALA A 48 -1.42 -2.38 -1.52
CA ALA A 48 -0.92 -1.39 -0.53
C ALA A 48 -1.81 -0.15 -0.52
N THR A 49 -2.30 0.26 -1.65
CA THR A 49 -3.17 1.47 -1.69
C THR A 49 -4.44 1.20 -0.89
N CYS A 50 -4.86 -0.04 -0.84
CA CYS A 50 -6.09 -0.38 -0.08
C CYS A 50 -5.72 -1.07 1.23
N LEU A 51 -4.98 -2.15 1.16
CA LEU A 51 -4.59 -2.85 2.41
C LEU A 51 -3.65 -1.96 3.22
N CYS A 52 -2.84 -1.17 2.56
CA CYS A 52 -1.92 -0.26 3.29
C CYS A 52 -2.25 1.18 2.92
N GLU A 53 -1.35 2.09 3.17
CA GLU A 53 -1.59 3.52 2.83
C GLU A 53 -0.30 4.14 2.30
N ASP A 54 0.49 3.38 1.60
CA ASP A 54 1.77 3.92 1.07
C ASP A 54 2.67 4.30 2.23
N LYS A 55 2.31 3.93 3.43
CA LYS A 55 3.16 4.25 4.61
C LYS A 55 3.76 2.96 5.16
N ILE A 56 5.03 2.95 5.44
CA ILE A 56 5.65 1.72 5.98
C ILE A 56 5.20 1.53 7.43
N HIS A 57 4.33 2.38 7.90
CA HIS A 57 3.84 2.26 9.30
C HIS A 57 2.32 2.08 9.29
N GLY A 1 -12.65 -18.19 11.09
CA GLY A 1 -12.29 -18.37 9.65
C GLY A 1 -11.36 -17.22 9.20
N SER A 2 -11.20 -17.06 7.92
CA SER A 2 -10.31 -15.97 7.43
C SER A 2 -10.90 -14.60 7.83
N CYS A 3 -10.07 -13.60 7.89
CA CYS A 3 -10.57 -12.25 8.27
C CYS A 3 -10.81 -11.42 7.00
N ALA A 4 -11.97 -10.84 6.88
CA ALA A 4 -12.28 -10.03 5.67
C ALA A 4 -11.30 -8.86 5.56
N SER A 5 -10.94 -8.26 6.67
CA SER A 5 -10.02 -7.10 6.61
C SER A 5 -8.57 -7.59 6.53
N CYS A 6 -8.33 -8.86 6.74
CA CYS A 6 -6.95 -9.39 6.68
C CYS A 6 -6.99 -10.92 6.62
N PRO A 7 -7.49 -11.45 5.53
CA PRO A 7 -7.60 -12.93 5.34
C PRO A 7 -6.26 -13.66 5.51
N ASN A 8 -5.16 -12.98 5.32
CA ASN A 8 -3.84 -13.65 5.47
C ASN A 8 -3.31 -13.45 6.90
N ASN A 9 -4.08 -12.82 7.74
CA ASN A 9 -3.59 -12.60 9.14
C ASN A 9 -4.77 -12.63 10.10
N CYS A 10 -4.96 -13.72 10.79
CA CYS A 10 -6.09 -13.81 11.75
C CYS A 10 -5.56 -14.33 13.10
N GLU A 11 -6.23 -13.99 14.17
CA GLU A 11 -5.78 -14.47 15.51
C GLU A 11 -7.01 -14.79 16.36
N ASN A 12 -7.22 -16.03 16.68
CA ASN A 12 -8.41 -16.40 17.51
C ASN A 12 -9.66 -15.80 16.86
N GLY A 13 -9.69 -15.75 15.55
CA GLY A 13 -10.88 -15.18 14.86
C GLY A 13 -10.81 -13.66 14.94
N LEU A 14 -9.67 -13.13 15.31
CA LEU A 14 -9.52 -11.65 15.42
C LEU A 14 -8.50 -11.17 14.39
N CYS A 15 -8.78 -10.09 13.72
CA CYS A 15 -7.81 -9.57 12.71
C CYS A 15 -6.69 -8.83 13.43
N THR A 16 -5.46 -9.11 13.07
CA THR A 16 -4.33 -8.42 13.75
C THR A 16 -4.15 -7.02 13.18
N ASN A 17 -4.94 -6.66 12.20
CA ASN A 17 -4.81 -5.31 11.60
C ASN A 17 -3.37 -5.08 11.13
N SER A 18 -2.72 -6.12 10.70
CA SER A 18 -1.31 -5.96 10.23
C SER A 18 -1.28 -6.14 8.71
N CYS A 19 -0.52 -5.31 8.03
CA CYS A 19 -0.47 -5.43 6.55
C CYS A 19 0.94 -5.09 6.05
N ASP A 20 1.28 -5.51 4.87
CA ASP A 20 2.64 -5.19 4.33
C ASP A 20 2.65 -5.35 2.81
N PHE A 21 1.97 -4.48 2.11
CA PHE A 21 1.95 -4.57 0.62
C PHE A 21 2.40 -3.23 0.03
N GLU A 22 2.80 -3.23 -1.21
CA GLU A 22 3.24 -1.96 -1.84
C GLU A 22 2.52 -1.78 -3.18
N ASP A 23 2.14 -0.57 -3.49
CA ASP A 23 1.41 -0.33 -4.77
C ASP A 23 2.35 -0.58 -5.95
N LEU A 24 2.10 -1.63 -6.68
CA LEU A 24 2.97 -1.94 -7.86
C LEU A 24 2.80 -0.83 -8.90
N LEU A 25 1.69 -0.14 -8.90
CA LEU A 25 1.49 0.96 -9.89
C LEU A 25 1.53 2.31 -9.17
N SER A 26 2.03 3.33 -9.83
CA SER A 26 2.10 4.68 -9.19
C SER A 26 0.75 5.40 -9.34
N ASN A 27 -0.20 4.77 -9.98
CA ASN A 27 -1.52 5.43 -10.15
C ASN A 27 -2.60 4.61 -9.41
N CYS A 28 -2.21 3.81 -8.46
CA CYS A 28 -3.20 2.99 -7.73
C CYS A 28 -4.29 3.89 -7.15
N GLU A 29 -3.91 5.03 -6.63
CA GLU A 29 -4.94 5.95 -6.07
C GLU A 29 -5.91 6.32 -7.18
N SER A 30 -5.39 6.51 -8.37
CA SER A 30 -6.27 6.86 -9.53
C SER A 30 -7.24 5.71 -9.78
N LEU A 31 -6.76 4.49 -9.76
CA LEU A 31 -7.64 3.33 -10.00
C LEU A 31 -8.69 3.25 -8.89
N LYS A 32 -8.33 3.62 -7.69
CA LYS A 32 -9.31 3.56 -6.58
C LYS A 32 -10.52 4.43 -6.91
N THR A 33 -10.28 5.59 -7.46
CA THR A 33 -11.42 6.48 -7.81
C THR A 33 -12.35 5.77 -8.78
N SER A 34 -11.84 4.83 -9.53
CA SER A 34 -12.70 4.10 -10.50
C SER A 34 -13.00 2.68 -9.99
N ALA A 35 -12.01 1.84 -9.92
CA ALA A 35 -12.25 0.45 -9.43
C ALA A 35 -12.66 0.46 -7.96
N GLY A 36 -12.12 1.35 -7.17
CA GLY A 36 -12.51 1.38 -5.73
C GLY A 36 -11.56 0.51 -4.90
N CYS A 37 -10.47 0.08 -5.49
CA CYS A 37 -9.51 -0.77 -4.73
C CYS A 37 -10.15 -2.12 -4.42
N LYS A 38 -11.33 -2.13 -3.87
CA LYS A 38 -11.99 -3.42 -3.55
C LYS A 38 -11.97 -4.30 -4.80
N HIS A 39 -11.77 -3.71 -5.94
CA HIS A 39 -11.74 -4.52 -7.20
C HIS A 39 -10.59 -5.53 -7.11
N GLU A 40 -10.75 -6.66 -7.76
CA GLU A 40 -9.70 -7.70 -7.71
C GLU A 40 -8.39 -7.21 -8.33
N LEU A 41 -8.47 -6.41 -9.36
CA LEU A 41 -7.22 -5.92 -10.02
C LEU A 41 -6.33 -5.20 -8.99
N LEU A 42 -6.88 -4.28 -8.25
CA LEU A 42 -6.06 -3.55 -7.24
C LEU A 42 -5.59 -4.54 -6.17
N LYS A 43 -6.29 -5.62 -6.03
CA LYS A 43 -5.93 -6.62 -5.01
C LYS A 43 -4.64 -7.35 -5.39
N THR A 44 -4.07 -7.07 -6.55
CA THR A 44 -2.82 -7.79 -6.92
C THR A 44 -1.67 -6.81 -7.17
N LYS A 45 -1.93 -5.60 -7.58
CA LYS A 45 -0.81 -4.63 -7.79
C LYS A 45 -1.03 -3.39 -6.91
N CYS A 46 -2.25 -3.14 -6.51
CA CYS A 46 -2.53 -1.95 -5.65
C CYS A 46 -2.95 -2.41 -4.26
N GLN A 47 -2.52 -3.58 -3.88
CA GLN A 47 -2.87 -4.12 -2.53
C GLN A 47 -2.54 -3.09 -1.44
N ALA A 48 -1.48 -2.35 -1.60
CA ALA A 48 -1.13 -1.34 -0.57
C ALA A 48 -2.19 -0.25 -0.54
N THR A 49 -2.68 0.13 -1.69
CA THR A 49 -3.72 1.19 -1.76
C THR A 49 -5.05 0.60 -1.32
N CYS A 50 -5.31 -0.63 -1.64
CA CYS A 50 -6.60 -1.25 -1.24
C CYS A 50 -6.46 -1.97 0.11
N LEU A 51 -5.64 -2.97 0.17
CA LEU A 51 -5.46 -3.71 1.45
C LEU A 51 -4.83 -2.82 2.53
N CYS A 52 -4.01 -1.88 2.14
CA CYS A 52 -3.37 -0.99 3.15
C CYS A 52 -3.67 0.48 2.81
N GLU A 53 -2.94 1.37 3.38
CA GLU A 53 -3.17 2.82 3.12
C GLU A 53 -1.82 3.52 2.93
N ASP A 54 -1.82 4.69 2.39
CA ASP A 54 -0.55 5.44 2.20
C ASP A 54 -0.03 5.91 3.55
N LYS A 55 -0.83 5.77 4.58
CA LYS A 55 -0.42 6.23 5.93
C LYS A 55 -0.65 7.74 6.05
N ILE A 56 -1.89 8.15 6.07
CA ILE A 56 -2.18 9.61 6.18
C ILE A 56 -2.33 9.97 7.66
N HIS A 57 -1.73 11.05 8.07
CA HIS A 57 -1.83 11.46 9.50
C HIS A 57 -1.99 12.98 9.58
N GLY A 1 10.01 -4.59 24.44
CA GLY A 1 9.71 -4.68 22.99
C GLY A 1 8.53 -3.78 22.64
N SER A 2 8.59 -2.54 23.03
CA SER A 2 7.46 -1.61 22.73
C SER A 2 7.31 -1.45 21.22
N CYS A 3 8.09 -0.60 20.63
CA CYS A 3 7.98 -0.41 19.15
C CYS A 3 9.32 -0.76 18.49
N ALA A 4 9.30 -1.03 17.21
CA ALA A 4 10.57 -1.37 16.50
C ALA A 4 10.31 -1.36 15.00
N SER A 5 9.75 -2.41 14.47
CA SER A 5 9.45 -2.46 13.01
C SER A 5 8.10 -1.78 12.76
N CYS A 6 7.46 -1.33 13.80
CA CYS A 6 6.13 -0.66 13.65
C CYS A 6 6.21 0.75 14.25
N PRO A 7 6.96 1.63 13.64
CA PRO A 7 7.12 3.02 14.13
C PRO A 7 5.83 3.85 14.02
N ASN A 8 5.02 3.60 13.02
CA ASN A 8 3.77 4.38 12.85
C ASN A 8 2.60 3.62 13.51
N ASN A 9 2.87 2.56 14.21
CA ASN A 9 1.75 1.80 14.86
C ASN A 9 2.15 1.40 16.28
N CYS A 10 2.23 0.12 16.54
CA CYS A 10 2.60 -0.36 17.90
C CYS A 10 1.99 0.57 18.96
N GLU A 11 0.69 0.63 19.02
CA GLU A 11 0.02 1.51 20.03
C GLU A 11 0.36 1.01 21.43
N ASN A 12 0.38 -0.28 21.62
CA ASN A 12 0.71 -0.84 22.95
C ASN A 12 1.63 -2.04 22.76
N GLY A 13 2.44 -2.01 21.74
CA GLY A 13 3.35 -3.15 21.47
C GLY A 13 2.71 -4.07 20.42
N LEU A 14 1.59 -3.67 19.90
CA LEU A 14 0.89 -4.49 18.88
C LEU A 14 0.87 -3.74 17.54
N CYS A 15 1.30 -4.37 16.48
CA CYS A 15 1.30 -3.68 15.17
C CYS A 15 -0.15 -3.51 14.69
N THR A 16 -0.64 -2.31 14.66
CA THR A 16 -2.04 -2.10 14.20
C THR A 16 -2.09 -2.14 12.67
N ASN A 17 -0.94 -2.24 12.04
CA ASN A 17 -0.92 -2.28 10.55
C ASN A 17 0.35 -3.01 10.10
N SER A 18 0.22 -4.24 9.66
CA SER A 18 1.42 -4.99 9.20
C SER A 18 1.76 -4.57 7.77
N CYS A 19 0.94 -3.73 7.19
CA CYS A 19 1.18 -3.25 5.80
C CYS A 19 2.39 -3.97 5.18
N ASP A 20 2.17 -5.10 4.58
CA ASP A 20 3.30 -5.83 3.94
C ASP A 20 3.15 -5.77 2.42
N PHE A 21 2.30 -4.90 1.93
CA PHE A 21 2.11 -4.81 0.45
C PHE A 21 2.53 -3.42 -0.04
N GLU A 22 2.90 -3.32 -1.28
CA GLU A 22 3.30 -2.00 -1.85
C GLU A 22 2.54 -1.78 -3.15
N ASP A 23 2.15 -0.57 -3.44
CA ASP A 23 1.39 -0.34 -4.71
C ASP A 23 2.32 -0.53 -5.90
N LEU A 24 2.10 -1.56 -6.66
CA LEU A 24 2.95 -1.81 -7.85
C LEU A 24 2.80 -0.65 -8.84
N LEU A 25 1.66 0.00 -8.83
CA LEU A 25 1.44 1.14 -9.75
C LEU A 25 1.36 2.43 -8.96
N SER A 26 1.90 3.50 -9.47
CA SER A 26 1.85 4.80 -8.74
C SER A 26 0.50 5.46 -9.00
N ASN A 27 -0.31 4.87 -9.83
CA ASN A 27 -1.64 5.46 -10.12
C ASN A 27 -2.72 4.66 -9.39
N CYS A 28 -2.32 3.86 -8.44
CA CYS A 28 -3.31 3.04 -7.68
C CYS A 28 -4.43 3.93 -7.13
N GLU A 29 -4.08 5.05 -6.57
CA GLU A 29 -5.14 5.95 -6.03
C GLU A 29 -6.06 6.33 -7.17
N SER A 30 -5.50 6.57 -8.33
CA SER A 30 -6.33 6.95 -9.51
C SER A 30 -7.23 5.77 -9.89
N LEU A 31 -6.69 4.58 -9.89
CA LEU A 31 -7.51 3.39 -10.26
C LEU A 31 -8.60 3.16 -9.21
N LYS A 32 -8.30 3.40 -7.97
CA LYS A 32 -9.32 3.19 -6.91
C LYS A 32 -10.54 4.07 -7.18
N THR A 33 -10.32 5.28 -7.59
CA THR A 33 -11.46 6.20 -7.87
C THR A 33 -12.18 5.76 -9.15
N SER A 34 -11.47 5.15 -10.06
CA SER A 34 -12.12 4.70 -11.32
C SER A 34 -12.55 3.24 -11.20
N ALA A 35 -11.91 2.49 -10.34
CA ALA A 35 -12.28 1.05 -10.17
C ALA A 35 -12.75 0.81 -8.73
N GLY A 36 -11.83 0.57 -7.84
CA GLY A 36 -12.21 0.33 -6.42
C GLY A 36 -11.14 -0.52 -5.74
N CYS A 37 -10.74 -0.14 -4.56
CA CYS A 37 -9.70 -0.94 -3.84
C CYS A 37 -10.21 -2.37 -3.66
N LYS A 38 -11.49 -2.54 -3.48
CA LYS A 38 -12.05 -3.91 -3.31
C LYS A 38 -12.44 -4.46 -4.69
N HIS A 39 -12.11 -3.76 -5.74
CA HIS A 39 -12.46 -4.23 -7.11
C HIS A 39 -11.92 -5.64 -7.36
N GLU A 40 -10.65 -5.83 -7.10
CA GLU A 40 -10.00 -7.16 -7.32
C GLU A 40 -8.64 -6.92 -7.98
N LEU A 41 -8.62 -6.26 -9.11
CA LEU A 41 -7.33 -5.98 -9.79
C LEU A 41 -6.42 -5.22 -8.82
N LEU A 42 -6.97 -4.29 -8.08
CA LEU A 42 -6.14 -3.54 -7.10
C LEU A 42 -5.61 -4.52 -6.06
N LYS A 43 -6.28 -5.63 -5.92
CA LYS A 43 -5.88 -6.65 -4.92
C LYS A 43 -4.56 -7.33 -5.35
N THR A 44 -4.04 -7.05 -6.51
CA THR A 44 -2.78 -7.73 -6.93
C THR A 44 -1.64 -6.72 -7.16
N LYS A 45 -1.95 -5.50 -7.55
CA LYS A 45 -0.85 -4.50 -7.77
C LYS A 45 -1.08 -3.30 -6.84
N CYS A 46 -2.30 -3.07 -6.44
CA CYS A 46 -2.59 -1.91 -5.55
C CYS A 46 -2.98 -2.43 -4.16
N GLN A 47 -2.48 -3.57 -3.80
CA GLN A 47 -2.81 -4.14 -2.46
C GLN A 47 -2.49 -3.13 -1.36
N ALA A 48 -1.44 -2.37 -1.51
CA ALA A 48 -1.09 -1.38 -0.47
C ALA A 48 -2.14 -0.26 -0.49
N THR A 49 -2.55 0.17 -1.64
CA THR A 49 -3.57 1.24 -1.71
C THR A 49 -4.91 0.72 -1.19
N CYS A 50 -5.13 -0.56 -1.34
CA CYS A 50 -6.43 -1.15 -0.87
C CYS A 50 -6.25 -1.89 0.47
N LEU A 51 -5.49 -2.95 0.46
CA LEU A 51 -5.31 -3.75 1.70
C LEU A 51 -4.60 -2.93 2.80
N CYS A 52 -3.71 -2.04 2.45
CA CYS A 52 -3.01 -1.26 3.51
C CYS A 52 -3.03 0.23 3.20
N GLU A 53 -3.90 0.98 3.83
CA GLU A 53 -3.95 2.45 3.59
C GLU A 53 -3.75 3.16 4.93
N ASP A 54 -2.99 4.22 4.94
CA ASP A 54 -2.77 4.95 6.22
C ASP A 54 -4.13 5.31 6.82
N LYS A 55 -5.17 5.16 6.05
CA LYS A 55 -6.54 5.50 6.55
C LYS A 55 -6.65 7.02 6.66
N ILE A 56 -6.73 7.70 5.55
CA ILE A 56 -6.83 9.18 5.59
C ILE A 56 -8.18 9.59 6.17
N HIS A 57 -8.19 10.57 7.03
CA HIS A 57 -9.48 11.02 7.64
C HIS A 57 -9.98 12.26 6.92
#